data_1LSP
# 
_entry.id   1LSP 
# 
_audit_conform.dict_name       mmcif_pdbx.dic 
_audit_conform.dict_version    5.397 
_audit_conform.dict_location   http://mmcif.pdb.org/dictionaries/ascii/mmcif_pdbx.dic 
# 
loop_
_database_2.database_id 
_database_2.database_code 
_database_2.pdbx_database_accession 
_database_2.pdbx_DOI 
PDB   1LSP         pdb_00001lsp 10.2210/pdb1lsp/pdb 
WWPDB D_1000174818 ?            ?                   
# 
loop_
_pdbx_audit_revision_history.ordinal 
_pdbx_audit_revision_history.data_content_type 
_pdbx_audit_revision_history.major_revision 
_pdbx_audit_revision_history.minor_revision 
_pdbx_audit_revision_history.revision_date 
1 'Structure model' 1 0 1996-01-01 
2 'Structure model' 1 1 2008-03-24 
3 'Structure model' 1 2 2011-07-13 
4 'Structure model' 1 3 2014-03-19 
5 'Structure model' 1 4 2024-10-23 
# 
_pdbx_audit_revision_details.ordinal             1 
_pdbx_audit_revision_details.revision_ordinal    1 
_pdbx_audit_revision_details.data_content_type   'Structure model' 
_pdbx_audit_revision_details.provider            repository 
_pdbx_audit_revision_details.type                'Initial release' 
_pdbx_audit_revision_details.description         ? 
_pdbx_audit_revision_details.details             ? 
# 
loop_
_pdbx_audit_revision_group.ordinal 
_pdbx_audit_revision_group.revision_ordinal 
_pdbx_audit_revision_group.data_content_type 
_pdbx_audit_revision_group.group 
1 2 'Structure model' 'Version format compliance' 
2 3 'Structure model' 'Version format compliance' 
3 4 'Structure model' Other                       
4 5 'Structure model' 'Data collection'           
5 5 'Structure model' 'Database references'       
6 5 'Structure model' 'Derived calculations'      
7 5 'Structure model' 'Structure summary'         
# 
loop_
_pdbx_audit_revision_category.ordinal 
_pdbx_audit_revision_category.revision_ordinal 
_pdbx_audit_revision_category.data_content_type 
_pdbx_audit_revision_category.category 
1 5 'Structure model' chem_comp_atom            
2 5 'Structure model' chem_comp_bond            
3 5 'Structure model' database_2                
4 5 'Structure model' pdbx_entry_details        
5 5 'Structure model' pdbx_modification_feature 
6 5 'Structure model' struct_site               
# 
loop_
_pdbx_audit_revision_item.ordinal 
_pdbx_audit_revision_item.revision_ordinal 
_pdbx_audit_revision_item.data_content_type 
_pdbx_audit_revision_item.item 
1 5 'Structure model' '_database_2.pdbx_DOI'                
2 5 'Structure model' '_database_2.pdbx_database_accession' 
3 5 'Structure model' '_struct_site.pdbx_auth_asym_id'      
4 5 'Structure model' '_struct_site.pdbx_auth_comp_id'      
5 5 'Structure model' '_struct_site.pdbx_auth_seq_id'       
# 
_pdbx_database_status.status_code                     REL 
_pdbx_database_status.entry_id                        1LSP 
_pdbx_database_status.recvd_initial_deposition_date   1995-02-09 
_pdbx_database_status.deposit_site                    ? 
_pdbx_database_status.process_site                    BNL 
_pdbx_database_status.status_code_sf                  REL 
_pdbx_database_status.status_code_mr                  ? 
_pdbx_database_status.SG_entry                        ? 
_pdbx_database_status.status_code_cs                  ? 
_pdbx_database_status.pdb_format_compatible           Y 
_pdbx_database_status.status_code_nmr_data            ? 
_pdbx_database_status.methods_development_category    ? 
# 
loop_
_audit_author.name 
_audit_author.pdbx_ordinal 
'Karlsen, S.'  1 
'Rao, Z.H.'    2 
'Hough, E.'    3 
'Isaacs, N.W.' 4 
# 
loop_
_citation.id 
_citation.title 
_citation.journal_abbrev 
_citation.journal_volume 
_citation.page_first 
_citation.page_last 
_citation.year 
_citation.journal_id_ASTM 
_citation.country 
_citation.journal_id_ISSN 
_citation.journal_id_CSD 
_citation.book_publisher 
_citation.pdbx_database_id_PubMed 
_citation.pdbx_database_id_DOI 
primary 
;Structure of a bulgecin-inhibited g-type lysozyme from the egg white of the Australian black swan. A comparison of the binding of bulgecin to three muramidases.
;
'Acta Crystallogr.,Sect.D' 52 105  114 1996 ABCRE6 DK 0907-4449 0766 ? 15299731 10.1107/S0907444995008468 
1       'The Crystal Structure of a Complex between Bulgecin, a Bacterial Metabolite, and Lysozyme from the Rainbow Trout' 
'To be Published'          ?  ?    ?   ?    ?      ?  ?         0353 ? ?        ?                         
2       'Three-Dimensional Structure of Goose-Type Lysozyme from the Egg White of the Australian Black Swan, Cygnus Atratus' 
Aust.J.Biol.Sci.           38 12   ?   1985 AJBSAM AT 0004-9417 0866 ? ?        ?                         
3       'Structures of Bulgecins, Bacterial Metabolites with Bulge-Inducing Activity' Tetrahedron                40 3465 ?   1984 
TETRAB UK 0040-4020 0016 ? ?        ?                         
# 
loop_
_citation_author.citation_id 
_citation_author.name 
_citation_author.ordinal 
_citation_author.identifier_ORCID 
primary 'Karlsen, S.'   1  ? 
primary 'Hough, E.'     2  ? 
primary 'Rao, Z.H.'     3  ? 
primary 'Isaacs, N.W.'  4  ? 
1       'Karlsen, S.'   5  ? 
1       'Hough, E.'     6  ? 
2       'Isaacs, N.W.'  7  ? 
2       'Machin, K.J.'  8  ? 
2       'Masakuni, M.'  9  ? 
3       'Shinagawa, S.' 10 ? 
3       'Kasahara, F.'  11 ? 
3       'Wada, Y.'      12 ? 
3       'Harada, S.'    13 ? 
3       'Asai, M.'      14 ? 
# 
loop_
_entity.id 
_entity.type 
_entity.src_method 
_entity.pdbx_description 
_entity.formula_weight 
_entity.pdbx_number_of_molecules 
_entity.pdbx_ec 
_entity.pdbx_mutation 
_entity.pdbx_fragment 
_entity.details 
1 polymer     nat LYSOZYME     20434.172 1   3.2.1.17 ? ? ? 
2 non-polymer syn 'BULGECIN A' 551.543   1   ?        ? ? ? 
3 water       nat water        18.015    109 ?        ? ? ? 
# 
_entity_name_com.entity_id   1 
_entity_name_com.name        'MUCOPEPTIDE N-ACETYLMURAMYLHYDROLASE' 
# 
_entity_poly.entity_id                      1 
_entity_poly.type                           'polypeptide(L)' 
_entity_poly.nstd_linkage                   no 
_entity_poly.nstd_monomer                   no 
_entity_poly.pdbx_seq_one_letter_code       
;RTDCYGNVNRIDTTGASCKTAKPEGLSYCGVPASKTIAERDLKAMDRYKTIIKKVGEKLCVEPAVIAGIISRESHAGKVL
KNGWGDRGNGFGLMQVDKRSHKPQGTWNGEVHITQGTTILTDFIKRIQKKFPSWTKDQQLKGGISAYNAGAGNVRSYARM
DIGTTHDDYANDVVARAQYYKQHGY
;
_entity_poly.pdbx_seq_one_letter_code_can   
;RTDCYGNVNRIDTTGASCKTAKPEGLSYCGVPASKTIAERDLKAMDRYKTIIKKVGEKLCVEPAVIAGIISRESHAGKVL
KNGWGDRGNGFGLMQVDKRSHKPQGTWNGEVHITQGTTILTDFIKRIQKKFPSWTKDQQLKGGISAYNAGAGNVRSYARM
DIGTTHDDYANDVVARAQYYKQHGY
;
_entity_poly.pdbx_strand_id                 A 
_entity_poly.pdbx_target_identifier         ? 
# 
loop_
_pdbx_entity_nonpoly.entity_id 
_pdbx_entity_nonpoly.name 
_pdbx_entity_nonpoly.comp_id 
2 'BULGECIN A' BUL 
3 water        HOH 
# 
loop_
_entity_poly_seq.entity_id 
_entity_poly_seq.num 
_entity_poly_seq.mon_id 
_entity_poly_seq.hetero 
1 1   ARG n 
1 2   THR n 
1 3   ASP n 
1 4   CYS n 
1 5   TYR n 
1 6   GLY n 
1 7   ASN n 
1 8   VAL n 
1 9   ASN n 
1 10  ARG n 
1 11  ILE n 
1 12  ASP n 
1 13  THR n 
1 14  THR n 
1 15  GLY n 
1 16  ALA n 
1 17  SER n 
1 18  CYS n 
1 19  LYS n 
1 20  THR n 
1 21  ALA n 
1 22  LYS n 
1 23  PRO n 
1 24  GLU n 
1 25  GLY n 
1 26  LEU n 
1 27  SER n 
1 28  TYR n 
1 29  CYS n 
1 30  GLY n 
1 31  VAL n 
1 32  PRO n 
1 33  ALA n 
1 34  SER n 
1 35  LYS n 
1 36  THR n 
1 37  ILE n 
1 38  ALA n 
1 39  GLU n 
1 40  ARG n 
1 41  ASP n 
1 42  LEU n 
1 43  LYS n 
1 44  ALA n 
1 45  MET n 
1 46  ASP n 
1 47  ARG n 
1 48  TYR n 
1 49  LYS n 
1 50  THR n 
1 51  ILE n 
1 52  ILE n 
1 53  LYS n 
1 54  LYS n 
1 55  VAL n 
1 56  GLY n 
1 57  GLU n 
1 58  LYS n 
1 59  LEU n 
1 60  CYS n 
1 61  VAL n 
1 62  GLU n 
1 63  PRO n 
1 64  ALA n 
1 65  VAL n 
1 66  ILE n 
1 67  ALA n 
1 68  GLY n 
1 69  ILE n 
1 70  ILE n 
1 71  SER n 
1 72  ARG n 
1 73  GLU n 
1 74  SER n 
1 75  HIS n 
1 76  ALA n 
1 77  GLY n 
1 78  LYS n 
1 79  VAL n 
1 80  LEU n 
1 81  LYS n 
1 82  ASN n 
1 83  GLY n 
1 84  TRP n 
1 85  GLY n 
1 86  ASP n 
1 87  ARG n 
1 88  GLY n 
1 89  ASN n 
1 90  GLY n 
1 91  PHE n 
1 92  GLY n 
1 93  LEU n 
1 94  MET n 
1 95  GLN n 
1 96  VAL n 
1 97  ASP n 
1 98  LYS n 
1 99  ARG n 
1 100 SER n 
1 101 HIS n 
1 102 LYS n 
1 103 PRO n 
1 104 GLN n 
1 105 GLY n 
1 106 THR n 
1 107 TRP n 
1 108 ASN n 
1 109 GLY n 
1 110 GLU n 
1 111 VAL n 
1 112 HIS n 
1 113 ILE n 
1 114 THR n 
1 115 GLN n 
1 116 GLY n 
1 117 THR n 
1 118 THR n 
1 119 ILE n 
1 120 LEU n 
1 121 THR n 
1 122 ASP n 
1 123 PHE n 
1 124 ILE n 
1 125 LYS n 
1 126 ARG n 
1 127 ILE n 
1 128 GLN n 
1 129 LYS n 
1 130 LYS n 
1 131 PHE n 
1 132 PRO n 
1 133 SER n 
1 134 TRP n 
1 135 THR n 
1 136 LYS n 
1 137 ASP n 
1 138 GLN n 
1 139 GLN n 
1 140 LEU n 
1 141 LYS n 
1 142 GLY n 
1 143 GLY n 
1 144 ILE n 
1 145 SER n 
1 146 ALA n 
1 147 TYR n 
1 148 ASN n 
1 149 ALA n 
1 150 GLY n 
1 151 ALA n 
1 152 GLY n 
1 153 ASN n 
1 154 VAL n 
1 155 ARG n 
1 156 SER n 
1 157 TYR n 
1 158 ALA n 
1 159 ARG n 
1 160 MET n 
1 161 ASP n 
1 162 ILE n 
1 163 GLY n 
1 164 THR n 
1 165 THR n 
1 166 HIS n 
1 167 ASP n 
1 168 ASP n 
1 169 TYR n 
1 170 ALA n 
1 171 ASN n 
1 172 ASP n 
1 173 VAL n 
1 174 VAL n 
1 175 ALA n 
1 176 ARG n 
1 177 ALA n 
1 178 GLN n 
1 179 TYR n 
1 180 TYR n 
1 181 LYS n 
1 182 GLN n 
1 183 HIS n 
1 184 GLY n 
1 185 TYR n 
# 
_entity_src_nat.entity_id                  1 
_entity_src_nat.pdbx_src_id                1 
_entity_src_nat.pdbx_alt_source_flag       sample 
_entity_src_nat.pdbx_beg_seq_num           ? 
_entity_src_nat.pdbx_end_seq_num           ? 
_entity_src_nat.common_name                'black swan' 
_entity_src_nat.pdbx_organism_scientific   'Cygnus atratus' 
_entity_src_nat.pdbx_ncbi_taxonomy_id      8868 
_entity_src_nat.genus                      Cygnus 
_entity_src_nat.species                    ? 
_entity_src_nat.strain                     ? 
_entity_src_nat.tissue                     ? 
_entity_src_nat.tissue_fraction            ? 
_entity_src_nat.pdbx_secretion             ? 
_entity_src_nat.pdbx_fragment              ? 
_entity_src_nat.pdbx_variant               ? 
_entity_src_nat.pdbx_cell_line             ? 
_entity_src_nat.pdbx_atcc                  ? 
_entity_src_nat.pdbx_cellular_location     'EGG WHITE' 
_entity_src_nat.pdbx_organ                 ? 
_entity_src_nat.pdbx_organelle             ? 
_entity_src_nat.pdbx_cell                  ? 
_entity_src_nat.pdbx_plasmid_name          ? 
_entity_src_nat.pdbx_plasmid_details       ? 
_entity_src_nat.details                    ? 
# 
loop_
_chem_comp.id 
_chem_comp.type 
_chem_comp.mon_nstd_flag 
_chem_comp.name 
_chem_comp.pdbx_synonyms 
_chem_comp.formula 
_chem_comp.formula_weight 
ALA 'L-peptide linking' y ALANINE         ? 'C3 H7 N O2'        89.093  
ARG 'L-peptide linking' y ARGININE        ? 'C6 H15 N4 O2 1'    175.209 
ASN 'L-peptide linking' y ASPARAGINE      ? 'C4 H8 N2 O3'       132.118 
ASP 'L-peptide linking' y 'ASPARTIC ACID' ? 'C4 H7 N O4'        133.103 
BUL non-polymer         . 'BULGECIN A'    ? 'C16 H29 N3 O14 S2' 551.543 
CYS 'L-peptide linking' y CYSTEINE        ? 'C3 H7 N O2 S'      121.158 
GLN 'L-peptide linking' y GLUTAMINE       ? 'C5 H10 N2 O3'      146.144 
GLU 'L-peptide linking' y 'GLUTAMIC ACID' ? 'C5 H9 N O4'        147.129 
GLY 'peptide linking'   y GLYCINE         ? 'C2 H5 N O2'        75.067  
HIS 'L-peptide linking' y HISTIDINE       ? 'C6 H10 N3 O2 1'    156.162 
HOH non-polymer         . WATER           ? 'H2 O'              18.015  
ILE 'L-peptide linking' y ISOLEUCINE      ? 'C6 H13 N O2'       131.173 
LEU 'L-peptide linking' y LEUCINE         ? 'C6 H13 N O2'       131.173 
LYS 'L-peptide linking' y LYSINE          ? 'C6 H15 N2 O2 1'    147.195 
MET 'L-peptide linking' y METHIONINE      ? 'C5 H11 N O2 S'     149.211 
PHE 'L-peptide linking' y PHENYLALANINE   ? 'C9 H11 N O2'       165.189 
PRO 'L-peptide linking' y PROLINE         ? 'C5 H9 N O2'        115.130 
SER 'L-peptide linking' y SERINE          ? 'C3 H7 N O3'        105.093 
THR 'L-peptide linking' y THREONINE       ? 'C4 H9 N O3'        119.119 
TRP 'L-peptide linking' y TRYPTOPHAN      ? 'C11 H12 N2 O2'     204.225 
TYR 'L-peptide linking' y TYROSINE        ? 'C9 H11 N O3'       181.189 
VAL 'L-peptide linking' y VALINE          ? 'C5 H11 N O2'       117.146 
# 
loop_
_pdbx_poly_seq_scheme.asym_id 
_pdbx_poly_seq_scheme.entity_id 
_pdbx_poly_seq_scheme.seq_id 
_pdbx_poly_seq_scheme.mon_id 
_pdbx_poly_seq_scheme.ndb_seq_num 
_pdbx_poly_seq_scheme.pdb_seq_num 
_pdbx_poly_seq_scheme.auth_seq_num 
_pdbx_poly_seq_scheme.pdb_mon_id 
_pdbx_poly_seq_scheme.auth_mon_id 
_pdbx_poly_seq_scheme.pdb_strand_id 
_pdbx_poly_seq_scheme.pdb_ins_code 
_pdbx_poly_seq_scheme.hetero 
A 1 1   ARG 1   1   1   ARG ARG A . n 
A 1 2   THR 2   2   2   THR THR A . n 
A 1 3   ASP 3   3   3   ASP ASP A . n 
A 1 4   CYS 4   4   4   CYS CYS A . n 
A 1 5   TYR 5   5   5   TYR TYR A . n 
A 1 6   GLY 6   6   6   GLY GLY A . n 
A 1 7   ASN 7   7   7   ASN ASN A . n 
A 1 8   VAL 8   8   8   VAL VAL A . n 
A 1 9   ASN 9   9   9   ASN ASN A . n 
A 1 10  ARG 10  10  10  ARG ARG A . n 
A 1 11  ILE 11  11  11  ILE ILE A . n 
A 1 12  ASP 12  12  12  ASP ASP A . n 
A 1 13  THR 13  13  13  THR THR A . n 
A 1 14  THR 14  14  14  THR THR A . n 
A 1 15  GLY 15  15  15  GLY GLY A . n 
A 1 16  ALA 16  16  16  ALA ALA A . n 
A 1 17  SER 17  17  17  SER SER A . n 
A 1 18  CYS 18  18  18  CYS CYS A . n 
A 1 19  LYS 19  19  19  LYS LYS A . n 
A 1 20  THR 20  20  20  THR THR A . n 
A 1 21  ALA 21  21  21  ALA ALA A . n 
A 1 22  LYS 22  22  22  LYS LYS A . n 
A 1 23  PRO 23  23  23  PRO PRO A . n 
A 1 24  GLU 24  24  24  GLU GLU A . n 
A 1 25  GLY 25  25  25  GLY GLY A . n 
A 1 26  LEU 26  26  26  LEU LEU A . n 
A 1 27  SER 27  27  27  SER SER A . n 
A 1 28  TYR 28  28  28  TYR TYR A . n 
A 1 29  CYS 29  29  29  CYS CYS A . n 
A 1 30  GLY 30  30  30  GLY GLY A . n 
A 1 31  VAL 31  31  31  VAL VAL A . n 
A 1 32  PRO 32  32  32  PRO PRO A . n 
A 1 33  ALA 33  33  33  ALA ALA A . n 
A 1 34  SER 34  34  34  SER SER A . n 
A 1 35  LYS 35  35  35  LYS LYS A . n 
A 1 36  THR 36  36  36  THR THR A . n 
A 1 37  ILE 37  37  37  ILE ILE A . n 
A 1 38  ALA 38  38  38  ALA ALA A . n 
A 1 39  GLU 39  39  39  GLU GLU A . n 
A 1 40  ARG 40  40  40  ARG ARG A . n 
A 1 41  ASP 41  41  41  ASP ASP A . n 
A 1 42  LEU 42  42  42  LEU LEU A . n 
A 1 43  LYS 43  43  43  LYS LYS A . n 
A 1 44  ALA 44  44  44  ALA ALA A . n 
A 1 45  MET 45  45  45  MET MET A . n 
A 1 46  ASP 46  46  46  ASP ASP A . n 
A 1 47  ARG 47  47  47  ARG ARG A . n 
A 1 48  TYR 48  48  48  TYR TYR A . n 
A 1 49  LYS 49  49  49  LYS LYS A . n 
A 1 50  THR 50  50  50  THR THR A . n 
A 1 51  ILE 51  51  51  ILE ILE A . n 
A 1 52  ILE 52  52  52  ILE ILE A . n 
A 1 53  LYS 53  53  53  LYS LYS A . n 
A 1 54  LYS 54  54  54  LYS LYS A . n 
A 1 55  VAL 55  55  55  VAL VAL A . n 
A 1 56  GLY 56  56  56  GLY GLY A . n 
A 1 57  GLU 57  57  57  GLU GLU A . n 
A 1 58  LYS 58  58  58  LYS LYS A . n 
A 1 59  LEU 59  59  59  LEU LEU A . n 
A 1 60  CYS 60  60  60  CYS CYS A . n 
A 1 61  VAL 61  61  61  VAL VAL A . n 
A 1 62  GLU 62  62  62  GLU GLU A . n 
A 1 63  PRO 63  63  63  PRO PRO A . n 
A 1 64  ALA 64  64  64  ALA ALA A . n 
A 1 65  VAL 65  65  65  VAL VAL A . n 
A 1 66  ILE 66  66  66  ILE ILE A . n 
A 1 67  ALA 67  67  67  ALA ALA A . n 
A 1 68  GLY 68  68  68  GLY GLY A . n 
A 1 69  ILE 69  69  69  ILE ILE A . n 
A 1 70  ILE 70  70  70  ILE ILE A . n 
A 1 71  SER 71  71  71  SER SER A . n 
A 1 72  ARG 72  72  72  ARG ARG A . n 
A 1 73  GLU 73  73  73  GLU GLU A . n 
A 1 74  SER 74  74  74  SER SER A . n 
A 1 75  HIS 75  75  75  HIS HIS A . n 
A 1 76  ALA 76  76  76  ALA ALA A . n 
A 1 77  GLY 77  77  77  GLY GLY A . n 
A 1 78  LYS 78  78  78  LYS LYS A . n 
A 1 79  VAL 79  79  79  VAL VAL A . n 
A 1 80  LEU 80  80  80  LEU LEU A . n 
A 1 81  LYS 81  81  81  LYS LYS A . n 
A 1 82  ASN 82  82  82  ASN ASN A . n 
A 1 83  GLY 83  83  83  GLY GLY A . n 
A 1 84  TRP 84  84  84  TRP TRP A . n 
A 1 85  GLY 85  85  85  GLY GLY A . n 
A 1 86  ASP 86  86  86  ASP ASP A . n 
A 1 87  ARG 87  87  87  ARG ARG A . n 
A 1 88  GLY 88  88  88  GLY GLY A . n 
A 1 89  ASN 89  89  89  ASN ASN A . n 
A 1 90  GLY 90  90  90  GLY GLY A . n 
A 1 91  PHE 91  91  91  PHE PHE A . n 
A 1 92  GLY 92  92  92  GLY GLY A . n 
A 1 93  LEU 93  93  93  LEU LEU A . n 
A 1 94  MET 94  94  94  MET MET A . n 
A 1 95  GLN 95  95  95  GLN GLN A . n 
A 1 96  VAL 96  96  96  VAL VAL A . n 
A 1 97  ASP 97  97  97  ASP ASP A . n 
A 1 98  LYS 98  98  98  LYS LYS A . n 
A 1 99  ARG 99  99  99  ARG ARG A . n 
A 1 100 SER 100 100 100 SER SER A . n 
A 1 101 HIS 101 101 101 HIS HIS A . n 
A 1 102 LYS 102 102 102 LYS LYS A . n 
A 1 103 PRO 103 103 103 PRO PRO A . n 
A 1 104 GLN 104 104 104 GLN GLN A . n 
A 1 105 GLY 105 105 105 GLY GLY A . n 
A 1 106 THR 106 106 106 THR THR A . n 
A 1 107 TRP 107 107 107 TRP TRP A . n 
A 1 108 ASN 108 108 108 ASN ASN A . n 
A 1 109 GLY 109 109 109 GLY GLY A . n 
A 1 110 GLU 110 110 110 GLU GLU A . n 
A 1 111 VAL 111 111 111 VAL VAL A . n 
A 1 112 HIS 112 112 112 HIS HIS A . n 
A 1 113 ILE 113 113 113 ILE ILE A . n 
A 1 114 THR 114 114 114 THR THR A . n 
A 1 115 GLN 115 115 115 GLN GLN A . n 
A 1 116 GLY 116 116 116 GLY GLY A . n 
A 1 117 THR 117 117 117 THR THR A . n 
A 1 118 THR 118 118 118 THR THR A . n 
A 1 119 ILE 119 119 119 ILE ILE A . n 
A 1 120 LEU 120 120 120 LEU LEU A . n 
A 1 121 THR 121 121 121 THR THR A . n 
A 1 122 ASP 122 122 122 ASP ASP A . n 
A 1 123 PHE 123 123 123 PHE PHE A . n 
A 1 124 ILE 124 124 124 ILE ILE A . n 
A 1 125 LYS 125 125 125 LYS LYS A . n 
A 1 126 ARG 126 126 126 ARG ARG A . n 
A 1 127 ILE 127 127 127 ILE ILE A . n 
A 1 128 GLN 128 128 128 GLN GLN A . n 
A 1 129 LYS 129 129 129 LYS LYS A . n 
A 1 130 LYS 130 130 130 LYS LYS A . n 
A 1 131 PHE 131 131 131 PHE PHE A . n 
A 1 132 PRO 132 132 132 PRO PRO A . n 
A 1 133 SER 133 133 133 SER SER A . n 
A 1 134 TRP 134 134 134 TRP TRP A . n 
A 1 135 THR 135 135 135 THR THR A . n 
A 1 136 LYS 136 136 136 LYS LYS A . n 
A 1 137 ASP 137 137 137 ASP ASP A . n 
A 1 138 GLN 138 138 138 GLN GLN A . n 
A 1 139 GLN 139 139 139 GLN GLN A . n 
A 1 140 LEU 140 140 140 LEU LEU A . n 
A 1 141 LYS 141 141 141 LYS LYS A . n 
A 1 142 GLY 142 142 142 GLY GLY A . n 
A 1 143 GLY 143 143 143 GLY GLY A . n 
A 1 144 ILE 144 144 144 ILE ILE A . n 
A 1 145 SER 145 145 145 SER SER A . n 
A 1 146 ALA 146 146 146 ALA ALA A . n 
A 1 147 TYR 147 147 147 TYR TYR A . n 
A 1 148 ASN 148 148 148 ASN ASN A . n 
A 1 149 ALA 149 149 149 ALA ALA A . n 
A 1 150 GLY 150 150 150 GLY GLY A . n 
A 1 151 ALA 151 151 151 ALA ALA A . n 
A 1 152 GLY 152 152 152 GLY GLY A . n 
A 1 153 ASN 153 153 153 ASN ASN A . n 
A 1 154 VAL 154 154 154 VAL VAL A . n 
A 1 155 ARG 155 155 155 ARG ARG A . n 
A 1 156 SER 156 156 156 SER SER A . n 
A 1 157 TYR 157 157 157 TYR TYR A . n 
A 1 158 ALA 158 158 158 ALA ALA A . n 
A 1 159 ARG 159 159 159 ARG ARG A . n 
A 1 160 MET 160 160 160 MET MET A . n 
A 1 161 ASP 161 161 161 ASP ASP A . n 
A 1 162 ILE 162 162 162 ILE ILE A . n 
A 1 163 GLY 163 163 163 GLY GLY A . n 
A 1 164 THR 164 164 164 THR THR A . n 
A 1 165 THR 165 165 165 THR THR A . n 
A 1 166 HIS 166 166 166 HIS HIS A . n 
A 1 167 ASP 167 167 167 ASP ASP A . n 
A 1 168 ASP 168 168 168 ASP ASP A . n 
A 1 169 TYR 169 169 169 TYR TYR A . n 
A 1 170 ALA 170 170 170 ALA ALA A . n 
A 1 171 ASN 171 171 171 ASN ASN A . n 
A 1 172 ASP 172 172 172 ASP ASP A . n 
A 1 173 VAL 173 173 173 VAL VAL A . n 
A 1 174 VAL 174 174 174 VAL VAL A . n 
A 1 175 ALA 175 175 175 ALA ALA A . n 
A 1 176 ARG 176 176 176 ARG ARG A . n 
A 1 177 ALA 177 177 177 ALA ALA A . n 
A 1 178 GLN 178 178 178 GLN GLN A . n 
A 1 179 TYR 179 179 179 TYR TYR A . n 
A 1 180 TYR 180 180 180 TYR TYR A . n 
A 1 181 LYS 181 181 181 LYS LYS A . n 
A 1 182 GLN 182 182 182 GLN GLN A . n 
A 1 183 HIS 183 183 183 HIS HIS A . n 
A 1 184 GLY 184 184 184 GLY GLY A . n 
A 1 185 TYR 185 185 185 TYR TYR A . n 
# 
loop_
_pdbx_nonpoly_scheme.asym_id 
_pdbx_nonpoly_scheme.entity_id 
_pdbx_nonpoly_scheme.mon_id 
_pdbx_nonpoly_scheme.ndb_seq_num 
_pdbx_nonpoly_scheme.pdb_seq_num 
_pdbx_nonpoly_scheme.auth_seq_num 
_pdbx_nonpoly_scheme.pdb_mon_id 
_pdbx_nonpoly_scheme.auth_mon_id 
_pdbx_nonpoly_scheme.pdb_strand_id 
_pdbx_nonpoly_scheme.pdb_ins_code 
B 2 BUL 1   295 295 BUL BUL A . 
C 3 HOH 1   186 186 HOH HOH A . 
C 3 HOH 2   187 187 HOH HOH A . 
C 3 HOH 3   188 188 HOH HOH A . 
C 3 HOH 4   189 189 HOH HOH A . 
C 3 HOH 5   190 190 HOH HOH A . 
C 3 HOH 6   191 191 HOH HOH A . 
C 3 HOH 7   192 192 HOH HOH A . 
C 3 HOH 8   193 193 HOH HOH A . 
C 3 HOH 9   194 194 HOH HOH A . 
C 3 HOH 10  195 195 HOH HOH A . 
C 3 HOH 11  196 196 HOH HOH A . 
C 3 HOH 12  197 197 HOH HOH A . 
C 3 HOH 13  198 198 HOH HOH A . 
C 3 HOH 14  199 199 HOH HOH A . 
C 3 HOH 15  200 200 HOH HOH A . 
C 3 HOH 16  201 201 HOH HOH A . 
C 3 HOH 17  202 202 HOH HOH A . 
C 3 HOH 18  203 203 HOH HOH A . 
C 3 HOH 19  204 204 HOH HOH A . 
C 3 HOH 20  205 205 HOH HOH A . 
C 3 HOH 21  206 206 HOH HOH A . 
C 3 HOH 22  207 207 HOH HOH A . 
C 3 HOH 23  208 208 HOH HOH A . 
C 3 HOH 24  209 209 HOH HOH A . 
C 3 HOH 25  210 210 HOH HOH A . 
C 3 HOH 26  211 211 HOH HOH A . 
C 3 HOH 27  212 212 HOH HOH A . 
C 3 HOH 28  213 213 HOH HOH A . 
C 3 HOH 29  214 214 HOH HOH A . 
C 3 HOH 30  215 215 HOH HOH A . 
C 3 HOH 31  216 216 HOH HOH A . 
C 3 HOH 32  217 217 HOH HOH A . 
C 3 HOH 33  218 218 HOH HOH A . 
C 3 HOH 34  219 219 HOH HOH A . 
C 3 HOH 35  220 220 HOH HOH A . 
C 3 HOH 36  221 221 HOH HOH A . 
C 3 HOH 37  222 222 HOH HOH A . 
C 3 HOH 38  223 223 HOH HOH A . 
C 3 HOH 39  224 224 HOH HOH A . 
C 3 HOH 40  225 225 HOH HOH A . 
C 3 HOH 41  226 226 HOH HOH A . 
C 3 HOH 42  227 227 HOH HOH A . 
C 3 HOH 43  228 228 HOH HOH A . 
C 3 HOH 44  229 229 HOH HOH A . 
C 3 HOH 45  230 230 HOH HOH A . 
C 3 HOH 46  231 231 HOH HOH A . 
C 3 HOH 47  232 232 HOH HOH A . 
C 3 HOH 48  233 233 HOH HOH A . 
C 3 HOH 49  234 234 HOH HOH A . 
C 3 HOH 50  235 235 HOH HOH A . 
C 3 HOH 51  236 236 HOH HOH A . 
C 3 HOH 52  237 237 HOH HOH A . 
C 3 HOH 53  238 238 HOH HOH A . 
C 3 HOH 54  239 239 HOH HOH A . 
C 3 HOH 55  240 240 HOH HOH A . 
C 3 HOH 56  241 241 HOH HOH A . 
C 3 HOH 57  242 242 HOH HOH A . 
C 3 HOH 58  243 243 HOH HOH A . 
C 3 HOH 59  244 244 HOH HOH A . 
C 3 HOH 60  245 245 HOH HOH A . 
C 3 HOH 61  246 246 HOH HOH A . 
C 3 HOH 62  247 247 HOH HOH A . 
C 3 HOH 63  248 248 HOH HOH A . 
C 3 HOH 64  249 249 HOH HOH A . 
C 3 HOH 65  250 250 HOH HOH A . 
C 3 HOH 66  251 251 HOH HOH A . 
C 3 HOH 67  252 252 HOH HOH A . 
C 3 HOH 68  253 253 HOH HOH A . 
C 3 HOH 69  254 254 HOH HOH A . 
C 3 HOH 70  255 255 HOH HOH A . 
C 3 HOH 71  256 256 HOH HOH A . 
C 3 HOH 72  257 257 HOH HOH A . 
C 3 HOH 73  258 258 HOH HOH A . 
C 3 HOH 74  259 259 HOH HOH A . 
C 3 HOH 75  260 260 HOH HOH A . 
C 3 HOH 76  261 261 HOH HOH A . 
C 3 HOH 77  262 262 HOH HOH A . 
C 3 HOH 78  263 263 HOH HOH A . 
C 3 HOH 79  264 264 HOH HOH A . 
C 3 HOH 80  265 265 HOH HOH A . 
C 3 HOH 81  266 266 HOH HOH A . 
C 3 HOH 82  267 267 HOH HOH A . 
C 3 HOH 83  268 268 HOH HOH A . 
C 3 HOH 84  269 269 HOH HOH A . 
C 3 HOH 85  270 270 HOH HOH A . 
C 3 HOH 86  271 271 HOH HOH A . 
C 3 HOH 87  272 272 HOH HOH A . 
C 3 HOH 88  273 273 HOH HOH A . 
C 3 HOH 89  274 274 HOH HOH A . 
C 3 HOH 90  275 275 HOH HOH A . 
C 3 HOH 91  276 276 HOH HOH A . 
C 3 HOH 92  277 277 HOH HOH A . 
C 3 HOH 93  278 278 HOH HOH A . 
C 3 HOH 94  279 279 HOH HOH A . 
C 3 HOH 95  280 280 HOH HOH A . 
C 3 HOH 96  281 281 HOH HOH A . 
C 3 HOH 97  282 282 HOH HOH A . 
C 3 HOH 98  283 283 HOH HOH A . 
C 3 HOH 99  284 284 HOH HOH A . 
C 3 HOH 100 285 285 HOH HOH A . 
C 3 HOH 101 286 286 HOH HOH A . 
C 3 HOH 102 287 287 HOH HOH A . 
C 3 HOH 103 288 288 HOH HOH A . 
C 3 HOH 104 289 289 HOH HOH A . 
C 3 HOH 105 290 290 HOH HOH A . 
C 3 HOH 106 291 291 HOH HOH A . 
C 3 HOH 107 292 292 HOH HOH A . 
C 3 HOH 108 293 293 HOH HOH A . 
C 3 HOH 109 294 294 HOH HOH A . 
# 
loop_
_software.name 
_software.classification 
_software.version 
_software.citation_id 
_software.pdbx_ordinal 
XDS    'data scaling'   . ? 1 
PROLSQ refinement       . ? 2 
XDS    'data reduction' . ? 3 
# 
_cell.entry_id           1LSP 
_cell.length_a           91.690 
_cell.length_b           65.330 
_cell.length_c           38.150 
_cell.angle_alpha        90.00 
_cell.angle_beta         90.00 
_cell.angle_gamma        90.00 
_cell.Z_PDB              4 
_cell.pdbx_unique_axis   ? 
# 
_symmetry.entry_id                         1LSP 
_symmetry.space_group_name_H-M             'P 21 21 2' 
_symmetry.pdbx_full_space_group_name_H-M   ? 
_symmetry.cell_setting                     ? 
_symmetry.Int_Tables_number                18 
# 
_exptl.entry_id          1LSP 
_exptl.method            'X-RAY DIFFRACTION' 
_exptl.crystals_number   1 
# 
_exptl_crystal.id                    1 
_exptl_crystal.density_meas          ? 
_exptl_crystal.density_Matthews      2.80 
_exptl_crystal.density_percent_sol   55.99 
_exptl_crystal.description           ? 
# 
_diffrn.id                     1 
_diffrn.ambient_temp           ? 
_diffrn.ambient_temp_details   ? 
_diffrn.crystal_id             1 
# 
_diffrn_detector.diffrn_id              1 
_diffrn_detector.detector               'AREA DETECTOR' 
_diffrn_detector.type                   SIEMENS 
_diffrn_detector.pdbx_collection_date   1994-06-01 
_diffrn_detector.details                ? 
# 
_diffrn_radiation.diffrn_id                        1 
_diffrn_radiation.wavelength_id                    1 
_diffrn_radiation.pdbx_monochromatic_or_laue_m_l   M 
_diffrn_radiation.monochromator                    ? 
_diffrn_radiation.pdbx_diffrn_protocol             ? 
_diffrn_radiation.pdbx_scattering_type             x-ray 
# 
_diffrn_radiation_wavelength.id           1 
_diffrn_radiation_wavelength.wavelength   1.5418 
_diffrn_radiation_wavelength.wt           1.0 
# 
_diffrn_source.diffrn_id                   1 
_diffrn_source.source                      ? 
_diffrn_source.type                        ? 
_diffrn_source.pdbx_synchrotron_site       ? 
_diffrn_source.pdbx_synchrotron_beamline   ? 
_diffrn_source.pdbx_wavelength             ? 
_diffrn_source.pdbx_wavelength_list        1.5418 
# 
_reflns.entry_id                     1LSP 
_reflns.observed_criterion_sigma_I   3. 
_reflns.observed_criterion_sigma_F   ? 
_reflns.d_resolution_low             ? 
_reflns.d_resolution_high            ? 
_reflns.number_obs                   6959 
_reflns.number_all                   ? 
_reflns.percent_possible_obs         78.9 
_reflns.pdbx_Rmerge_I_obs            0.055 
_reflns.pdbx_Rsym_value              ? 
_reflns.pdbx_netI_over_sigmaI        ? 
_reflns.B_iso_Wilson_estimate        ? 
_reflns.pdbx_redundancy              ? 
_reflns.pdbx_ordinal                 1 
_reflns.pdbx_diffrn_id               1 
# 
_refine.entry_id                                 1LSP 
_refine.ls_number_reflns_obs                     6959 
_refine.ls_number_reflns_all                     ? 
_refine.pdbx_ls_sigma_I                          ? 
_refine.pdbx_ls_sigma_F                          3.0 
_refine.pdbx_data_cutoff_high_absF               ? 
_refine.pdbx_data_cutoff_low_absF                ? 
_refine.pdbx_data_cutoff_high_rms_absF           ? 
_refine.ls_d_res_low                             8.0 
_refine.ls_d_res_high                            2.45 
_refine.ls_percent_reflns_obs                    ? 
_refine.ls_R_factor_obs                          0.175 
_refine.ls_R_factor_all                          ? 
_refine.ls_R_factor_R_work                       ? 
_refine.ls_R_factor_R_free                       ? 
_refine.ls_R_factor_R_free_error                 ? 
_refine.ls_R_factor_R_free_error_details         ? 
_refine.ls_percent_reflns_R_free                 ? 
_refine.ls_number_reflns_R_free                  ? 
_refine.ls_number_parameters                     ? 
_refine.ls_number_restraints                     ? 
_refine.occupancy_min                            ? 
_refine.occupancy_max                            ? 
_refine.B_iso_mean                               ? 
_refine.aniso_B[1][1]                            ? 
_refine.aniso_B[2][2]                            ? 
_refine.aniso_B[3][3]                            ? 
_refine.aniso_B[1][2]                            ? 
_refine.aniso_B[1][3]                            ? 
_refine.aniso_B[2][3]                            ? 
_refine.solvent_model_details                    ? 
_refine.solvent_model_param_ksol                 ? 
_refine.solvent_model_param_bsol                 ? 
_refine.pdbx_ls_cross_valid_method               ? 
_refine.details                                  ? 
_refine.pdbx_starting_model                      ? 
_refine.pdbx_method_to_determine_struct          ? 
_refine.pdbx_isotropic_thermal_model             ? 
_refine.pdbx_stereochemistry_target_values       ? 
_refine.pdbx_stereochem_target_val_spec_case     ? 
_refine.pdbx_R_Free_selection_details            ? 
_refine.pdbx_overall_ESU_R                       ? 
_refine.pdbx_overall_ESU_R_Free                  ? 
_refine.overall_SU_ML                            ? 
_refine.overall_SU_B                             ? 
_refine.pdbx_refine_id                           'X-RAY DIFFRACTION' 
_refine.pdbx_diffrn_id                           1 
_refine.pdbx_TLS_residual_ADP_flag               ? 
_refine.correlation_coeff_Fo_to_Fc               ? 
_refine.correlation_coeff_Fo_to_Fc_free          ? 
_refine.pdbx_solvent_vdw_probe_radii             ? 
_refine.pdbx_solvent_ion_probe_radii             ? 
_refine.pdbx_solvent_shrinkage_radii             ? 
_refine.pdbx_overall_phase_error                 ? 
_refine.overall_SU_R_Cruickshank_DPI             ? 
_refine.pdbx_overall_SU_R_free_Cruickshank_DPI   ? 
_refine.pdbx_overall_SU_R_Blow_DPI               ? 
_refine.pdbx_overall_SU_R_free_Blow_DPI          ? 
# 
_refine_analyze.entry_id                        1LSP 
_refine_analyze.Luzzati_coordinate_error_obs    0.17 
_refine_analyze.Luzzati_sigma_a_obs             ? 
_refine_analyze.Luzzati_d_res_low_obs           ? 
_refine_analyze.Luzzati_coordinate_error_free   ? 
_refine_analyze.Luzzati_sigma_a_free            ? 
_refine_analyze.Luzzati_d_res_low_free          ? 
_refine_analyze.number_disordered_residues      ? 
_refine_analyze.occupancy_sum_hydrogen          ? 
_refine_analyze.occupancy_sum_non_hydrogen      ? 
_refine_analyze.pdbx_refine_id                  'X-RAY DIFFRACTION' 
# 
_refine_hist.pdbx_refine_id                   'X-RAY DIFFRACTION' 
_refine_hist.cycle_id                         LAST 
_refine_hist.pdbx_number_atoms_protein        1434 
_refine_hist.pdbx_number_atoms_nucleic_acid   0 
_refine_hist.pdbx_number_atoms_ligand         35 
_refine_hist.number_atoms_solvent             109 
_refine_hist.number_atoms_total               1578 
_refine_hist.d_res_high                       2.45 
_refine_hist.d_res_low                        8.0 
# 
loop_
_refine_ls_restr.type 
_refine_ls_restr.dev_ideal 
_refine_ls_restr.dev_ideal_target 
_refine_ls_restr.weight 
_refine_ls_restr.number 
_refine_ls_restr.pdbx_refine_id 
_refine_ls_restr.pdbx_restraint_function 
p_bond_d            0.016  0.020 ? ? 'X-RAY DIFFRACTION' ? 
p_angle_d           0.053  0.040 ? ? 'X-RAY DIFFRACTION' ? 
p_angle_deg         ?      ?     ? ? 'X-RAY DIFFRACTION' ? 
p_planar_d          0.073  0.050 ? ? 'X-RAY DIFFRACTION' ? 
p_hb_or_metal_coord ?      ?     ? ? 'X-RAY DIFFRACTION' ? 
p_mcbond_it         ?      ?     ? ? 'X-RAY DIFFRACTION' ? 
p_mcangle_it        ?      ?     ? ? 'X-RAY DIFFRACTION' ? 
p_scbond_it         ?      ?     ? ? 'X-RAY DIFFRACTION' ? 
p_scangle_it        ?      ?     ? ? 'X-RAY DIFFRACTION' ? 
p_plane_restr       0.014  0.020 ? ? 'X-RAY DIFFRACTION' ? 
p_chiral_restr      0.045  0.060 ? ? 'X-RAY DIFFRACTION' ? 
p_singtor_nbd       0.224  0.030 ? ? 'X-RAY DIFFRACTION' ? 
p_multtor_nbd       0.276  0.300 ? ? 'X-RAY DIFFRACTION' ? 
p_xhyhbond_nbd      0.224  0.300 ? ? 'X-RAY DIFFRACTION' ? 
p_xyhbond_nbd       ?      ?     ? ? 'X-RAY DIFFRACTION' ? 
p_planar_tor        6.929  3.0   ? ? 'X-RAY DIFFRACTION' ? 
p_staggered_tor     22.687 15.0  ? ? 'X-RAY DIFFRACTION' ? 
p_orthonormal_tor   29.123 20.0  ? ? 'X-RAY DIFFRACTION' ? 
p_transverse_tor    ?      ?     ? ? 'X-RAY DIFFRACTION' ? 
p_special_tor       ?      ?     ? ? 'X-RAY DIFFRACTION' ? 
# 
_struct.entry_id                  1LSP 
_struct.title                     
;THE CRYSTAL STRUCTURE OF A BULGECIN-INHIBITED G-TYPE LYSOZYME FROM THE EGG-WHITE OF THE AUSTRALIAN BLACK SWAN. A COMPARISON OF THE BINDING OF BULGECIN TO THREE MURAMIDASES
;
_struct.pdbx_model_details        ? 
_struct.pdbx_CASP_flag            ? 
_struct.pdbx_model_type_details   ? 
# 
_struct_keywords.entry_id        1LSP 
_struct_keywords.pdbx_keywords   'HYDROLASE (O-GLYCOSYL)' 
_struct_keywords.text            'HYDROLASE (O-GLYCOSYL)' 
# 
loop_
_struct_asym.id 
_struct_asym.pdbx_blank_PDB_chainid_flag 
_struct_asym.pdbx_modified 
_struct_asym.entity_id 
_struct_asym.details 
A N N 1 ? 
B N N 2 ? 
C N N 3 ? 
# 
_struct_ref.id                         1 
_struct_ref.db_name                    UNP 
_struct_ref.db_code                    LYG_CYGAT 
_struct_ref.entity_id                  1 
_struct_ref.pdbx_db_accession          P00717 
_struct_ref.pdbx_align_begin           1 
_struct_ref.pdbx_seq_one_letter_code   
;RTDCYGNVNRIDTTGASCKTAKPEGLSYCGVPASKTIAERDLKAMDRYKTIIKKVGEKLCVEPAVIAGIISRESHAGKVL
KNGWGDRGNGFGLMQVDKRSHKPQGTWNGEVHITQGTTILTDFIKRIQKKFPSWTKDQQLKGGISAYNAGAGNVRSYARM
DIGTTHDDYANDVVARAQYYKQHGY
;
_struct_ref.pdbx_db_isoform            ? 
# 
_struct_ref_seq.align_id                      1 
_struct_ref_seq.ref_id                        1 
_struct_ref_seq.pdbx_PDB_id_code              1LSP 
_struct_ref_seq.pdbx_strand_id                A 
_struct_ref_seq.seq_align_beg                 1 
_struct_ref_seq.pdbx_seq_align_beg_ins_code   ? 
_struct_ref_seq.seq_align_end                 185 
_struct_ref_seq.pdbx_seq_align_end_ins_code   ? 
_struct_ref_seq.pdbx_db_accession             P00717 
_struct_ref_seq.db_align_beg                  1 
_struct_ref_seq.pdbx_db_align_beg_ins_code    ? 
_struct_ref_seq.db_align_end                  185 
_struct_ref_seq.pdbx_db_align_end_ins_code    ? 
_struct_ref_seq.pdbx_auth_seq_align_beg       1 
_struct_ref_seq.pdbx_auth_seq_align_end       185 
# 
_pdbx_struct_assembly.id                   1 
_pdbx_struct_assembly.details              author_defined_assembly 
_pdbx_struct_assembly.method_details       ? 
_pdbx_struct_assembly.oligomeric_details   monomeric 
_pdbx_struct_assembly.oligomeric_count     1 
# 
_pdbx_struct_assembly_gen.assembly_id       1 
_pdbx_struct_assembly_gen.oper_expression   1 
_pdbx_struct_assembly_gen.asym_id_list      A,B,C 
# 
_pdbx_struct_oper_list.id                   1 
_pdbx_struct_oper_list.type                 'identity operation' 
_pdbx_struct_oper_list.name                 1_555 
_pdbx_struct_oper_list.symmetry_operation   x,y,z 
_pdbx_struct_oper_list.matrix[1][1]         1.0000000000 
_pdbx_struct_oper_list.matrix[1][2]         0.0000000000 
_pdbx_struct_oper_list.matrix[1][3]         0.0000000000 
_pdbx_struct_oper_list.vector[1]            0.0000000000 
_pdbx_struct_oper_list.matrix[2][1]         0.0000000000 
_pdbx_struct_oper_list.matrix[2][2]         1.0000000000 
_pdbx_struct_oper_list.matrix[2][3]         0.0000000000 
_pdbx_struct_oper_list.vector[2]            0.0000000000 
_pdbx_struct_oper_list.matrix[3][1]         0.0000000000 
_pdbx_struct_oper_list.matrix[3][2]         0.0000000000 
_pdbx_struct_oper_list.matrix[3][3]         1.0000000000 
_pdbx_struct_oper_list.vector[3]            0.0000000000 
# 
_struct_biol.id   1 
# 
loop_
_struct_conf.conf_type_id 
_struct_conf.id 
_struct_conf.pdbx_PDB_helix_id 
_struct_conf.beg_label_comp_id 
_struct_conf.beg_label_asym_id 
_struct_conf.beg_label_seq_id 
_struct_conf.pdbx_beg_PDB_ins_code 
_struct_conf.end_label_comp_id 
_struct_conf.end_label_asym_id 
_struct_conf.end_label_seq_id 
_struct_conf.pdbx_end_PDB_ins_code 
_struct_conf.beg_auth_comp_id 
_struct_conf.beg_auth_asym_id 
_struct_conf.beg_auth_seq_id 
_struct_conf.end_auth_comp_id 
_struct_conf.end_auth_asym_id 
_struct_conf.end_auth_seq_id 
_struct_conf.pdbx_PDB_helix_class 
_struct_conf.details 
_struct_conf.pdbx_PDB_helix_length 
HELX_P HELX_P1  1  VAL A 8   ? ARG A 10  ? VAL A 8   ARG A 10  5 ? 3  
HELX_P HELX_P2  2  CYS A 18  ? ALA A 21  ? CYS A 18  ALA A 21  1 ? 4  
HELX_P HELX_P3  3  GLY A 30  ? ARG A 40  ? GLY A 30  ARG A 40  1 ? 11 
HELX_P HELX_P4  4  LEU A 42  ? ARG A 47  ? LEU A 42  ARG A 47  1 ? 6  
HELX_P HELX_P5  5  LYS A 49  ? LEU A 59  ? LYS A 49  LEU A 59  1 ? 11 
HELX_P HELX_P6  6  PRO A 63  ? GLU A 73  ? PRO A 63  GLU A 73  1 ? 11 
HELX_P HELX_P7  7  GLU A 110 ? LYS A 130 ? GLU A 110 LYS A 130 1 ? 21 
HELX_P HELX_P8  8  LYS A 136 ? ALA A 149 ? LYS A 136 ALA A 149 1 ? 14 
HELX_P HELX_P9  9  ALA A 151 ? ASN A 153 ? ALA A 151 ASN A 153 5 ? 3  
HELX_P HELX_P10 10 THR A 165 ? ASP A 167 ? THR A 165 ASP A 167 5 ? 3  
HELX_P HELX_P11 11 TYR A 169 ? HIS A 183 ? TYR A 169 HIS A 183 1 ? 15 
# 
_struct_conf_type.id          HELX_P 
_struct_conf_type.criteria    ? 
_struct_conf_type.reference   ? 
# 
loop_
_struct_conn.id 
_struct_conn.conn_type_id 
_struct_conn.pdbx_leaving_atom_flag 
_struct_conn.pdbx_PDB_id 
_struct_conn.ptnr1_label_asym_id 
_struct_conn.ptnr1_label_comp_id 
_struct_conn.ptnr1_label_seq_id 
_struct_conn.ptnr1_label_atom_id 
_struct_conn.pdbx_ptnr1_label_alt_id 
_struct_conn.pdbx_ptnr1_PDB_ins_code 
_struct_conn.pdbx_ptnr1_standard_comp_id 
_struct_conn.ptnr1_symmetry 
_struct_conn.ptnr2_label_asym_id 
_struct_conn.ptnr2_label_comp_id 
_struct_conn.ptnr2_label_seq_id 
_struct_conn.ptnr2_label_atom_id 
_struct_conn.pdbx_ptnr2_label_alt_id 
_struct_conn.pdbx_ptnr2_PDB_ins_code 
_struct_conn.ptnr1_auth_asym_id 
_struct_conn.ptnr1_auth_comp_id 
_struct_conn.ptnr1_auth_seq_id 
_struct_conn.ptnr2_auth_asym_id 
_struct_conn.ptnr2_auth_comp_id 
_struct_conn.ptnr2_auth_seq_id 
_struct_conn.ptnr2_symmetry 
_struct_conn.pdbx_ptnr3_label_atom_id 
_struct_conn.pdbx_ptnr3_label_seq_id 
_struct_conn.pdbx_ptnr3_label_comp_id 
_struct_conn.pdbx_ptnr3_label_asym_id 
_struct_conn.pdbx_ptnr3_label_alt_id 
_struct_conn.pdbx_ptnr3_PDB_ins_code 
_struct_conn.details 
_struct_conn.pdbx_dist_value 
_struct_conn.pdbx_value_order 
_struct_conn.pdbx_role 
disulf1 disulf ? ? A CYS 4  SG ? ? ? 1_555 A CYS 60 SG ? ? A CYS 4  A CYS 60 1_555 ? ? ? ? ? ? ? 2.287 ? ? 
disulf2 disulf ? ? A CYS 18 SG ? ? ? 1_555 A CYS 29 SG ? ? A CYS 18 A CYS 29 1_555 ? ? ? ? ? ? ? 1.906 ? ? 
# 
_struct_conn_type.id          disulf 
_struct_conn_type.criteria    ? 
_struct_conn_type.reference   ? 
# 
loop_
_pdbx_modification_feature.ordinal 
_pdbx_modification_feature.label_comp_id 
_pdbx_modification_feature.label_asym_id 
_pdbx_modification_feature.label_seq_id 
_pdbx_modification_feature.label_alt_id 
_pdbx_modification_feature.modified_residue_label_comp_id 
_pdbx_modification_feature.modified_residue_label_asym_id 
_pdbx_modification_feature.modified_residue_label_seq_id 
_pdbx_modification_feature.modified_residue_label_alt_id 
_pdbx_modification_feature.auth_comp_id 
_pdbx_modification_feature.auth_asym_id 
_pdbx_modification_feature.auth_seq_id 
_pdbx_modification_feature.PDB_ins_code 
_pdbx_modification_feature.symmetry 
_pdbx_modification_feature.modified_residue_auth_comp_id 
_pdbx_modification_feature.modified_residue_auth_asym_id 
_pdbx_modification_feature.modified_residue_auth_seq_id 
_pdbx_modification_feature.modified_residue_PDB_ins_code 
_pdbx_modification_feature.modified_residue_symmetry 
_pdbx_modification_feature.comp_id_linking_atom 
_pdbx_modification_feature.modified_residue_id_linking_atom 
_pdbx_modification_feature.modified_residue_id 
_pdbx_modification_feature.ref_pcm_id 
_pdbx_modification_feature.ref_comp_id 
_pdbx_modification_feature.type 
_pdbx_modification_feature.category 
1 CYS A 4  ? CYS A 60 ? CYS A 4  ? 1_555 CYS A 60 ? 1_555 SG SG . . . None 'Disulfide bridge' 
2 CYS A 18 ? CYS A 29 ? CYS A 18 ? 1_555 CYS A 29 ? 1_555 SG SG . . . None 'Disulfide bridge' 
# 
_struct_sheet.id               A 
_struct_sheet.type             ? 
_struct_sheet.number_strands   2 
_struct_sheet.details          ? 
# 
_struct_sheet_order.sheet_id     A 
_struct_sheet_order.range_id_1   1 
_struct_sheet_order.range_id_2   2 
_struct_sheet_order.offset       ? 
_struct_sheet_order.sense        anti-parallel 
# 
loop_
_struct_sheet_range.sheet_id 
_struct_sheet_range.id 
_struct_sheet_range.beg_label_comp_id 
_struct_sheet_range.beg_label_asym_id 
_struct_sheet_range.beg_label_seq_id 
_struct_sheet_range.pdbx_beg_PDB_ins_code 
_struct_sheet_range.end_label_comp_id 
_struct_sheet_range.end_label_asym_id 
_struct_sheet_range.end_label_seq_id 
_struct_sheet_range.pdbx_end_PDB_ins_code 
_struct_sheet_range.beg_auth_comp_id 
_struct_sheet_range.beg_auth_asym_id 
_struct_sheet_range.beg_auth_seq_id 
_struct_sheet_range.end_auth_comp_id 
_struct_sheet_range.end_auth_asym_id 
_struct_sheet_range.end_auth_seq_id 
A 1 GLY A 90 ? PHE A 91 ? GLY A 90 PHE A 91 
A 2 VAL A 96 ? ASP A 97 ? VAL A 96 ASP A 97 
# 
_pdbx_struct_sheet_hbond.sheet_id                A 
_pdbx_struct_sheet_hbond.range_id_1              1 
_pdbx_struct_sheet_hbond.range_id_2              2 
_pdbx_struct_sheet_hbond.range_1_label_atom_id   O 
_pdbx_struct_sheet_hbond.range_1_label_comp_id   PHE 
_pdbx_struct_sheet_hbond.range_1_label_asym_id   A 
_pdbx_struct_sheet_hbond.range_1_label_seq_id    91 
_pdbx_struct_sheet_hbond.range_1_PDB_ins_code    ? 
_pdbx_struct_sheet_hbond.range_1_auth_atom_id    O 
_pdbx_struct_sheet_hbond.range_1_auth_comp_id    PHE 
_pdbx_struct_sheet_hbond.range_1_auth_asym_id    A 
_pdbx_struct_sheet_hbond.range_1_auth_seq_id     91 
_pdbx_struct_sheet_hbond.range_2_label_atom_id   N 
_pdbx_struct_sheet_hbond.range_2_label_comp_id   VAL 
_pdbx_struct_sheet_hbond.range_2_label_asym_id   A 
_pdbx_struct_sheet_hbond.range_2_label_seq_id    96 
_pdbx_struct_sheet_hbond.range_2_PDB_ins_code    ? 
_pdbx_struct_sheet_hbond.range_2_auth_atom_id    N 
_pdbx_struct_sheet_hbond.range_2_auth_comp_id    VAL 
_pdbx_struct_sheet_hbond.range_2_auth_asym_id    A 
_pdbx_struct_sheet_hbond.range_2_auth_seq_id     96 
# 
_struct_site.id                   AC1 
_struct_site.pdbx_evidence_code   Software 
_struct_site.pdbx_auth_asym_id    A 
_struct_site.pdbx_auth_comp_id    BUL 
_struct_site.pdbx_auth_seq_id     295 
_struct_site.pdbx_auth_ins_code   ? 
_struct_site.pdbx_num_residues    15 
_struct_site.details              'BINDING SITE FOR RESIDUE BUL A 295' 
# 
loop_
_struct_site_gen.id 
_struct_site_gen.site_id 
_struct_site_gen.pdbx_num_res 
_struct_site_gen.label_comp_id 
_struct_site_gen.label_asym_id 
_struct_site_gen.label_seq_id 
_struct_site_gen.pdbx_auth_ins_code 
_struct_site_gen.auth_comp_id 
_struct_site_gen.auth_asym_id 
_struct_site_gen.auth_seq_id 
_struct_site_gen.label_atom_id 
_struct_site_gen.label_alt_id 
_struct_site_gen.symmetry 
_struct_site_gen.details 
1  AC1 15 GLU A 73  ? GLU A 73  . ? 1_555 ? 
2  AC1 15 GLY A 85  ? GLY A 85  . ? 1_555 ? 
3  AC1 15 ARG A 87  ? ARG A 87  . ? 1_555 ? 
4  AC1 15 GLY A 88  ? GLY A 88  . ? 1_555 ? 
5  AC1 15 ASN A 89  ? ASN A 89  . ? 1_555 ? 
6  AC1 15 GLY A 90  ? GLY A 90  . ? 1_555 ? 
7  AC1 15 GLN A 95  ? GLN A 95  . ? 1_555 ? 
8  AC1 15 ASP A 97  ? ASP A 97  . ? 1_555 ? 
9  AC1 15 SER A 100 ? SER A 100 . ? 1_555 ? 
10 AC1 15 HIS A 101 ? HIS A 101 . ? 1_555 ? 
11 AC1 15 PHE A 123 ? PHE A 123 . ? 1_555 ? 
12 AC1 15 TYR A 147 ? TYR A 147 . ? 1_555 ? 
13 AC1 15 ASN A 148 ? ASN A 148 . ? 1_555 ? 
14 AC1 15 GLY A 150 ? GLY A 150 . ? 1_555 ? 
15 AC1 15 HOH C .   ? HOH A 233 . ? 1_555 ? 
# 
_pdbx_entry_details.entry_id                   1LSP 
_pdbx_entry_details.compound_details           ? 
_pdbx_entry_details.source_details             ? 
_pdbx_entry_details.nonpolymer_details         ? 
_pdbx_entry_details.sequence_details           ? 
_pdbx_entry_details.has_ligand_of_interest     ? 
_pdbx_entry_details.has_protein_modification   Y 
# 
loop_
_pdbx_validate_rmsd_angle.id 
_pdbx_validate_rmsd_angle.PDB_model_num 
_pdbx_validate_rmsd_angle.auth_atom_id_1 
_pdbx_validate_rmsd_angle.auth_asym_id_1 
_pdbx_validate_rmsd_angle.auth_comp_id_1 
_pdbx_validate_rmsd_angle.auth_seq_id_1 
_pdbx_validate_rmsd_angle.PDB_ins_code_1 
_pdbx_validate_rmsd_angle.label_alt_id_1 
_pdbx_validate_rmsd_angle.auth_atom_id_2 
_pdbx_validate_rmsd_angle.auth_asym_id_2 
_pdbx_validate_rmsd_angle.auth_comp_id_2 
_pdbx_validate_rmsd_angle.auth_seq_id_2 
_pdbx_validate_rmsd_angle.PDB_ins_code_2 
_pdbx_validate_rmsd_angle.label_alt_id_2 
_pdbx_validate_rmsd_angle.auth_atom_id_3 
_pdbx_validate_rmsd_angle.auth_asym_id_3 
_pdbx_validate_rmsd_angle.auth_comp_id_3 
_pdbx_validate_rmsd_angle.auth_seq_id_3 
_pdbx_validate_rmsd_angle.PDB_ins_code_3 
_pdbx_validate_rmsd_angle.label_alt_id_3 
_pdbx_validate_rmsd_angle.angle_value 
_pdbx_validate_rmsd_angle.angle_target_value 
_pdbx_validate_rmsd_angle.angle_deviation 
_pdbx_validate_rmsd_angle.angle_standard_deviation 
_pdbx_validate_rmsd_angle.linker_flag 
1  1 CB  A ASP 3   ? ? CG A ASP 3   ? ? OD2 A ASP 3   ? ? 111.32 118.30 -6.98  0.90 N 
2  1 CA  A ILE 11  ? ? C  A ILE 11  ? ? O   A ILE 11  ? ? 136.35 120.10 16.25  2.10 N 
3  1 CB  A ASP 12  ? ? CG A ASP 12  ? ? OD1 A ASP 12  ? ? 124.46 118.30 6.16   0.90 N 
4  1 NH1 A ARG 40  ? ? CZ A ARG 40  ? ? NH2 A ARG 40  ? ? 128.19 119.40 8.79   1.10 N 
5  1 NE  A ARG 40  ? ? CZ A ARG 40  ? ? NH2 A ARG 40  ? ? 109.77 120.30 -10.53 0.50 N 
6  1 CB  A LEU 42  ? ? CG A LEU 42  ? ? CD1 A LEU 42  ? ? 123.40 111.00 12.40  1.70 N 
7  1 CB  A LEU 42  ? ? CG A LEU 42  ? ? CD2 A LEU 42  ? ? 98.00  111.00 -13.00 1.70 N 
8  1 NH1 A ARG 72  ? ? CZ A ARG 72  ? ? NH2 A ARG 72  ? ? 128.00 119.40 8.60   1.10 N 
9  1 NE  A ARG 72  ? ? CZ A ARG 72  ? ? NH2 A ARG 72  ? ? 114.09 120.30 -6.21  0.50 N 
10 1 CB  A ALA 76  ? ? CA A ALA 76  ? ? C   A ALA 76  ? ? 119.23 110.10 9.13   1.50 N 
11 1 N   A VAL 79  ? ? CA A VAL 79  ? ? CB  A VAL 79  ? ? 95.36  111.50 -16.14 2.20 N 
12 1 CB  A ASP 86  ? ? CG A ASP 86  ? ? OD1 A ASP 86  ? ? 112.17 118.30 -6.13  0.90 N 
13 1 NE  A ARG 87  ? ? CZ A ARG 87  ? ? NH2 A ARG 87  ? ? 116.63 120.30 -3.67  0.50 N 
14 1 NE  A ARG 126 ? ? CZ A ARG 126 ? ? NH2 A ARG 126 ? ? 123.90 120.30 3.60   0.50 N 
15 1 CB  A LYS 136 ? ? CA A LYS 136 ? ? C   A LYS 136 ? ? 122.48 110.40 12.08  2.00 N 
16 1 CB  A ASP 137 ? ? CG A ASP 137 ? ? OD2 A ASP 137 ? ? 124.15 118.30 5.85   0.90 N 
17 1 O   A SER 145 ? ? C  A SER 145 ? ? N   A ALA 146 ? ? 112.99 122.70 -9.71  1.60 Y 
18 1 CB  A ALA 146 ? ? CA A ALA 146 ? ? C   A ALA 146 ? ? 119.58 110.10 9.48   1.50 N 
19 1 CD  A ARG 155 ? ? NE A ARG 155 ? ? CZ  A ARG 155 ? ? 113.22 123.60 -10.38 1.40 N 
20 1 NE  A ARG 155 ? ? CZ A ARG 155 ? ? NH2 A ARG 155 ? ? 114.03 120.30 -6.27  0.50 N 
21 1 CB  A ALA 158 ? ? CA A ALA 158 ? ? C   A ALA 158 ? ? 101.06 110.10 -9.04  1.50 N 
22 1 NE  A ARG 159 ? ? CZ A ARG 159 ? ? NH1 A ARG 159 ? ? 116.07 120.30 -4.23  0.50 N 
23 1 CB  A ASP 161 ? ? CG A ASP 161 ? ? OD1 A ASP 161 ? ? 123.91 118.30 5.61   0.90 N 
24 1 CB  A ASP 161 ? ? CG A ASP 161 ? ? OD2 A ASP 161 ? ? 111.07 118.30 -7.23  0.90 N 
25 1 CB  A ASP 167 ? ? CG A ASP 167 ? ? OD1 A ASP 167 ? ? 125.58 118.30 7.28   0.90 N 
26 1 CB  A ASP 168 ? ? CG A ASP 168 ? ? OD2 A ASP 168 ? ? 110.45 118.30 -7.85  0.90 N 
27 1 CB  A TYR 169 ? ? CG A TYR 169 ? ? CD2 A TYR 169 ? ? 116.56 121.00 -4.44  0.60 N 
28 1 CB  A ASP 172 ? ? CG A ASP 172 ? ? OD1 A ASP 172 ? ? 112.53 118.30 -5.77  0.90 N 
29 1 NE  A ARG 176 ? ? CZ A ARG 176 ? ? NH1 A ARG 176 ? ? 109.72 120.30 -10.58 0.50 N 
30 1 NE  A ARG 176 ? ? CZ A ARG 176 ? ? NH2 A ARG 176 ? ? 129.47 120.30 9.17   0.50 N 
31 1 CB  A LYS 181 ? ? CA A LYS 181 ? ? C   A LYS 181 ? ? 95.44  110.40 -14.96 2.00 N 
32 1 N   A LYS 181 ? ? CA A LYS 181 ? ? CB  A LYS 181 ? ? 123.90 110.60 13.30  1.80 N 
# 
loop_
_pdbx_validate_torsion.id 
_pdbx_validate_torsion.PDB_model_num 
_pdbx_validate_torsion.auth_comp_id 
_pdbx_validate_torsion.auth_asym_id 
_pdbx_validate_torsion.auth_seq_id 
_pdbx_validate_torsion.PDB_ins_code 
_pdbx_validate_torsion.label_alt_id 
_pdbx_validate_torsion.phi 
_pdbx_validate_torsion.psi 
1 1 CYS A 29  ? ? -113.60 -167.57 
2 1 PRO A 63  ? ? -32.54  -36.03  
3 1 HIS A 75  ? ? 70.71   39.26   
4 1 ASP A 168 ? ? -152.12 9.43    
# 
loop_
_pdbx_validate_planes.id 
_pdbx_validate_planes.PDB_model_num 
_pdbx_validate_planes.auth_comp_id 
_pdbx_validate_planes.auth_asym_id 
_pdbx_validate_planes.auth_seq_id 
_pdbx_validate_planes.PDB_ins_code 
_pdbx_validate_planes.label_alt_id 
_pdbx_validate_planes.rmsd 
_pdbx_validate_planes.type 
1 1 ARG A 1   ? ? 0.127 'SIDE CHAIN' 
2 1 ARG A 40  ? ? 0.257 'SIDE CHAIN' 
3 1 ARG A 72  ? ? 0.135 'SIDE CHAIN' 
4 1 ARG A 87  ? ? 0.105 'SIDE CHAIN' 
5 1 ARG A 126 ? ? 0.160 'SIDE CHAIN' 
6 1 ARG A 159 ? ? 0.185 'SIDE CHAIN' 
# 
loop_
_chem_comp_atom.comp_id 
_chem_comp_atom.atom_id 
_chem_comp_atom.type_symbol 
_chem_comp_atom.pdbx_aromatic_flag 
_chem_comp_atom.pdbx_stereo_config 
_chem_comp_atom.pdbx_ordinal 
ALA N    N N N 1   
ALA CA   C N S 2   
ALA C    C N N 3   
ALA O    O N N 4   
ALA CB   C N N 5   
ALA OXT  O N N 6   
ALA H    H N N 7   
ALA H2   H N N 8   
ALA HA   H N N 9   
ALA HB1  H N N 10  
ALA HB2  H N N 11  
ALA HB3  H N N 12  
ALA HXT  H N N 13  
ARG N    N N N 14  
ARG CA   C N S 15  
ARG C    C N N 16  
ARG O    O N N 17  
ARG CB   C N N 18  
ARG CG   C N N 19  
ARG CD   C N N 20  
ARG NE   N N N 21  
ARG CZ   C N N 22  
ARG NH1  N N N 23  
ARG NH2  N N N 24  
ARG OXT  O N N 25  
ARG H    H N N 26  
ARG H2   H N N 27  
ARG HA   H N N 28  
ARG HB2  H N N 29  
ARG HB3  H N N 30  
ARG HG2  H N N 31  
ARG HG3  H N N 32  
ARG HD2  H N N 33  
ARG HD3  H N N 34  
ARG HE   H N N 35  
ARG HH11 H N N 36  
ARG HH12 H N N 37  
ARG HH21 H N N 38  
ARG HH22 H N N 39  
ARG HXT  H N N 40  
ASN N    N N N 41  
ASN CA   C N S 42  
ASN C    C N N 43  
ASN O    O N N 44  
ASN CB   C N N 45  
ASN CG   C N N 46  
ASN OD1  O N N 47  
ASN ND2  N N N 48  
ASN OXT  O N N 49  
ASN H    H N N 50  
ASN H2   H N N 51  
ASN HA   H N N 52  
ASN HB2  H N N 53  
ASN HB3  H N N 54  
ASN HD21 H N N 55  
ASN HD22 H N N 56  
ASN HXT  H N N 57  
ASP N    N N N 58  
ASP CA   C N S 59  
ASP C    C N N 60  
ASP O    O N N 61  
ASP CB   C N N 62  
ASP CG   C N N 63  
ASP OD1  O N N 64  
ASP OD2  O N N 65  
ASP OXT  O N N 66  
ASP H    H N N 67  
ASP H2   H N N 68  
ASP HA   H N N 69  
ASP HB2  H N N 70  
ASP HB3  H N N 71  
ASP HD2  H N N 72  
ASP HXT  H N N 73  
BUL O1   O N N 74  
BUL C2   C N R 75  
BUL C3   C N R 76  
BUL C4   C N R 77  
BUL C5   C N S 78  
BUL C6   C N R 79  
BUL N7   N N N 80  
BUL C8   C N S 81  
BUL C9   C N N 82  
BUL C10  C N S 83  
BUL C11  C N R 84  
BUL C12  C N N 85  
BUL O13  O N N 86  
BUL O14  O N N 87  
BUL O15  O N N 88  
BUL N16  N N N 89  
BUL C17  C N N 90  
BUL O18  O N N 91  
BUL C19  C N N 92  
BUL O20  O N N 93  
BUL C21  C N N 94  
BUL O22  O N N 95  
BUL C23  C N N 96  
BUL O24  O N N 97  
BUL N25  N N N 98  
BUL C26  C N N 99  
BUL C27  C N N 100 
BUL S28  S N N 101 
BUL O29  O N N 102 
BUL O30  O N N 103 
BUL O31  O N N 104 
BUL S32  S N N 105 
BUL O33  O N N 106 
BUL O34  O N N 107 
BUL O35  O N N 108 
BUL H2   H N N 109 
BUL H3   H N N 110 
BUL H4   H N N 111 
BUL H5   H N N 112 
BUL H6   H N N 113 
BUL H7   H N N 114 
BUL H8   H N N 115 
BUL H91  H N N 116 
BUL H92  H N N 117 
BUL H10  H N N 118 
BUL H11  H N N 119 
BUL H121 H N N 120 
BUL H122 H N N 121 
BUL H13  H N N 122 
BUL H15  H N N 123 
BUL H16  H N N 124 
BUL H191 H N N 125 
BUL H192 H N N 126 
BUL H193 H N N 127 
BUL H211 H N N 128 
BUL H212 H N N 129 
BUL H22  H N N 130 
BUL H25  H N N 131 
BUL H261 H N N 132 
BUL H262 H N N 133 
BUL H271 H N N 134 
BUL H272 H N N 135 
BUL H31  H N N 136 
BUL H35  H N N 137 
CYS N    N N N 138 
CYS CA   C N R 139 
CYS C    C N N 140 
CYS O    O N N 141 
CYS CB   C N N 142 
CYS SG   S N N 143 
CYS OXT  O N N 144 
CYS H    H N N 145 
CYS H2   H N N 146 
CYS HA   H N N 147 
CYS HB2  H N N 148 
CYS HB3  H N N 149 
CYS HG   H N N 150 
CYS HXT  H N N 151 
GLN N    N N N 152 
GLN CA   C N S 153 
GLN C    C N N 154 
GLN O    O N N 155 
GLN CB   C N N 156 
GLN CG   C N N 157 
GLN CD   C N N 158 
GLN OE1  O N N 159 
GLN NE2  N N N 160 
GLN OXT  O N N 161 
GLN H    H N N 162 
GLN H2   H N N 163 
GLN HA   H N N 164 
GLN HB2  H N N 165 
GLN HB3  H N N 166 
GLN HG2  H N N 167 
GLN HG3  H N N 168 
GLN HE21 H N N 169 
GLN HE22 H N N 170 
GLN HXT  H N N 171 
GLU N    N N N 172 
GLU CA   C N S 173 
GLU C    C N N 174 
GLU O    O N N 175 
GLU CB   C N N 176 
GLU CG   C N N 177 
GLU CD   C N N 178 
GLU OE1  O N N 179 
GLU OE2  O N N 180 
GLU OXT  O N N 181 
GLU H    H N N 182 
GLU H2   H N N 183 
GLU HA   H N N 184 
GLU HB2  H N N 185 
GLU HB3  H N N 186 
GLU HG2  H N N 187 
GLU HG3  H N N 188 
GLU HE2  H N N 189 
GLU HXT  H N N 190 
GLY N    N N N 191 
GLY CA   C N N 192 
GLY C    C N N 193 
GLY O    O N N 194 
GLY OXT  O N N 195 
GLY H    H N N 196 
GLY H2   H N N 197 
GLY HA2  H N N 198 
GLY HA3  H N N 199 
GLY HXT  H N N 200 
HIS N    N N N 201 
HIS CA   C N S 202 
HIS C    C N N 203 
HIS O    O N N 204 
HIS CB   C N N 205 
HIS CG   C Y N 206 
HIS ND1  N Y N 207 
HIS CD2  C Y N 208 
HIS CE1  C Y N 209 
HIS NE2  N Y N 210 
HIS OXT  O N N 211 
HIS H    H N N 212 
HIS H2   H N N 213 
HIS HA   H N N 214 
HIS HB2  H N N 215 
HIS HB3  H N N 216 
HIS HD1  H N N 217 
HIS HD2  H N N 218 
HIS HE1  H N N 219 
HIS HE2  H N N 220 
HIS HXT  H N N 221 
HOH O    O N N 222 
HOH H1   H N N 223 
HOH H2   H N N 224 
ILE N    N N N 225 
ILE CA   C N S 226 
ILE C    C N N 227 
ILE O    O N N 228 
ILE CB   C N S 229 
ILE CG1  C N N 230 
ILE CG2  C N N 231 
ILE CD1  C N N 232 
ILE OXT  O N N 233 
ILE H    H N N 234 
ILE H2   H N N 235 
ILE HA   H N N 236 
ILE HB   H N N 237 
ILE HG12 H N N 238 
ILE HG13 H N N 239 
ILE HG21 H N N 240 
ILE HG22 H N N 241 
ILE HG23 H N N 242 
ILE HD11 H N N 243 
ILE HD12 H N N 244 
ILE HD13 H N N 245 
ILE HXT  H N N 246 
LEU N    N N N 247 
LEU CA   C N S 248 
LEU C    C N N 249 
LEU O    O N N 250 
LEU CB   C N N 251 
LEU CG   C N N 252 
LEU CD1  C N N 253 
LEU CD2  C N N 254 
LEU OXT  O N N 255 
LEU H    H N N 256 
LEU H2   H N N 257 
LEU HA   H N N 258 
LEU HB2  H N N 259 
LEU HB3  H N N 260 
LEU HG   H N N 261 
LEU HD11 H N N 262 
LEU HD12 H N N 263 
LEU HD13 H N N 264 
LEU HD21 H N N 265 
LEU HD22 H N N 266 
LEU HD23 H N N 267 
LEU HXT  H N N 268 
LYS N    N N N 269 
LYS CA   C N S 270 
LYS C    C N N 271 
LYS O    O N N 272 
LYS CB   C N N 273 
LYS CG   C N N 274 
LYS CD   C N N 275 
LYS CE   C N N 276 
LYS NZ   N N N 277 
LYS OXT  O N N 278 
LYS H    H N N 279 
LYS H2   H N N 280 
LYS HA   H N N 281 
LYS HB2  H N N 282 
LYS HB3  H N N 283 
LYS HG2  H N N 284 
LYS HG3  H N N 285 
LYS HD2  H N N 286 
LYS HD3  H N N 287 
LYS HE2  H N N 288 
LYS HE3  H N N 289 
LYS HZ1  H N N 290 
LYS HZ2  H N N 291 
LYS HZ3  H N N 292 
LYS HXT  H N N 293 
MET N    N N N 294 
MET CA   C N S 295 
MET C    C N N 296 
MET O    O N N 297 
MET CB   C N N 298 
MET CG   C N N 299 
MET SD   S N N 300 
MET CE   C N N 301 
MET OXT  O N N 302 
MET H    H N N 303 
MET H2   H N N 304 
MET HA   H N N 305 
MET HB2  H N N 306 
MET HB3  H N N 307 
MET HG2  H N N 308 
MET HG3  H N N 309 
MET HE1  H N N 310 
MET HE2  H N N 311 
MET HE3  H N N 312 
MET HXT  H N N 313 
PHE N    N N N 314 
PHE CA   C N S 315 
PHE C    C N N 316 
PHE O    O N N 317 
PHE CB   C N N 318 
PHE CG   C Y N 319 
PHE CD1  C Y N 320 
PHE CD2  C Y N 321 
PHE CE1  C Y N 322 
PHE CE2  C Y N 323 
PHE CZ   C Y N 324 
PHE OXT  O N N 325 
PHE H    H N N 326 
PHE H2   H N N 327 
PHE HA   H N N 328 
PHE HB2  H N N 329 
PHE HB3  H N N 330 
PHE HD1  H N N 331 
PHE HD2  H N N 332 
PHE HE1  H N N 333 
PHE HE2  H N N 334 
PHE HZ   H N N 335 
PHE HXT  H N N 336 
PRO N    N N N 337 
PRO CA   C N S 338 
PRO C    C N N 339 
PRO O    O N N 340 
PRO CB   C N N 341 
PRO CG   C N N 342 
PRO CD   C N N 343 
PRO OXT  O N N 344 
PRO H    H N N 345 
PRO HA   H N N 346 
PRO HB2  H N N 347 
PRO HB3  H N N 348 
PRO HG2  H N N 349 
PRO HG3  H N N 350 
PRO HD2  H N N 351 
PRO HD3  H N N 352 
PRO HXT  H N N 353 
SER N    N N N 354 
SER CA   C N S 355 
SER C    C N N 356 
SER O    O N N 357 
SER CB   C N N 358 
SER OG   O N N 359 
SER OXT  O N N 360 
SER H    H N N 361 
SER H2   H N N 362 
SER HA   H N N 363 
SER HB2  H N N 364 
SER HB3  H N N 365 
SER HG   H N N 366 
SER HXT  H N N 367 
THR N    N N N 368 
THR CA   C N S 369 
THR C    C N N 370 
THR O    O N N 371 
THR CB   C N R 372 
THR OG1  O N N 373 
THR CG2  C N N 374 
THR OXT  O N N 375 
THR H    H N N 376 
THR H2   H N N 377 
THR HA   H N N 378 
THR HB   H N N 379 
THR HG1  H N N 380 
THR HG21 H N N 381 
THR HG22 H N N 382 
THR HG23 H N N 383 
THR HXT  H N N 384 
TRP N    N N N 385 
TRP CA   C N S 386 
TRP C    C N N 387 
TRP O    O N N 388 
TRP CB   C N N 389 
TRP CG   C Y N 390 
TRP CD1  C Y N 391 
TRP CD2  C Y N 392 
TRP NE1  N Y N 393 
TRP CE2  C Y N 394 
TRP CE3  C Y N 395 
TRP CZ2  C Y N 396 
TRP CZ3  C Y N 397 
TRP CH2  C Y N 398 
TRP OXT  O N N 399 
TRP H    H N N 400 
TRP H2   H N N 401 
TRP HA   H N N 402 
TRP HB2  H N N 403 
TRP HB3  H N N 404 
TRP HD1  H N N 405 
TRP HE1  H N N 406 
TRP HE3  H N N 407 
TRP HZ2  H N N 408 
TRP HZ3  H N N 409 
TRP HH2  H N N 410 
TRP HXT  H N N 411 
TYR N    N N N 412 
TYR CA   C N S 413 
TYR C    C N N 414 
TYR O    O N N 415 
TYR CB   C N N 416 
TYR CG   C Y N 417 
TYR CD1  C Y N 418 
TYR CD2  C Y N 419 
TYR CE1  C Y N 420 
TYR CE2  C Y N 421 
TYR CZ   C Y N 422 
TYR OH   O N N 423 
TYR OXT  O N N 424 
TYR H    H N N 425 
TYR H2   H N N 426 
TYR HA   H N N 427 
TYR HB2  H N N 428 
TYR HB3  H N N 429 
TYR HD1  H N N 430 
TYR HD2  H N N 431 
TYR HE1  H N N 432 
TYR HE2  H N N 433 
TYR HH   H N N 434 
TYR HXT  H N N 435 
VAL N    N N N 436 
VAL CA   C N S 437 
VAL C    C N N 438 
VAL O    O N N 439 
VAL CB   C N N 440 
VAL CG1  C N N 441 
VAL CG2  C N N 442 
VAL OXT  O N N 443 
VAL H    H N N 444 
VAL H2   H N N 445 
VAL HA   H N N 446 
VAL HB   H N N 447 
VAL HG11 H N N 448 
VAL HG12 H N N 449 
VAL HG13 H N N 450 
VAL HG21 H N N 451 
VAL HG22 H N N 452 
VAL HG23 H N N 453 
VAL HXT  H N N 454 
# 
loop_
_chem_comp_bond.comp_id 
_chem_comp_bond.atom_id_1 
_chem_comp_bond.atom_id_2 
_chem_comp_bond.value_order 
_chem_comp_bond.pdbx_aromatic_flag 
_chem_comp_bond.pdbx_stereo_config 
_chem_comp_bond.pdbx_ordinal 
ALA N   CA   sing N N 1   
ALA N   H    sing N N 2   
ALA N   H2   sing N N 3   
ALA CA  C    sing N N 4   
ALA CA  CB   sing N N 5   
ALA CA  HA   sing N N 6   
ALA C   O    doub N N 7   
ALA C   OXT  sing N N 8   
ALA CB  HB1  sing N N 9   
ALA CB  HB2  sing N N 10  
ALA CB  HB3  sing N N 11  
ALA OXT HXT  sing N N 12  
ARG N   CA   sing N N 13  
ARG N   H    sing N N 14  
ARG N   H2   sing N N 15  
ARG CA  C    sing N N 16  
ARG CA  CB   sing N N 17  
ARG CA  HA   sing N N 18  
ARG C   O    doub N N 19  
ARG C   OXT  sing N N 20  
ARG CB  CG   sing N N 21  
ARG CB  HB2  sing N N 22  
ARG CB  HB3  sing N N 23  
ARG CG  CD   sing N N 24  
ARG CG  HG2  sing N N 25  
ARG CG  HG3  sing N N 26  
ARG CD  NE   sing N N 27  
ARG CD  HD2  sing N N 28  
ARG CD  HD3  sing N N 29  
ARG NE  CZ   sing N N 30  
ARG NE  HE   sing N N 31  
ARG CZ  NH1  sing N N 32  
ARG CZ  NH2  doub N N 33  
ARG NH1 HH11 sing N N 34  
ARG NH1 HH12 sing N N 35  
ARG NH2 HH21 sing N N 36  
ARG NH2 HH22 sing N N 37  
ARG OXT HXT  sing N N 38  
ASN N   CA   sing N N 39  
ASN N   H    sing N N 40  
ASN N   H2   sing N N 41  
ASN CA  C    sing N N 42  
ASN CA  CB   sing N N 43  
ASN CA  HA   sing N N 44  
ASN C   O    doub N N 45  
ASN C   OXT  sing N N 46  
ASN CB  CG   sing N N 47  
ASN CB  HB2  sing N N 48  
ASN CB  HB3  sing N N 49  
ASN CG  OD1  doub N N 50  
ASN CG  ND2  sing N N 51  
ASN ND2 HD21 sing N N 52  
ASN ND2 HD22 sing N N 53  
ASN OXT HXT  sing N N 54  
ASP N   CA   sing N N 55  
ASP N   H    sing N N 56  
ASP N   H2   sing N N 57  
ASP CA  C    sing N N 58  
ASP CA  CB   sing N N 59  
ASP CA  HA   sing N N 60  
ASP C   O    doub N N 61  
ASP C   OXT  sing N N 62  
ASP CB  CG   sing N N 63  
ASP CB  HB2  sing N N 64  
ASP CB  HB3  sing N N 65  
ASP CG  OD1  doub N N 66  
ASP CG  OD2  sing N N 67  
ASP OD2 HD2  sing N N 68  
ASP OXT HXT  sing N N 69  
BUL O1  C2   sing N N 70  
BUL O1  C6   sing N N 71  
BUL C2  C3   sing N N 72  
BUL C2  O20  sing N N 73  
BUL C2  H2   sing N N 74  
BUL C3  C4   sing N N 75  
BUL C3  N16  sing N N 76  
BUL C3  H3   sing N N 77  
BUL C4  C5   sing N N 78  
BUL C4  O15  sing N N 79  
BUL C4  H4   sing N N 80  
BUL C5  C6   sing N N 81  
BUL C5  O14  sing N N 82  
BUL C5  H5   sing N N 83  
BUL C6  C12  sing N N 84  
BUL C6  H6   sing N N 85  
BUL N7  C8   sing N N 86  
BUL N7  C11  sing N N 87  
BUL N7  H7   sing N N 88  
BUL C8  C9   sing N N 89  
BUL C8  C23  sing N N 90  
BUL C8  H8   sing N N 91  
BUL C9  C10  sing N N 92  
BUL C9  H91  sing N N 93  
BUL C9  H92  sing N N 94  
BUL C10 C11  sing N N 95  
BUL C10 O20  sing N N 96  
BUL C10 H10  sing N N 97  
BUL C11 C21  sing N N 98  
BUL C11 H11  sing N N 99  
BUL C12 O13  sing N N 100 
BUL C12 H121 sing N N 101 
BUL C12 H122 sing N N 102 
BUL O13 H13  sing N N 103 
BUL O14 S32  sing N N 104 
BUL O15 H15  sing N N 105 
BUL N16 C17  sing N N 106 
BUL N16 H16  sing N N 107 
BUL C17 O18  doub N N 108 
BUL C17 C19  sing N N 109 
BUL C19 H191 sing N N 110 
BUL C19 H192 sing N N 111 
BUL C19 H193 sing N N 112 
BUL C21 O22  sing N N 113 
BUL C21 H211 sing N N 114 
BUL C21 H212 sing N N 115 
BUL O22 H22  sing N N 116 
BUL C23 O24  doub N N 117 
BUL C23 N25  sing N N 118 
BUL N25 C26  sing N N 119 
BUL N25 H25  sing N N 120 
BUL C26 C27  sing N N 121 
BUL C26 H261 sing N N 122 
BUL C26 H262 sing N N 123 
BUL C27 S28  sing N N 124 
BUL C27 H271 sing N N 125 
BUL C27 H272 sing N N 126 
BUL S28 O29  doub N N 127 
BUL S28 O30  doub N N 128 
BUL S28 O31  sing N N 129 
BUL O31 H31  sing N N 130 
BUL S32 O33  doub N N 131 
BUL S32 O34  doub N N 132 
BUL S32 O35  sing N N 133 
BUL O35 H35  sing N N 134 
CYS N   CA   sing N N 135 
CYS N   H    sing N N 136 
CYS N   H2   sing N N 137 
CYS CA  C    sing N N 138 
CYS CA  CB   sing N N 139 
CYS CA  HA   sing N N 140 
CYS C   O    doub N N 141 
CYS C   OXT  sing N N 142 
CYS CB  SG   sing N N 143 
CYS CB  HB2  sing N N 144 
CYS CB  HB3  sing N N 145 
CYS SG  HG   sing N N 146 
CYS OXT HXT  sing N N 147 
GLN N   CA   sing N N 148 
GLN N   H    sing N N 149 
GLN N   H2   sing N N 150 
GLN CA  C    sing N N 151 
GLN CA  CB   sing N N 152 
GLN CA  HA   sing N N 153 
GLN C   O    doub N N 154 
GLN C   OXT  sing N N 155 
GLN CB  CG   sing N N 156 
GLN CB  HB2  sing N N 157 
GLN CB  HB3  sing N N 158 
GLN CG  CD   sing N N 159 
GLN CG  HG2  sing N N 160 
GLN CG  HG3  sing N N 161 
GLN CD  OE1  doub N N 162 
GLN CD  NE2  sing N N 163 
GLN NE2 HE21 sing N N 164 
GLN NE2 HE22 sing N N 165 
GLN OXT HXT  sing N N 166 
GLU N   CA   sing N N 167 
GLU N   H    sing N N 168 
GLU N   H2   sing N N 169 
GLU CA  C    sing N N 170 
GLU CA  CB   sing N N 171 
GLU CA  HA   sing N N 172 
GLU C   O    doub N N 173 
GLU C   OXT  sing N N 174 
GLU CB  CG   sing N N 175 
GLU CB  HB2  sing N N 176 
GLU CB  HB3  sing N N 177 
GLU CG  CD   sing N N 178 
GLU CG  HG2  sing N N 179 
GLU CG  HG3  sing N N 180 
GLU CD  OE1  doub N N 181 
GLU CD  OE2  sing N N 182 
GLU OE2 HE2  sing N N 183 
GLU OXT HXT  sing N N 184 
GLY N   CA   sing N N 185 
GLY N   H    sing N N 186 
GLY N   H2   sing N N 187 
GLY CA  C    sing N N 188 
GLY CA  HA2  sing N N 189 
GLY CA  HA3  sing N N 190 
GLY C   O    doub N N 191 
GLY C   OXT  sing N N 192 
GLY OXT HXT  sing N N 193 
HIS N   CA   sing N N 194 
HIS N   H    sing N N 195 
HIS N   H2   sing N N 196 
HIS CA  C    sing N N 197 
HIS CA  CB   sing N N 198 
HIS CA  HA   sing N N 199 
HIS C   O    doub N N 200 
HIS C   OXT  sing N N 201 
HIS CB  CG   sing N N 202 
HIS CB  HB2  sing N N 203 
HIS CB  HB3  sing N N 204 
HIS CG  ND1  sing Y N 205 
HIS CG  CD2  doub Y N 206 
HIS ND1 CE1  doub Y N 207 
HIS ND1 HD1  sing N N 208 
HIS CD2 NE2  sing Y N 209 
HIS CD2 HD2  sing N N 210 
HIS CE1 NE2  sing Y N 211 
HIS CE1 HE1  sing N N 212 
HIS NE2 HE2  sing N N 213 
HIS OXT HXT  sing N N 214 
HOH O   H1   sing N N 215 
HOH O   H2   sing N N 216 
ILE N   CA   sing N N 217 
ILE N   H    sing N N 218 
ILE N   H2   sing N N 219 
ILE CA  C    sing N N 220 
ILE CA  CB   sing N N 221 
ILE CA  HA   sing N N 222 
ILE C   O    doub N N 223 
ILE C   OXT  sing N N 224 
ILE CB  CG1  sing N N 225 
ILE CB  CG2  sing N N 226 
ILE CB  HB   sing N N 227 
ILE CG1 CD1  sing N N 228 
ILE CG1 HG12 sing N N 229 
ILE CG1 HG13 sing N N 230 
ILE CG2 HG21 sing N N 231 
ILE CG2 HG22 sing N N 232 
ILE CG2 HG23 sing N N 233 
ILE CD1 HD11 sing N N 234 
ILE CD1 HD12 sing N N 235 
ILE CD1 HD13 sing N N 236 
ILE OXT HXT  sing N N 237 
LEU N   CA   sing N N 238 
LEU N   H    sing N N 239 
LEU N   H2   sing N N 240 
LEU CA  C    sing N N 241 
LEU CA  CB   sing N N 242 
LEU CA  HA   sing N N 243 
LEU C   O    doub N N 244 
LEU C   OXT  sing N N 245 
LEU CB  CG   sing N N 246 
LEU CB  HB2  sing N N 247 
LEU CB  HB3  sing N N 248 
LEU CG  CD1  sing N N 249 
LEU CG  CD2  sing N N 250 
LEU CG  HG   sing N N 251 
LEU CD1 HD11 sing N N 252 
LEU CD1 HD12 sing N N 253 
LEU CD1 HD13 sing N N 254 
LEU CD2 HD21 sing N N 255 
LEU CD2 HD22 sing N N 256 
LEU CD2 HD23 sing N N 257 
LEU OXT HXT  sing N N 258 
LYS N   CA   sing N N 259 
LYS N   H    sing N N 260 
LYS N   H2   sing N N 261 
LYS CA  C    sing N N 262 
LYS CA  CB   sing N N 263 
LYS CA  HA   sing N N 264 
LYS C   O    doub N N 265 
LYS C   OXT  sing N N 266 
LYS CB  CG   sing N N 267 
LYS CB  HB2  sing N N 268 
LYS CB  HB3  sing N N 269 
LYS CG  CD   sing N N 270 
LYS CG  HG2  sing N N 271 
LYS CG  HG3  sing N N 272 
LYS CD  CE   sing N N 273 
LYS CD  HD2  sing N N 274 
LYS CD  HD3  sing N N 275 
LYS CE  NZ   sing N N 276 
LYS CE  HE2  sing N N 277 
LYS CE  HE3  sing N N 278 
LYS NZ  HZ1  sing N N 279 
LYS NZ  HZ2  sing N N 280 
LYS NZ  HZ3  sing N N 281 
LYS OXT HXT  sing N N 282 
MET N   CA   sing N N 283 
MET N   H    sing N N 284 
MET N   H2   sing N N 285 
MET CA  C    sing N N 286 
MET CA  CB   sing N N 287 
MET CA  HA   sing N N 288 
MET C   O    doub N N 289 
MET C   OXT  sing N N 290 
MET CB  CG   sing N N 291 
MET CB  HB2  sing N N 292 
MET CB  HB3  sing N N 293 
MET CG  SD   sing N N 294 
MET CG  HG2  sing N N 295 
MET CG  HG3  sing N N 296 
MET SD  CE   sing N N 297 
MET CE  HE1  sing N N 298 
MET CE  HE2  sing N N 299 
MET CE  HE3  sing N N 300 
MET OXT HXT  sing N N 301 
PHE N   CA   sing N N 302 
PHE N   H    sing N N 303 
PHE N   H2   sing N N 304 
PHE CA  C    sing N N 305 
PHE CA  CB   sing N N 306 
PHE CA  HA   sing N N 307 
PHE C   O    doub N N 308 
PHE C   OXT  sing N N 309 
PHE CB  CG   sing N N 310 
PHE CB  HB2  sing N N 311 
PHE CB  HB3  sing N N 312 
PHE CG  CD1  doub Y N 313 
PHE CG  CD2  sing Y N 314 
PHE CD1 CE1  sing Y N 315 
PHE CD1 HD1  sing N N 316 
PHE CD2 CE2  doub Y N 317 
PHE CD2 HD2  sing N N 318 
PHE CE1 CZ   doub Y N 319 
PHE CE1 HE1  sing N N 320 
PHE CE2 CZ   sing Y N 321 
PHE CE2 HE2  sing N N 322 
PHE CZ  HZ   sing N N 323 
PHE OXT HXT  sing N N 324 
PRO N   CA   sing N N 325 
PRO N   CD   sing N N 326 
PRO N   H    sing N N 327 
PRO CA  C    sing N N 328 
PRO CA  CB   sing N N 329 
PRO CA  HA   sing N N 330 
PRO C   O    doub N N 331 
PRO C   OXT  sing N N 332 
PRO CB  CG   sing N N 333 
PRO CB  HB2  sing N N 334 
PRO CB  HB3  sing N N 335 
PRO CG  CD   sing N N 336 
PRO CG  HG2  sing N N 337 
PRO CG  HG3  sing N N 338 
PRO CD  HD2  sing N N 339 
PRO CD  HD3  sing N N 340 
PRO OXT HXT  sing N N 341 
SER N   CA   sing N N 342 
SER N   H    sing N N 343 
SER N   H2   sing N N 344 
SER CA  C    sing N N 345 
SER CA  CB   sing N N 346 
SER CA  HA   sing N N 347 
SER C   O    doub N N 348 
SER C   OXT  sing N N 349 
SER CB  OG   sing N N 350 
SER CB  HB2  sing N N 351 
SER CB  HB3  sing N N 352 
SER OG  HG   sing N N 353 
SER OXT HXT  sing N N 354 
THR N   CA   sing N N 355 
THR N   H    sing N N 356 
THR N   H2   sing N N 357 
THR CA  C    sing N N 358 
THR CA  CB   sing N N 359 
THR CA  HA   sing N N 360 
THR C   O    doub N N 361 
THR C   OXT  sing N N 362 
THR CB  OG1  sing N N 363 
THR CB  CG2  sing N N 364 
THR CB  HB   sing N N 365 
THR OG1 HG1  sing N N 366 
THR CG2 HG21 sing N N 367 
THR CG2 HG22 sing N N 368 
THR CG2 HG23 sing N N 369 
THR OXT HXT  sing N N 370 
TRP N   CA   sing N N 371 
TRP N   H    sing N N 372 
TRP N   H2   sing N N 373 
TRP CA  C    sing N N 374 
TRP CA  CB   sing N N 375 
TRP CA  HA   sing N N 376 
TRP C   O    doub N N 377 
TRP C   OXT  sing N N 378 
TRP CB  CG   sing N N 379 
TRP CB  HB2  sing N N 380 
TRP CB  HB3  sing N N 381 
TRP CG  CD1  doub Y N 382 
TRP CG  CD2  sing Y N 383 
TRP CD1 NE1  sing Y N 384 
TRP CD1 HD1  sing N N 385 
TRP CD2 CE2  doub Y N 386 
TRP CD2 CE3  sing Y N 387 
TRP NE1 CE2  sing Y N 388 
TRP NE1 HE1  sing N N 389 
TRP CE2 CZ2  sing Y N 390 
TRP CE3 CZ3  doub Y N 391 
TRP CE3 HE3  sing N N 392 
TRP CZ2 CH2  doub Y N 393 
TRP CZ2 HZ2  sing N N 394 
TRP CZ3 CH2  sing Y N 395 
TRP CZ3 HZ3  sing N N 396 
TRP CH2 HH2  sing N N 397 
TRP OXT HXT  sing N N 398 
TYR N   CA   sing N N 399 
TYR N   H    sing N N 400 
TYR N   H2   sing N N 401 
TYR CA  C    sing N N 402 
TYR CA  CB   sing N N 403 
TYR CA  HA   sing N N 404 
TYR C   O    doub N N 405 
TYR C   OXT  sing N N 406 
TYR CB  CG   sing N N 407 
TYR CB  HB2  sing N N 408 
TYR CB  HB3  sing N N 409 
TYR CG  CD1  doub Y N 410 
TYR CG  CD2  sing Y N 411 
TYR CD1 CE1  sing Y N 412 
TYR CD1 HD1  sing N N 413 
TYR CD2 CE2  doub Y N 414 
TYR CD2 HD2  sing N N 415 
TYR CE1 CZ   doub Y N 416 
TYR CE1 HE1  sing N N 417 
TYR CE2 CZ   sing Y N 418 
TYR CE2 HE2  sing N N 419 
TYR CZ  OH   sing N N 420 
TYR OH  HH   sing N N 421 
TYR OXT HXT  sing N N 422 
VAL N   CA   sing N N 423 
VAL N   H    sing N N 424 
VAL N   H2   sing N N 425 
VAL CA  C    sing N N 426 
VAL CA  CB   sing N N 427 
VAL CA  HA   sing N N 428 
VAL C   O    doub N N 429 
VAL C   OXT  sing N N 430 
VAL CB  CG1  sing N N 431 
VAL CB  CG2  sing N N 432 
VAL CB  HB   sing N N 433 
VAL CG1 HG11 sing N N 434 
VAL CG1 HG12 sing N N 435 
VAL CG1 HG13 sing N N 436 
VAL CG2 HG21 sing N N 437 
VAL CG2 HG22 sing N N 438 
VAL CG2 HG23 sing N N 439 
VAL OXT HXT  sing N N 440 
# 
_atom_sites.entry_id                    1LSP 
_atom_sites.fract_transf_matrix[1][1]   0.01046113 
_atom_sites.fract_transf_matrix[1][2]   -0.00303094 
_atom_sites.fract_transf_matrix[1][3]   0.00056487 
_atom_sites.fract_transf_matrix[2][1]   0.00350280 
_atom_sites.fract_transf_matrix[2][2]   0.01003726 
_atom_sites.fract_transf_matrix[2][3]   -0.01101309 
_atom_sites.fract_transf_matrix[3][1]   0.00435095 
_atom_sites.fract_transf_matrix[3][2]   0.01840041 
_atom_sites.fract_transf_matrix[3][3]   0.01815388 
_atom_sites.fract_transf_vector[1]      -0.126174 
_atom_sites.fract_transf_vector[2]      -0.246799 
_atom_sites.fract_transf_vector[3]      0.155436 
# 
loop_
_atom_type.symbol 
C 
N 
O 
S 
# 
loop_
_atom_site.group_PDB 
_atom_site.id 
_atom_site.type_symbol 
_atom_site.label_atom_id 
_atom_site.label_alt_id 
_atom_site.label_comp_id 
_atom_site.label_asym_id 
_atom_site.label_entity_id 
_atom_site.label_seq_id 
_atom_site.pdbx_PDB_ins_code 
_atom_site.Cartn_x 
_atom_site.Cartn_y 
_atom_site.Cartn_z 
_atom_site.occupancy 
_atom_site.B_iso_or_equiv 
_atom_site.pdbx_formal_charge 
_atom_site.auth_seq_id 
_atom_site.auth_comp_id 
_atom_site.auth_asym_id 
_atom_site.auth_atom_id 
_atom_site.pdbx_PDB_model_num 
ATOM   1    N N   . ARG A 1 1   ? 18.480  -5.564  2.359   1.00 31.45 ? 1   ARG A N   1 
ATOM   2    C CA  . ARG A 1 1   ? 17.568  -6.559  2.892   1.00 13.50 ? 1   ARG A CA  1 
ATOM   3    C C   . ARG A 1 1   ? 16.161  -5.983  2.915   1.00 14.96 ? 1   ARG A C   1 
ATOM   4    O O   . ARG A 1 1   ? 15.897  -4.943  3.559   1.00 17.82 ? 1   ARG A O   1 
ATOM   5    C CB  . ARG A 1 1   ? 17.907  -7.002  4.310   1.00 33.19 ? 1   ARG A CB  1 
ATOM   6    C CG  . ARG A 1 1   ? 18.700  -8.279  4.429   1.00 46.44 ? 1   ARG A CG  1 
ATOM   7    C CD  . ARG A 1 1   ? 18.117  -9.267  5.405   1.00 38.15 ? 1   ARG A CD  1 
ATOM   8    N NE  . ARG A 1 1   ? 18.498  -10.624 4.977   1.00 36.55 ? 1   ARG A NE  1 
ATOM   9    C CZ  . ARG A 1 1   ? 17.887  -11.235 3.955   1.00 23.47 ? 1   ARG A CZ  1 
ATOM   10   N NH1 . ARG A 1 1   ? 17.275  -10.519 3.012   1.00 66.61 ? 1   ARG A NH1 1 
ATOM   11   N NH2 . ARG A 1 1   ? 17.838  -12.552 3.843   1.00 44.50 ? 1   ARG A NH2 1 
ATOM   12   N N   . THR A 1 2   ? 15.301  -6.691  2.191   1.00 9.15  ? 2   THR A N   1 
ATOM   13   C CA  . THR A 1 2   ? 13.933  -6.203  2.173   1.00 1.50  ? 2   THR A CA  1 
ATOM   14   C C   . THR A 1 2   ? 12.989  -7.270  2.710   1.00 9.30  ? 2   THR A C   1 
ATOM   15   O O   . THR A 1 2   ? 11.783  -7.090  2.452   1.00 23.77 ? 2   THR A O   1 
ATOM   16   C CB  . THR A 1 2   ? 13.499  -5.704  0.743   1.00 10.98 ? 2   THR A CB  1 
ATOM   17   O OG1 . THR A 1 2   ? 13.559  -6.872  -0.129  1.00 9.52  ? 2   THR A OG1 1 
ATOM   18   C CG2 . THR A 1 2   ? 14.328  -4.569  0.162   1.00 1.50  ? 2   THR A CG2 1 
ATOM   19   N N   . ASP A 1 3   ? 13.496  -8.271  3.441   1.00 18.47 ? 3   ASP A N   1 
ATOM   20   C CA  . ASP A 1 3   ? 12.490  -9.283  3.874   1.00 27.07 ? 3   ASP A CA  1 
ATOM   21   C C   . ASP A 1 3   ? 12.234  -9.478  5.354   1.00 21.71 ? 3   ASP A C   1 
ATOM   22   O O   . ASP A 1 3   ? 11.821  -10.575 5.822   1.00 20.94 ? 3   ASP A O   1 
ATOM   23   C CB  . ASP A 1 3   ? 12.957  -10.584 3.199   1.00 17.69 ? 3   ASP A CB  1 
ATOM   24   C CG  . ASP A 1 3   ? 14.309  -11.038 3.690   1.00 25.92 ? 3   ASP A CG  1 
ATOM   25   O OD1 . ASP A 1 3   ? 15.075  -10.258 4.290   1.00 23.47 ? 3   ASP A OD1 1 
ATOM   26   O OD2 . ASP A 1 3   ? 14.517  -12.234 3.405   1.00 26.46 ? 3   ASP A OD2 1 
ATOM   27   N N   . CYS A 1 4   ? 12.385  -8.422  6.106   1.00 9.46  ? 4   CYS A N   1 
ATOM   28   C CA  . CYS A 1 4   ? 12.126  -8.488  7.538   1.00 1.50  ? 4   CYS A CA  1 
ATOM   29   C C   . CYS A 1 4   ? 10.694  -8.743  7.917   1.00 7.26  ? 4   CYS A C   1 
ATOM   30   O O   . CYS A 1 4   ? 10.569  -9.406  8.978   1.00 15.69 ? 4   CYS A O   1 
ATOM   31   C CB  . CYS A 1 4   ? 12.549  -7.162  8.207   1.00 8.67  ? 4   CYS A CB  1 
ATOM   32   S SG  . CYS A 1 4   ? 14.336  -7.039  8.138   1.00 11.51 ? 4   CYS A SG  1 
ATOM   33   N N   . TYR A 1 5   ? 9.721   -8.250  7.185   1.00 13.98 ? 5   TYR A N   1 
ATOM   34   C CA  . TYR A 1 5   ? 8.296   -8.352  7.525   1.00 4.61  ? 5   TYR A CA  1 
ATOM   35   C C   . TYR A 1 5   ? 7.400   -9.287  6.746   1.00 2.80  ? 5   TYR A C   1 
ATOM   36   O O   . TYR A 1 5   ? 6.162   -9.165  6.813   1.00 15.23 ? 5   TYR A O   1 
ATOM   37   C CB  . TYR A 1 5   ? 7.653   -6.918  7.361   1.00 1.50  ? 5   TYR A CB  1 
ATOM   38   C CG  . TYR A 1 5   ? 8.334   -5.929  8.275   1.00 6.51  ? 5   TYR A CG  1 
ATOM   39   C CD1 . TYR A 1 5   ? 8.090   -5.916  9.656   1.00 7.04  ? 5   TYR A CD1 1 
ATOM   40   C CD2 . TYR A 1 5   ? 9.234   -5.007  7.768   1.00 22.44 ? 5   TYR A CD2 1 
ATOM   41   C CE1 . TYR A 1 5   ? 8.736   -5.019  10.484  1.00 3.43  ? 5   TYR A CE1 1 
ATOM   42   C CE2 . TYR A 1 5   ? 9.889   -4.116  8.603   1.00 9.21  ? 5   TYR A CE2 1 
ATOM   43   C CZ  . TYR A 1 5   ? 9.638   -4.122  9.958   1.00 8.24  ? 5   TYR A CZ  1 
ATOM   44   O OH  . TYR A 1 5   ? 10.306  -3.205  10.703  1.00 15.17 ? 5   TYR A OH  1 
ATOM   45   N N   . GLY A 1 6   ? 8.018   -10.153 5.986   1.00 2.27  ? 6   GLY A N   1 
ATOM   46   C CA  . GLY A 1 6   ? 7.188   -11.063 5.166   1.00 12.54 ? 6   GLY A CA  1 
ATOM   47   C C   . GLY A 1 6   ? 7.514   -10.814 3.692   1.00 21.26 ? 6   GLY A C   1 
ATOM   48   O O   . GLY A 1 6   ? 8.270   -9.903  3.344   1.00 8.72  ? 6   GLY A O   1 
ATOM   49   N N   . ASN A 1 7   ? 6.936   -11.675 2.878   1.00 14.71 ? 7   ASN A N   1 
ATOM   50   C CA  . ASN A 1 7   ? 7.142   -11.578 1.417   1.00 11.49 ? 7   ASN A CA  1 
ATOM   51   C C   . ASN A 1 7   ? 5.717   -11.582 0.874   1.00 19.80 ? 7   ASN A C   1 
ATOM   52   O O   . ASN A 1 7   ? 5.001   -12.522 1.208   1.00 14.77 ? 7   ASN A O   1 
ATOM   53   C CB  . ASN A 1 7   ? 8.100   -12.655 0.962   1.00 6.60  ? 7   ASN A CB  1 
ATOM   54   C CG  . ASN A 1 7   ? 7.890   -13.114 -0.468  1.00 40.05 ? 7   ASN A CG  1 
ATOM   55   O OD1 . ASN A 1 7   ? 7.194   -12.504 -1.304  1.00 27.03 ? 7   ASN A OD1 1 
ATOM   56   N ND2 . ASN A 1 7   ? 8.534   -14.253 -0.735  1.00 53.82 ? 7   ASN A ND2 1 
ATOM   57   N N   . VAL A 1 8   ? 5.417   -10.581 0.083   1.00 8.81  ? 8   VAL A N   1 
ATOM   58   C CA  . VAL A 1 8   ? 4.138   -10.263 -0.562  1.00 1.50  ? 8   VAL A CA  1 
ATOM   59   C C   . VAL A 1 8   ? 3.624   -11.374 -1.466  1.00 22.11 ? 8   VAL A C   1 
ATOM   60   O O   . VAL A 1 8   ? 2.427   -11.702 -1.591  1.00 14.72 ? 8   VAL A O   1 
ATOM   61   C CB  . VAL A 1 8   ? 4.332   -8.916  -1.284  1.00 1.50  ? 8   VAL A CB  1 
ATOM   62   C CG1 . VAL A 1 8   ? 4.796   -9.102  -2.707  1.00 4.18  ? 8   VAL A CG1 1 
ATOM   63   C CG2 . VAL A 1 8   ? 3.092   -8.050  -1.248  1.00 6.20  ? 8   VAL A CG2 1 
ATOM   64   N N   . ASN A 1 9   ? 4.597   -12.023 -2.079  1.00 11.71 ? 9   ASN A N   1 
ATOM   65   C CA  . ASN A 1 9   ? 4.289   -13.136 -3.002  1.00 5.67  ? 9   ASN A CA  1 
ATOM   66   C C   . ASN A 1 9   ? 3.767   -14.313 -2.187  1.00 1.50  ? 9   ASN A C   1 
ATOM   67   O O   . ASN A 1 9   ? 3.198   -15.221 -2.855  1.00 33.39 ? 9   ASN A O   1 
ATOM   68   C CB  . ASN A 1 9   ? 5.519   -13.359 -3.838  1.00 4.55  ? 9   ASN A CB  1 
ATOM   69   C CG  . ASN A 1 9   ? 5.653   -12.703 -5.184  1.00 16.78 ? 9   ASN A CG  1 
ATOM   70   O OD1 . ASN A 1 9   ? 4.764   -12.105 -5.806  1.00 18.40 ? 9   ASN A OD1 1 
ATOM   71   N ND2 . ASN A 1 9   ? 6.892   -12.838 -5.722  1.00 20.11 ? 9   ASN A ND2 1 
ATOM   72   N N   . ARG A 1 10  ? 3.852   -14.382 -0.867  1.00 23.07 ? 10  ARG A N   1 
ATOM   73   C CA  . ARG A 1 10  ? 3.285   -15.534 -0.121  1.00 11.24 ? 10  ARG A CA  1 
ATOM   74   C C   . ARG A 1 10  ? 1.904   -15.247 0.467   1.00 19.25 ? 10  ARG A C   1 
ATOM   75   O O   . ARG A 1 10  ? 1.292   -16.160 1.028   1.00 42.58 ? 10  ARG A O   1 
ATOM   76   C CB  . ARG A 1 10  ? 4.183   -16.014 1.011   1.00 3.04  ? 10  ARG A CB  1 
ATOM   77   C CG  . ARG A 1 10  ? 5.548   -16.368 0.336   1.00 24.28 ? 10  ARG A CG  1 
ATOM   78   C CD  . ARG A 1 10  ? 6.243   -17.376 1.196   1.00 44.10 ? 10  ARG A CD  1 
ATOM   79   N NE  . ARG A 1 10  ? 6.593   -16.620 2.417   1.00 13.55 ? 10  ARG A NE  1 
ATOM   80   C CZ  . ARG A 1 10  ? 7.828   -16.099 2.457   1.00 66.61 ? 10  ARG A CZ  1 
ATOM   81   N NH1 . ARG A 1 10  ? 8.665   -16.390 1.460   1.00 29.47 ? 10  ARG A NH1 1 
ATOM   82   N NH2 . ARG A 1 10  ? 8.153   -15.334 3.487   1.00 40.92 ? 10  ARG A NH2 1 
ATOM   83   N N   . ILE A 1 11  ? 1.439   -14.032 0.329   1.00 27.80 ? 11  ILE A N   1 
ATOM   84   C CA  . ILE A 1 11  ? 0.121   -13.607 0.799   1.00 7.13  ? 11  ILE A CA  1 
ATOM   85   C C   . ILE A 1 11  ? -0.941  -14.018 -0.221  1.00 13.46 ? 11  ILE A C   1 
ATOM   86   O O   . ILE A 1 11  ? -0.997  -14.153 -1.454  1.00 24.17 ? 11  ILE A O   1 
ATOM   87   C CB  . ILE A 1 11  ? 0.221   -12.085 1.167   1.00 17.05 ? 11  ILE A CB  1 
ATOM   88   C CG1 . ILE A 1 11  ? 1.619   -11.810 1.781   1.00 1.50  ? 11  ILE A CG1 1 
ATOM   89   C CG2 . ILE A 1 11  ? -0.886  -11.554 2.123   1.00 6.78  ? 11  ILE A CG2 1 
ATOM   90   C CD1 . ILE A 1 11  ? 1.666   -10.494 2.599   1.00 9.73  ? 11  ILE A CD1 1 
ATOM   91   N N   . ASP A 1 12  ? -2.054  -14.319 0.382   1.00 21.01 ? 12  ASP A N   1 
ATOM   92   C CA  . ASP A 1 12  ? -3.299  -14.816 -0.230  1.00 8.80  ? 12  ASP A CA  1 
ATOM   93   C C   . ASP A 1 12  ? -4.107  -13.591 -0.518  1.00 4.90  ? 12  ASP A C   1 
ATOM   94   O O   . ASP A 1 12  ? -4.372  -12.872 0.472   1.00 17.78 ? 12  ASP A O   1 
ATOM   95   C CB  . ASP A 1 12  ? -3.860  -15.863 0.738   1.00 32.16 ? 12  ASP A CB  1 
ATOM   96   C CG  . ASP A 1 12  ? -3.804  -15.354 2.184   1.00 65.00 ? 12  ASP A CG  1 
ATOM   97   O OD1 . ASP A 1 12  ? -2.772  -15.380 2.911   1.00 39.43 ? 12  ASP A OD1 1 
ATOM   98   O OD2 . ASP A 1 12  ? -4.846  -14.880 2.662   1.00 33.81 ? 12  ASP A OD2 1 
ATOM   99   N N   . THR A 1 13  ? -4.486  -13.365 -1.778  1.00 21.03 ? 13  THR A N   1 
ATOM   100  C CA  . THR A 1 13  ? -5.308  -12.148 -2.011  1.00 7.99  ? 13  THR A CA  1 
ATOM   101  C C   . THR A 1 13  ? -6.501  -12.271 -2.944  1.00 18.21 ? 13  THR A C   1 
ATOM   102  O O   . THR A 1 13  ? -6.532  -13.001 -3.954  1.00 13.08 ? 13  THR A O   1 
ATOM   103  C CB  . THR A 1 13  ? -4.320  -10.957 -2.467  1.00 1.50  ? 13  THR A CB  1 
ATOM   104  O OG1 . THR A 1 13  ? -5.295  -9.954  -2.996  1.00 12.27 ? 13  THR A OG1 1 
ATOM   105  C CG2 . THR A 1 13  ? -3.228  -11.421 -3.377  1.00 23.04 ? 13  THR A CG2 1 
ATOM   106  N N   . THR A 1 14  ? -7.563  -11.508 -2.640  1.00 1.50  ? 14  THR A N   1 
ATOM   107  C CA  . THR A 1 14  ? -8.775  -11.545 -3.471  1.00 3.42  ? 14  THR A CA  1 
ATOM   108  C C   . THR A 1 14  ? -8.803  -10.378 -4.437  1.00 17.54 ? 14  THR A C   1 
ATOM   109  O O   . THR A 1 14  ? -9.776  -10.322 -5.171  1.00 15.56 ? 14  THR A O   1 
ATOM   110  C CB  . THR A 1 14  ? -10.060 -11.541 -2.598  1.00 1.50  ? 14  THR A CB  1 
ATOM   111  O OG1 . THR A 1 14  ? -10.012 -10.325 -1.810  1.00 18.61 ? 14  THR A OG1 1 
ATOM   112  C CG2 . THR A 1 14  ? -10.199 -12.760 -1.664  1.00 6.68  ? 14  THR A CG2 1 
ATOM   113  N N   . GLY A 1 15  ? -7.794  -9.538  -4.332  1.00 7.01  ? 15  GLY A N   1 
ATOM   114  C CA  . GLY A 1 15  ? -7.693  -8.340  -5.147  1.00 1.50  ? 15  GLY A CA  1 
ATOM   115  C C   . GLY A 1 15  ? -8.789  -7.367  -4.712  1.00 17.76 ? 15  GLY A C   1 
ATOM   116  O O   . GLY A 1 15  ? -9.435  -7.412  -3.655  1.00 11.04 ? 15  GLY A O   1 
ATOM   117  N N   . ALA A 1 16  ? -8.924  -6.469  -5.662  1.00 7.84  ? 16  ALA A N   1 
ATOM   118  C CA  . ALA A 1 16  ? -9.840  -5.368  -5.737  1.00 5.77  ? 16  ALA A CA  1 
ATOM   119  C C   . ALA A 1 16  ? -11.292 -5.781  -5.774  1.00 10.29 ? 16  ALA A C   1 
ATOM   120  O O   . ALA A 1 16  ? -11.656 -6.664  -6.555  1.00 16.66 ? 16  ALA A O   1 
ATOM   121  C CB  . ALA A 1 16  ? -9.615  -4.566  -7.031  1.00 4.76  ? 16  ALA A CB  1 
ATOM   122  N N   . SER A 1 17  ? -12.078 -5.079  -4.973  1.00 9.74  ? 17  SER A N   1 
ATOM   123  C CA  . SER A 1 17  ? -13.509 -5.387  -4.984  1.00 1.50  ? 17  SER A CA  1 
ATOM   124  C C   . SER A 1 17  ? -14.031 -4.691  -6.197  1.00 1.50  ? 17  SER A C   1 
ATOM   125  O O   . SER A 1 17  ? -13.313 -3.860  -6.724  1.00 20.26 ? 17  SER A O   1 
ATOM   126  C CB  . SER A 1 17  ? -14.155 -4.884  -3.745  1.00 1.82  ? 17  SER A CB  1 
ATOM   127  O OG  . SER A 1 17  ? -14.025 -3.483  -3.694  1.00 13.43 ? 17  SER A OG  1 
ATOM   128  N N   . CYS A 1 18  ? -15.264 -4.866  -6.589  1.00 19.91 ? 18  CYS A N   1 
ATOM   129  C CA  . CYS A 1 18  ? -15.823 -4.121  -7.736  1.00 9.85  ? 18  CYS A CA  1 
ATOM   130  C C   . CYS A 1 18  ? -16.034 -2.638  -7.412  1.00 19.95 ? 18  CYS A C   1 
ATOM   131  O O   . CYS A 1 18  ? -16.138 -1.837  -8.372  1.00 20.92 ? 18  CYS A O   1 
ATOM   132  C CB  . CYS A 1 18  ? -17.097 -4.788  -8.161  1.00 9.54  ? 18  CYS A CB  1 
ATOM   133  S SG  . CYS A 1 18  ? -16.943 -6.423  -8.835  1.00 14.74 ? 18  CYS A SG  1 
ATOM   134  N N   . LYS A 1 19  ? -16.054 -2.235  -6.152  1.00 12.50 ? 19  LYS A N   1 
ATOM   135  C CA  . LYS A 1 19  ? -16.169 -0.830  -5.753  1.00 1.50  ? 19  LYS A CA  1 
ATOM   136  C C   . LYS A 1 19  ? -14.844 -0.173  -6.153  1.00 12.70 ? 19  LYS A C   1 
ATOM   137  O O   . LYS A 1 19  ? -14.897 1.013   -6.450  1.00 11.06 ? 19  LYS A O   1 
ATOM   138  C CB  . LYS A 1 19  ? -16.409 -0.507  -4.301  1.00 25.18 ? 19  LYS A CB  1 
ATOM   139  C CG  . LYS A 1 19  ? -17.423 -1.298  -3.497  1.00 14.09 ? 19  LYS A CG  1 
ATOM   140  C CD  . LYS A 1 19  ? -18.444 -2.048  -4.308  1.00 61.23 ? 19  LYS A CD  1 
ATOM   141  C CE  . LYS A 1 19  ? -19.716 -1.307  -4.663  1.00 66.02 ? 19  LYS A CE  1 
ATOM   142  N NZ  . LYS A 1 19  ? -20.916 -2.109  -4.228  1.00 39.41 ? 19  LYS A NZ  1 
ATOM   143  N N   . THR A 1 20  ? -13.744 -0.901  -6.175  1.00 8.37  ? 20  THR A N   1 
ATOM   144  C CA  . THR A 1 20  ? -12.483 -0.381  -6.612  1.00 1.50  ? 20  THR A CA  1 
ATOM   145  C C   . THR A 1 20  ? -12.255 -0.416  -8.131  1.00 22.94 ? 20  THR A C   1 
ATOM   146  O O   . THR A 1 20  ? -11.683 0.526   -8.740  1.00 13.70 ? 20  THR A O   1 
ATOM   147  C CB  . THR A 1 20  ? -11.280 -1.157  -5.921  1.00 6.65  ? 20  THR A CB  1 
ATOM   148  O OG1 . THR A 1 20  ? -11.394 -0.857  -4.508  1.00 22.23 ? 20  THR A OG1 1 
ATOM   149  C CG2 . THR A 1 20  ? -9.910  -0.798  -6.506  1.00 5.42  ? 20  THR A CG2 1 
ATOM   150  N N   . ALA A 1 21  ? -12.672 -1.525  -8.729  1.00 13.49 ? 21  ALA A N   1 
ATOM   151  C CA  . ALA A 1 21  ? -12.480 -1.765  -10.171 1.00 11.43 ? 21  ALA A CA  1 
ATOM   152  C C   . ALA A 1 21  ? -13.476 -1.061  -11.070 1.00 1.50  ? 21  ALA A C   1 
ATOM   153  O O   . ALA A 1 21  ? -12.975 -0.641  -12.131 1.00 19.73 ? 21  ALA A O   1 
ATOM   154  C CB  . ALA A 1 21  ? -12.496 -3.284  -10.453 1.00 6.97  ? 21  ALA A CB  1 
ATOM   155  N N   . LYS A 1 22  ? -14.732 -0.937  -10.733 1.00 1.50  ? 22  LYS A N   1 
ATOM   156  C CA  . LYS A 1 22  ? -15.647 -0.237  -11.686 1.00 5.38  ? 22  LYS A CA  1 
ATOM   157  C C   . LYS A 1 22  ? -15.268 1.208   -11.946 1.00 29.37 ? 22  LYS A C   1 
ATOM   158  O O   . LYS A 1 22  ? -15.190 1.580   -13.145 1.00 16.81 ? 22  LYS A O   1 
ATOM   159  C CB  . LYS A 1 22  ? -17.095 -0.327  -11.235 1.00 15.02 ? 22  LYS A CB  1 
ATOM   160  C CG  . LYS A 1 22  ? -17.693 -1.653  -11.740 1.00 30.65 ? 22  LYS A CG  1 
ATOM   161  C CD  . LYS A 1 22  ? -16.854 -2.829  -11.240 1.00 51.80 ? 22  LYS A CD  1 
ATOM   162  C CE  . LYS A 1 22  ? -16.164 -3.562  -12.375 1.00 37.13 ? 22  LYS A CE  1 
ATOM   163  N NZ  . LYS A 1 22  ? -17.226 -3.950  -13.355 1.00 48.21 ? 22  LYS A NZ  1 
ATOM   164  N N   . PRO A 1 23  ? -14.995 1.991   -10.921 1.00 16.11 ? 23  PRO A N   1 
ATOM   165  C CA  . PRO A 1 23  ? -14.614 3.422   -11.017 1.00 3.98  ? 23  PRO A CA  1 
ATOM   166  C C   . PRO A 1 23  ? -13.537 3.829   -12.003 1.00 13.77 ? 23  PRO A C   1 
ATOM   167  O O   . PRO A 1 23  ? -13.494 4.906   -12.648 1.00 28.15 ? 23  PRO A O   1 
ATOM   168  C CB  . PRO A 1 23  ? -14.221 3.760   -9.562  1.00 2.26  ? 23  PRO A CB  1 
ATOM   169  C CG  . PRO A 1 23  ? -15.390 3.022   -8.872  1.00 12.77 ? 23  PRO A CG  1 
ATOM   170  C CD  . PRO A 1 23  ? -15.146 1.634   -9.502  1.00 17.76 ? 23  PRO A CD  1 
ATOM   171  N N   . GLU A 1 24  ? -12.606 2.928   -12.138 1.00 14.88 ? 24  GLU A N   1 
ATOM   172  C CA  . GLU A 1 24  ? -11.433 2.842   -12.941 1.00 10.34 ? 24  GLU A CA  1 
ATOM   173  C C   . GLU A 1 24  ? -11.734 2.356   -14.348 1.00 18.47 ? 24  GLU A C   1 
ATOM   174  O O   . GLU A 1 24  ? -10.807 2.302   -15.147 1.00 24.35 ? 24  GLU A O   1 
ATOM   175  C CB  . GLU A 1 24  ? -10.442 1.806   -12.400 1.00 3.51  ? 24  GLU A CB  1 
ATOM   176  C CG  . GLU A 1 24  ? -10.009 2.022   -10.942 1.00 44.27 ? 24  GLU A CG  1 
ATOM   177  C CD  . GLU A 1 24  ? -9.179  3.263   -10.755 1.00 26.86 ? 24  GLU A CD  1 
ATOM   178  O OE1 . GLU A 1 24  ? -8.771  3.713   -11.849 1.00 27.16 ? 24  GLU A OE1 1 
ATOM   179  O OE2 . GLU A 1 24  ? -8.907  3.778   -9.696  1.00 30.13 ? 24  GLU A OE2 1 
ATOM   180  N N   . GLY A 1 25  ? -12.973 1.992   -14.564 1.00 1.87  ? 25  GLY A N   1 
ATOM   181  C CA  . GLY A 1 25  ? -13.536 1.475   -15.773 1.00 3.45  ? 25  GLY A CA  1 
ATOM   182  C C   . GLY A 1 25  ? -13.306 -0.003  -16.027 1.00 18.77 ? 25  GLY A C   1 
ATOM   183  O O   . GLY A 1 25  ? -13.331 -0.280  -17.252 1.00 33.05 ? 25  GLY A O   1 
ATOM   184  N N   . LEU A 1 26  ? -13.088 -0.881  -15.065 1.00 11.85 ? 26  LEU A N   1 
ATOM   185  C CA  . LEU A 1 26  ? -12.878 -2.292  -15.506 1.00 10.78 ? 26  LEU A CA  1 
ATOM   186  C C   . LEU A 1 26  ? -14.244 -2.938  -15.425 1.00 19.97 ? 26  LEU A C   1 
ATOM   187  O O   . LEU A 1 26  ? -15.069 -2.397  -14.679 1.00 27.31 ? 26  LEU A O   1 
ATOM   188  C CB  . LEU A 1 26  ? -11.783 -2.935  -14.681 1.00 4.86  ? 26  LEU A CB  1 
ATOM   189  C CG  . LEU A 1 26  ? -10.428 -2.247  -14.648 1.00 1.50  ? 26  LEU A CG  1 
ATOM   190  C CD1 . LEU A 1 26  ? -9.382  -3.129  -13.981 1.00 18.84 ? 26  LEU A CD1 1 
ATOM   191  C CD2 . LEU A 1 26  ? -10.078 -1.995  -16.083 1.00 1.50  ? 26  LEU A CD2 1 
ATOM   192  N N   . SER A 1 27  ? -14.469 -4.021  -16.093 1.00 21.86 ? 27  SER A N   1 
ATOM   193  C CA  . SER A 1 27  ? -15.753 -4.753  -16.055 1.00 9.49  ? 27  SER A CA  1 
ATOM   194  C C   . SER A 1 27  ? -15.698 -5.990  -15.162 1.00 12.26 ? 27  SER A C   1 
ATOM   195  O O   . SER A 1 27  ? -16.652 -6.760  -14.936 1.00 30.96 ? 27  SER A O   1 
ATOM   196  C CB  . SER A 1 27  ? -16.114 -5.158  -17.471 1.00 39.59 ? 27  SER A CB  1 
ATOM   197  O OG  . SER A 1 27  ? -14.959 -5.188  -18.323 1.00 30.32 ? 27  SER A OG  1 
ATOM   198  N N   . TYR A 1 28  ? -14.500 -6.198  -14.646 1.00 22.21 ? 28  TYR A N   1 
ATOM   199  C CA  . TYR A 1 28  ? -14.124 -7.304  -13.762 1.00 8.55  ? 28  TYR A CA  1 
ATOM   200  C C   . TYR A 1 28  ? -13.357 -6.694  -12.568 1.00 43.59 ? 28  TYR A C   1 
ATOM   201  O O   . TYR A 1 28  ? -12.860 -5.555  -12.525 1.00 14.83 ? 28  TYR A O   1 
ATOM   202  C CB  . TYR A 1 28  ? -13.322 -8.459  -14.416 1.00 16.78 ? 28  TYR A CB  1 
ATOM   203  C CG  . TYR A 1 28  ? -12.115 -7.843  -15.099 1.00 23.20 ? 28  TYR A CG  1 
ATOM   204  C CD1 . TYR A 1 28  ? -12.238 -7.075  -16.254 1.00 5.94  ? 28  TYR A CD1 1 
ATOM   205  C CD2 . TYR A 1 28  ? -10.869 -8.017  -14.568 1.00 1.50  ? 28  TYR A CD2 1 
ATOM   206  C CE1 . TYR A 1 28  ? -11.153 -6.451  -16.819 1.00 10.47 ? 28  TYR A CE1 1 
ATOM   207  C CE2 . TYR A 1 28  ? -9.770  -7.426  -15.140 1.00 16.92 ? 28  TYR A CE2 1 
ATOM   208  C CZ  . TYR A 1 28  ? -9.906  -6.646  -16.261 1.00 2.22  ? 28  TYR A CZ  1 
ATOM   209  O OH  . TYR A 1 28  ? -8.762  -6.083  -16.808 1.00 23.77 ? 28  TYR A OH  1 
ATOM   210  N N   . CYS A 1 29  ? -13.455 -7.562  -11.558 1.00 11.16 ? 29  CYS A N   1 
ATOM   211  C CA  . CYS A 1 29  ? -12.866 -7.360  -10.224 1.00 8.69  ? 29  CYS A CA  1 
ATOM   212  C C   . CYS A 1 29  ? -11.763 -8.400  -10.010 1.00 14.53 ? 29  CYS A C   1 
ATOM   213  O O   . CYS A 1 29  ? -11.194 -9.040  -10.905 1.00 23.96 ? 29  CYS A O   1 
ATOM   214  C CB  . CYS A 1 29  ? -14.025 -7.346  -9.242  1.00 8.78  ? 29  CYS A CB  1 
ATOM   215  S SG  . CYS A 1 29  ? -15.466 -6.596  -10.028 1.00 12.49 ? 29  CYS A SG  1 
ATOM   216  N N   . GLY A 1 30  ? -11.351 -8.485  -8.792  1.00 5.05  ? 30  GLY A N   1 
ATOM   217  C CA  . GLY A 1 30  ? -10.347 -9.342  -8.198  1.00 18.66 ? 30  GLY A CA  1 
ATOM   218  C C   . GLY A 1 30  ? -8.925  -9.037  -8.600  1.00 7.68  ? 30  GLY A C   1 
ATOM   219  O O   . GLY A 1 30  ? -8.619  -7.950  -9.098  1.00 15.99 ? 30  GLY A O   1 
ATOM   220  N N   . VAL A 1 31  ? -8.109  -10.088 -8.476  1.00 19.11 ? 31  VAL A N   1 
ATOM   221  C CA  . VAL A 1 31  ? -6.664  -9.984  -8.778  1.00 14.89 ? 31  VAL A CA  1 
ATOM   222  C C   . VAL A 1 31  ? -6.401  -9.461  -10.180 1.00 18.06 ? 31  VAL A C   1 
ATOM   223  O O   . VAL A 1 31  ? -5.545  -8.552  -10.173 1.00 23.44 ? 31  VAL A O   1 
ATOM   224  C CB  . VAL A 1 31  ? -5.932  -11.312 -8.473  1.00 11.20 ? 31  VAL A CB  1 
ATOM   225  C CG1 . VAL A 1 31  ? -4.429  -11.120 -8.719  1.00 2.84  ? 31  VAL A CG1 1 
ATOM   226  C CG2 . VAL A 1 31  ? -6.261  -11.849 -7.096  1.00 1.50  ? 31  VAL A CG2 1 
ATOM   227  N N   . PRO A 1 32  ? -7.035  -9.974  -11.208 1.00 6.12  ? 32  PRO A N   1 
ATOM   228  C CA  . PRO A 1 32  ? -6.858  -9.467  -12.563 1.00 1.50  ? 32  PRO A CA  1 
ATOM   229  C C   . PRO A 1 32  ? -7.047  -7.964  -12.627 1.00 1.50  ? 32  PRO A C   1 
ATOM   230  O O   . PRO A 1 32  ? -6.191  -7.228  -13.102 1.00 13.26 ? 32  PRO A O   1 
ATOM   231  C CB  . PRO A 1 32  ? -7.869  -10.213 -13.411 1.00 7.36  ? 32  PRO A CB  1 
ATOM   232  C CG  . PRO A 1 32  ? -8.095  -11.487 -12.641 1.00 4.61  ? 32  PRO A CG  1 
ATOM   233  C CD  . PRO A 1 32  ? -8.024  -11.063 -11.168 1.00 9.30  ? 32  PRO A CD  1 
ATOM   234  N N   . ALA A 1 33  ? -8.143  -7.439  -12.136 1.00 9.53  ? 33  ALA A N   1 
ATOM   235  C CA  . ALA A 1 33  ? -8.384  -5.985  -12.085 1.00 1.50  ? 33  ALA A CA  1 
ATOM   236  C C   . ALA A 1 33  ? -7.251  -5.330  -11.293 1.00 10.75 ? 33  ALA A C   1 
ATOM   237  O O   . ALA A 1 33  ? -6.678  -4.329  -11.761 1.00 38.31 ? 33  ALA A O   1 
ATOM   238  C CB  . ALA A 1 33  ? -9.722  -5.714  -11.483 1.00 1.76  ? 33  ALA A CB  1 
ATOM   239  N N   . SER A 1 34  ? -6.884  -5.823  -10.140 1.00 15.17 ? 34  SER A N   1 
ATOM   240  C CA  . SER A 1 34  ? -5.815  -5.287  -9.268  1.00 2.12  ? 34  SER A CA  1 
ATOM   241  C C   . SER A 1 34  ? -4.537  -5.120  -10.069 1.00 10.82 ? 34  SER A C   1 
ATOM   242  O O   . SER A 1 34  ? -3.964  -3.994  -10.092 1.00 11.66 ? 34  SER A O   1 
ATOM   243  C CB  . SER A 1 34  ? -5.632  -6.156  -8.031  1.00 8.62  ? 34  SER A CB  1 
ATOM   244  O OG  . SER A 1 34  ? -6.837  -6.076  -7.234  1.00 15.91 ? 34  SER A OG  1 
ATOM   245  N N   . LYS A 1 35  ? -4.119  -6.184  -10.724 1.00 6.08  ? 35  LYS A N   1 
ATOM   246  C CA  . LYS A 1 35  ? -2.917  -6.174  -11.560 1.00 1.50  ? 35  LYS A CA  1 
ATOM   247  C C   . LYS A 1 35  ? -2.960  -5.262  -12.770 1.00 28.19 ? 35  LYS A C   1 
ATOM   248  O O   . LYS A 1 35  ? -1.913  -4.669  -13.093 1.00 16.06 ? 35  LYS A O   1 
ATOM   249  C CB  . LYS A 1 35  ? -2.696  -7.619  -12.022 1.00 5.98  ? 35  LYS A CB  1 
ATOM   250  C CG  . LYS A 1 35  ? -1.716  -8.156  -10.990 1.00 1.50  ? 35  LYS A CG  1 
ATOM   251  C CD  . LYS A 1 35  ? -2.005  -9.595  -10.854 1.00 3.78  ? 35  LYS A CD  1 
ATOM   252  C CE  . LYS A 1 35  ? -1.312  -10.330 -9.737  1.00 10.54 ? 35  LYS A CE  1 
ATOM   253  N NZ  . LYS A 1 35  ? -1.581  -11.781 -9.983  1.00 39.40 ? 35  LYS A NZ  1 
ATOM   254  N N   . THR A 1 36  ? -4.101  -5.150  -13.430 1.00 3.88  ? 36  THR A N   1 
ATOM   255  C CA  . THR A 1 36  ? -4.366  -4.310  -14.556 1.00 1.50  ? 36  THR A CA  1 
ATOM   256  C C   . THR A 1 36  ? -4.238  -2.844  -14.121 1.00 7.44  ? 36  THR A C   1 
ATOM   257  O O   . THR A 1 36  ? -3.550  -2.075  -14.789 1.00 11.95 ? 36  THR A O   1 
ATOM   258  C CB  . THR A 1 36  ? -5.769  -4.465  -15.199 1.00 1.50  ? 36  THR A CB  1 
ATOM   259  O OG1 . THR A 1 36  ? -5.963  -5.856  -15.423 1.00 21.65 ? 36  THR A OG1 1 
ATOM   260  C CG2 . THR A 1 36  ? -5.806  -3.712  -16.511 1.00 11.04 ? 36  THR A CG2 1 
ATOM   261  N N   . ILE A 1 37  ? -4.875  -2.425  -13.052 1.00 20.05 ? 37  ILE A N   1 
ATOM   262  C CA  . ILE A 1 37  ? -4.739  -1.050  -12.550 1.00 2.06  ? 37  ILE A CA  1 
ATOM   263  C C   . ILE A 1 37  ? -3.256  -0.800  -12.288 1.00 1.50  ? 37  ILE A C   1 
ATOM   264  O O   . ILE A 1 37  ? -2.599  0.134   -12.788 1.00 16.11 ? 37  ILE A O   1 
ATOM   265  C CB  . ILE A 1 37  ? -5.670  -0.803  -11.328 1.00 2.29  ? 37  ILE A CB  1 
ATOM   266  C CG1 . ILE A 1 37  ? -7.164  -0.937  -11.729 1.00 2.25  ? 37  ILE A CG1 1 
ATOM   267  C CG2 . ILE A 1 37  ? -5.428  0.567   -10.658 1.00 16.43 ? 37  ILE A CG2 1 
ATOM   268  C CD1 . ILE A 1 37  ? -8.033  -1.012  -10.433 1.00 2.60  ? 37  ILE A CD1 1 
ATOM   269  N N   . ALA A 1 38  ? -2.604  -1.680  -11.549 1.00 10.56 ? 38  ALA A N   1 
ATOM   270  C CA  . ALA A 1 38  ? -1.184  -1.606  -11.218 1.00 28.00 ? 38  ALA A CA  1 
ATOM   271  C C   . ALA A 1 38  ? -0.272  -1.348  -12.410 1.00 8.28  ? 38  ALA A C   1 
ATOM   272  O O   . ALA A 1 38  ? 0.745   -0.682  -12.281 1.00 16.40 ? 38  ALA A O   1 
ATOM   273  C CB  . ALA A 1 38  ? -0.647  -2.911  -10.627 1.00 1.50  ? 38  ALA A CB  1 
ATOM   274  N N   . GLU A 1 39  ? -0.572  -2.022  -13.493 1.00 13.31 ? 39  GLU A N   1 
ATOM   275  C CA  . GLU A 1 39  ? 0.140   -1.999  -14.746 1.00 8.52  ? 39  GLU A CA  1 
ATOM   276  C C   . GLU A 1 39  ? -0.047  -0.659  -15.441 1.00 5.20  ? 39  GLU A C   1 
ATOM   277  O O   . GLU A 1 39  ? 0.878   -0.171  -16.105 1.00 20.96 ? 39  GLU A O   1 
ATOM   278  C CB  . GLU A 1 39  ? -0.319  -3.155  -15.644 1.00 12.04 ? 39  GLU A CB  1 
ATOM   279  C CG  . GLU A 1 39  ? 0.143   -3.031  -17.092 1.00 6.39  ? 39  GLU A CG  1 
ATOM   280  C CD  . GLU A 1 39  ? 0.136   -4.209  -18.009 1.00 63.96 ? 39  GLU A CD  1 
ATOM   281  O OE1 . GLU A 1 39  ? 1.130   -4.931  -18.056 1.00 31.34 ? 39  GLU A OE1 1 
ATOM   282  O OE2 . GLU A 1 39  ? -0.937  -4.278  -18.665 1.00 22.99 ? 39  GLU A OE2 1 
ATOM   283  N N   . ARG A 1 40  ? -1.178  -0.036  -15.287 1.00 9.79  ? 40  ARG A N   1 
ATOM   284  C CA  . ARG A 1 40  ? -1.535  1.292   -15.827 1.00 4.62  ? 40  ARG A CA  1 
ATOM   285  C C   . ARG A 1 40  ? -0.659  2.402   -15.231 1.00 30.10 ? 40  ARG A C   1 
ATOM   286  O O   . ARG A 1 40  ? -0.185  3.327   -15.928 1.00 10.78 ? 40  ARG A O   1 
ATOM   287  C CB  . ARG A 1 40  ? -3.021  1.587   -15.609 1.00 7.01  ? 40  ARG A CB  1 
ATOM   288  C CG  . ARG A 1 40  ? -3.933  0.996   -16.673 1.00 19.62 ? 40  ARG A CG  1 
ATOM   289  C CD  . ARG A 1 40  ? -5.215  1.762   -16.747 1.00 34.11 ? 40  ARG A CD  1 
ATOM   290  N NE  . ARG A 1 40  ? -6.317  0.970   -16.197 1.00 8.48  ? 40  ARG A NE  1 
ATOM   291  C CZ  . ARG A 1 40  ? -7.407  1.535   -15.632 1.00 66.58 ? 40  ARG A CZ  1 
ATOM   292  N NH1 . ARG A 1 40  ? -7.322  2.308   -14.527 1.00 16.17 ? 40  ARG A NH1 1 
ATOM   293  N NH2 . ARG A 1 40  ? -8.513  1.182   -16.320 1.00 16.86 ? 40  ARG A NH2 1 
ATOM   294  N N   . ASP A 1 41  ? -0.404  2.336   -13.933 1.00 9.39  ? 41  ASP A N   1 
ATOM   295  C CA  . ASP A 1 41  ? 0.485   3.219   -13.193 1.00 6.26  ? 41  ASP A CA  1 
ATOM   296  C C   . ASP A 1 41  ? 1.966   2.863   -13.298 1.00 13.69 ? 41  ASP A C   1 
ATOM   297  O O   . ASP A 1 41  ? 2.721   3.573   -12.597 1.00 9.27  ? 41  ASP A O   1 
ATOM   298  C CB  . ASP A 1 41  ? 0.169   3.197   -11.681 1.00 1.50  ? 41  ASP A CB  1 
ATOM   299  C CG  . ASP A 1 41  ? -1.289  3.542   -11.479 1.00 2.79  ? 41  ASP A CG  1 
ATOM   300  O OD1 . ASP A 1 41  ? -1.912  4.002   -12.422 1.00 11.37 ? 41  ASP A OD1 1 
ATOM   301  O OD2 . ASP A 1 41  ? -1.832  3.385   -10.379 1.00 7.98  ? 41  ASP A OD2 1 
ATOM   302  N N   . LEU A 1 42  ? 2.378   1.839   -14.027 1.00 10.96 ? 42  LEU A N   1 
ATOM   303  C CA  . LEU A 1 42  ? 3.817   1.463   -13.973 1.00 12.79 ? 42  LEU A CA  1 
ATOM   304  C C   . LEU A 1 42  ? 4.714   2.489   -14.634 1.00 10.89 ? 42  LEU A C   1 
ATOM   305  O O   . LEU A 1 42  ? 5.786   2.731   -14.027 1.00 14.42 ? 42  LEU A O   1 
ATOM   306  C CB  . LEU A 1 42  ? 3.967   0.035   -14.518 1.00 14.93 ? 42  LEU A CB  1 
ATOM   307  C CG  . LEU A 1 42  ? 5.376   -0.552  -14.624 1.00 1.50  ? 42  LEU A CG  1 
ATOM   308  C CD1 . LEU A 1 42  ? 6.095   -1.183  -13.473 1.00 1.50  ? 42  LEU A CD1 1 
ATOM   309  C CD2 . LEU A 1 42  ? 5.051   -1.721  -15.582 1.00 10.62 ? 42  LEU A CD2 1 
ATOM   310  N N   . LYS A 1 43  ? 4.279   3.075   -15.737 1.00 19.53 ? 43  LYS A N   1 
ATOM   311  C CA  . LYS A 1 43  ? 5.165   4.082   -16.367 1.00 13.58 ? 43  LYS A CA  1 
ATOM   312  C C   . LYS A 1 43  ? 5.497   5.231   -15.406 1.00 9.74  ? 43  LYS A C   1 
ATOM   313  O O   . LYS A 1 43  ? 6.663   5.643   -15.240 1.00 20.18 ? 43  LYS A O   1 
ATOM   314  C CB  . LYS A 1 43  ? 4.581   4.614   -17.671 1.00 13.09 ? 43  LYS A CB  1 
ATOM   315  C CG  . LYS A 1 43  ? 5.581   5.484   -18.453 1.00 33.79 ? 43  LYS A CG  1 
ATOM   316  C CD  . LYS A 1 43  ? 5.032   6.277   -19.605 1.00 28.79 ? 43  LYS A CD  1 
ATOM   317  C CE  . LYS A 1 43  ? 4.144   7.457   -19.269 1.00 44.70 ? 43  LYS A CE  1 
ATOM   318  N NZ  . LYS A 1 43  ? 2.725   7.238   -19.668 1.00 34.61 ? 43  LYS A NZ  1 
ATOM   319  N N   . ALA A 1 44  ? 4.505   5.729   -14.719 1.00 7.96  ? 44  ALA A N   1 
ATOM   320  C CA  . ALA A 1 44  ? 4.564   6.817   -13.756 1.00 8.14  ? 44  ALA A CA  1 
ATOM   321  C C   . ALA A 1 44  ? 5.323   6.542   -12.461 1.00 18.61 ? 44  ALA A C   1 
ATOM   322  O O   . ALA A 1 44  ? 6.035   7.320   -11.771 1.00 24.01 ? 44  ALA A O   1 
ATOM   323  C CB  . ALA A 1 44  ? 3.082   7.133   -13.521 1.00 1.50  ? 44  ALA A CB  1 
ATOM   324  N N   . MET A 1 45  ? 5.111   5.294   -12.126 1.00 13.68 ? 45  MET A N   1 
ATOM   325  C CA  . MET A 1 45  ? 5.653   4.636   -10.958 1.00 19.79 ? 45  MET A CA  1 
ATOM   326  C C   . MET A 1 45  ? 7.154   4.587   -11.145 1.00 12.10 ? 45  MET A C   1 
ATOM   327  O O   . MET A 1 45  ? 7.893   4.982   -10.242 1.00 17.23 ? 45  MET A O   1 
ATOM   328  C CB  . MET A 1 45  ? 5.116   3.223   -10.776 1.00 3.20  ? 45  MET A CB  1 
ATOM   329  C CG  . MET A 1 45  ? 5.598   2.632   -9.490  1.00 10.80 ? 45  MET A CG  1 
ATOM   330  S SD  . MET A 1 45  ? 4.638   3.293   -8.081  1.00 8.86  ? 45  MET A SD  1 
ATOM   331  C CE  . MET A 1 45  ? 3.017   2.587   -8.523  1.00 14.72 ? 45  MET A CE  1 
ATOM   332  N N   . ASP A 1 46  ? 7.536   4.147   -12.335 1.00 6.04  ? 46  ASP A N   1 
ATOM   333  C CA  . ASP A 1 46  ? 8.972   3.972   -12.673 1.00 5.07  ? 46  ASP A CA  1 
ATOM   334  C C   . ASP A 1 46  ? 9.850   5.218   -12.626 1.00 14.45 ? 46  ASP A C   1 
ATOM   335  O O   . ASP A 1 46  ? 11.081  5.159   -12.800 1.00 11.74 ? 46  ASP A O   1 
ATOM   336  C CB  . ASP A 1 46  ? 9.057   3.384   -14.062 1.00 2.41  ? 46  ASP A CB  1 
ATOM   337  C CG  . ASP A 1 46  ? 8.934   1.895   -14.227 1.00 11.21 ? 46  ASP A CG  1 
ATOM   338  O OD1 . ASP A 1 46  ? 8.851   1.108   -13.260 1.00 19.18 ? 46  ASP A OD1 1 
ATOM   339  O OD2 . ASP A 1 46  ? 8.942   1.516   -15.430 1.00 18.90 ? 46  ASP A OD2 1 
ATOM   340  N N   . ARG A 1 47  ? 9.243   6.340   -12.447 1.00 13.20 ? 47  ARG A N   1 
ATOM   341  C CA  . ARG A 1 47  ? 9.706   7.687   -12.294 1.00 16.16 ? 47  ARG A CA  1 
ATOM   342  C C   . ARG A 1 47  ? 10.312  7.834   -10.908 1.00 18.17 ? 47  ARG A C   1 
ATOM   343  O O   . ARG A 1 47  ? 11.080  8.775   -10.668 1.00 29.79 ? 47  ARG A O   1 
ATOM   344  C CB  . ARG A 1 47  ? 8.556   8.723   -12.455 1.00 7.32  ? 47  ARG A CB  1 
ATOM   345  C CG  . ARG A 1 47  ? 8.944   10.186  -12.472 1.00 58.07 ? 47  ARG A CG  1 
ATOM   346  C CD  . ARG A 1 47  ? 8.363   11.026  -13.547 1.00 45.86 ? 47  ARG A CD  1 
ATOM   347  N NE  . ARG A 1 47  ? 7.793   10.273  -14.669 1.00 64.42 ? 47  ARG A NE  1 
ATOM   348  C CZ  . ARG A 1 47  ? 6.475   10.120  -14.919 1.00 66.61 ? 47  ARG A CZ  1 
ATOM   349  N NH1 . ARG A 1 47  ? 5.518   10.441  -14.020 1.00 51.33 ? 47  ARG A NH1 1 
ATOM   350  N NH2 . ARG A 1 47  ? 6.074   9.637   -16.119 1.00 57.00 ? 47  ARG A NH2 1 
ATOM   351  N N   . TYR A 1 48  ? 9.896   6.985   -9.977  1.00 21.74 ? 48  TYR A N   1 
ATOM   352  C CA  . TYR A 1 48  ? 10.339  7.035   -8.574  1.00 5.75  ? 48  TYR A CA  1 
ATOM   353  C C   . TYR A 1 48  ? 10.996  5.737   -8.111  1.00 16.58 ? 48  TYR A C   1 
ATOM   354  O O   . TYR A 1 48  ? 11.357  5.658   -6.921  1.00 9.83  ? 48  TYR A O   1 
ATOM   355  C CB  . TYR A 1 48  ? 9.143   7.415   -7.672  1.00 9.39  ? 48  TYR A CB  1 
ATOM   356  C CG  . TYR A 1 48  ? 8.271   8.553   -8.098  1.00 1.50  ? 48  TYR A CG  1 
ATOM   357  C CD1 . TYR A 1 48  ? 8.811   9.848   -8.200  1.00 16.44 ? 48  TYR A CD1 1 
ATOM   358  C CD2 . TYR A 1 48  ? 6.938   8.404   -8.398  1.00 1.77  ? 48  TYR A CD2 1 
ATOM   359  C CE1 . TYR A 1 48  ? 8.062   10.965  -8.605  1.00 8.07  ? 48  TYR A CE1 1 
ATOM   360  C CE2 . TYR A 1 48  ? 6.139   9.479   -8.797  1.00 10.95 ? 48  TYR A CE2 1 
ATOM   361  C CZ  . TYR A 1 48  ? 6.713   10.743  -8.893  1.00 20.60 ? 48  TYR A CZ  1 
ATOM   362  O OH  . TYR A 1 48  ? 5.926   11.771  -9.297  1.00 28.97 ? 48  TYR A OH  1 
ATOM   363  N N   . LYS A 1 49  ? 11.202  4.792   -9.020  1.00 1.50  ? 49  LYS A N   1 
ATOM   364  C CA  . LYS A 1 49  ? 11.801  3.502   -8.766  1.00 1.50  ? 49  LYS A CA  1 
ATOM   365  C C   . LYS A 1 49  ? 13.070  3.597   -7.926  1.00 16.59 ? 49  LYS A C   1 
ATOM   366  O O   . LYS A 1 49  ? 13.147  2.769   -6.991  1.00 22.37 ? 49  LYS A O   1 
ATOM   367  C CB  . LYS A 1 49  ? 12.122  2.765   -10.056 1.00 27.72 ? 49  LYS A CB  1 
ATOM   368  C CG  . LYS A 1 49  ? 12.694  1.338   -9.894  1.00 9.37  ? 49  LYS A CG  1 
ATOM   369  C CD  . LYS A 1 49  ? 13.008  0.863   -11.282 1.00 5.26  ? 49  LYS A CD  1 
ATOM   370  C CE  . LYS A 1 49  ? 12.154  -0.209  -11.868 1.00 17.09 ? 49  LYS A CE  1 
ATOM   371  N NZ  . LYS A 1 49  ? 12.998  -1.441  -12.048 1.00 24.56 ? 49  LYS A NZ  1 
ATOM   372  N N   . THR A 1 50  ? 13.998  4.500   -8.150  1.00 30.90 ? 50  THR A N   1 
ATOM   373  C CA  . THR A 1 50  ? 15.179  4.584   -7.280  1.00 12.97 ? 50  THR A CA  1 
ATOM   374  C C   . THR A 1 50  ? 14.851  5.009   -5.854  1.00 20.70 ? 50  THR A C   1 
ATOM   375  O O   . THR A 1 50  ? 15.489  4.502   -4.908  1.00 17.79 ? 50  THR A O   1 
ATOM   376  C CB  . THR A 1 50  ? 16.271  5.546   -7.904  1.00 6.23  ? 50  THR A CB  1 
ATOM   377  O OG1 . THR A 1 50  ? 16.642  4.811   -9.091  1.00 14.96 ? 50  THR A OG1 1 
ATOM   378  C CG2 . THR A 1 50  ? 17.440  5.822   -6.973  1.00 25.69 ? 50  THR A CG2 1 
ATOM   379  N N   . ILE A 1 51  ? 13.922  5.954   -5.693  1.00 7.97  ? 51  ILE A N   1 
ATOM   380  C CA  . ILE A 1 51  ? 13.581  6.404   -4.343  1.00 1.50  ? 51  ILE A CA  1 
ATOM   381  C C   . ILE A 1 51  ? 12.831  5.208   -3.752  1.00 4.52  ? 51  ILE A C   1 
ATOM   382  O O   . ILE A 1 51  ? 13.246  4.811   -2.662  1.00 13.33 ? 51  ILE A O   1 
ATOM   383  C CB  . ILE A 1 51  ? 12.777  7.713   -4.205  1.00 3.67  ? 51  ILE A CB  1 
ATOM   384  C CG1 . ILE A 1 51  ? 12.946  8.682   -5.383  1.00 44.88 ? 51  ILE A CG1 1 
ATOM   385  C CG2 . ILE A 1 51  ? 13.214  8.427   -2.901  1.00 11.81 ? 51  ILE A CG2 1 
ATOM   386  C CD1 . ILE A 1 51  ? 12.363  10.115  -5.174  1.00 43.82 ? 51  ILE A CD1 1 
ATOM   387  N N   . ILE A 1 52  ? 11.837  4.638   -4.425  1.00 12.57 ? 52  ILE A N   1 
ATOM   388  C CA  . ILE A 1 52  ? 11.146  3.485   -3.846  1.00 10.70 ? 52  ILE A CA  1 
ATOM   389  C C   . ILE A 1 52  ? 12.099  2.359   -3.478  1.00 10.40 ? 52  ILE A C   1 
ATOM   390  O O   . ILE A 1 52  ? 11.899  1.738   -2.419  1.00 6.46  ? 52  ILE A O   1 
ATOM   391  C CB  . ILE A 1 52  ? 9.993   3.014   -4.800  1.00 7.98  ? 52  ILE A CB  1 
ATOM   392  C CG1 . ILE A 1 52  ? 9.021   4.171   -4.761  1.00 1.50  ? 52  ILE A CG1 1 
ATOM   393  C CG2 . ILE A 1 52  ? 9.519   1.657   -4.308  1.00 1.50  ? 52  ILE A CG2 1 
ATOM   394  C CD1 . ILE A 1 52  ? 7.733   3.975   -5.572  1.00 2.50  ? 52  ILE A CD1 1 
ATOM   395  N N   . LYS A 1 53  ? 13.139  2.063   -4.223  1.00 18.66 ? 53  LYS A N   1 
ATOM   396  C CA  . LYS A 1 53  ? 14.091  1.009   -3.808  1.00 1.50  ? 53  LYS A CA  1 
ATOM   397  C C   . LYS A 1 53  ? 15.000  1.447   -2.672  1.00 6.42  ? 53  LYS A C   1 
ATOM   398  O O   . LYS A 1 53  ? 15.152  0.603   -1.729  1.00 13.28 ? 53  LYS A O   1 
ATOM   399  C CB  . LYS A 1 53  ? 14.870  0.493   -5.025  1.00 4.96  ? 53  LYS A CB  1 
ATOM   400  C CG  . LYS A 1 53  ? 13.742  -0.161  -5.882  1.00 10.55 ? 53  LYS A CG  1 
ATOM   401  C CD  . LYS A 1 53  ? 14.268  -0.716  -7.171  1.00 25.32 ? 53  LYS A CD  1 
ATOM   402  C CE  . LYS A 1 53  ? 15.114  -1.957  -6.982  1.00 14.89 ? 53  LYS A CE  1 
ATOM   403  N NZ  . LYS A 1 53  ? 14.568  -2.957  -7.969  1.00 30.93 ? 53  LYS A NZ  1 
ATOM   404  N N   . LYS A 1 54  ? 15.547  2.632   -2.632  1.00 13.46 ? 54  LYS A N   1 
ATOM   405  C CA  . LYS A 1 54  ? 16.392  3.119   -1.533  1.00 10.19 ? 54  LYS A CA  1 
ATOM   406  C C   . LYS A 1 54  ? 15.856  2.982   -0.120  1.00 11.78 ? 54  LYS A C   1 
ATOM   407  O O   . LYS A 1 54  ? 16.522  2.546   0.825   1.00 15.60 ? 54  LYS A O   1 
ATOM   408  C CB  . LYS A 1 54  ? 16.590  4.616   -1.691  1.00 4.43  ? 54  LYS A CB  1 
ATOM   409  C CG  . LYS A 1 54  ? 17.921  5.140   -1.141  1.00 1.50  ? 54  LYS A CG  1 
ATOM   410  C CD  . LYS A 1 54  ? 17.858  6.643   -1.399  1.00 37.35 ? 54  LYS A CD  1 
ATOM   411  C CE  . LYS A 1 54  ? 18.975  7.391   -0.714  1.00 40.28 ? 54  LYS A CE  1 
ATOM   412  N NZ  . LYS A 1 54  ? 19.522  8.413   -1.647  1.00 28.81 ? 54  LYS A NZ  1 
ATOM   413  N N   . VAL A 1 55  ? 14.613  3.389   0.030   1.00 5.25  ? 55  VAL A N   1 
ATOM   414  C CA  . VAL A 1 55  ? 13.816  3.396   1.253   1.00 17.14 ? 55  VAL A CA  1 
ATOM   415  C C   . VAL A 1 55  ? 13.333  2.021   1.699   1.00 16.36 ? 55  VAL A C   1 
ATOM   416  O O   . VAL A 1 55  ? 13.150  1.735   2.886   1.00 15.45 ? 55  VAL A O   1 
ATOM   417  C CB  . VAL A 1 55  ? 12.578  4.311   1.082   1.00 23.78 ? 55  VAL A CB  1 
ATOM   418  C CG1 . VAL A 1 55  ? 11.823  4.233   2.399   1.00 1.50  ? 55  VAL A CG1 1 
ATOM   419  C CG2 . VAL A 1 55  ? 12.785  5.757   0.687   1.00 6.45  ? 55  VAL A CG2 1 
ATOM   420  N N   . GLY A 1 56  ? 13.069  1.167   0.734   1.00 19.99 ? 56  GLY A N   1 
ATOM   421  C CA  . GLY A 1 56  ? 12.625  -0.215  1.000   1.00 11.10 ? 56  GLY A CA  1 
ATOM   422  C C   . GLY A 1 56  ? 13.877  -0.942  1.533   1.00 3.13  ? 56  GLY A C   1 
ATOM   423  O O   . GLY A 1 56  ? 13.803  -1.738  2.471   1.00 21.96 ? 56  GLY A O   1 
ATOM   424  N N   . GLU A 1 57  ? 15.012  -0.689  0.925   1.00 5.58  ? 57  GLU A N   1 
ATOM   425  C CA  . GLU A 1 57  ? 16.244  -1.292  1.428   1.00 12.24 ? 57  GLU A CA  1 
ATOM   426  C C   . GLU A 1 57  ? 16.487  -0.625  2.776   1.00 14.78 ? 57  GLU A C   1 
ATOM   427  O O   . GLU A 1 57  ? 16.784  -1.299  3.769   1.00 23.48 ? 57  GLU A O   1 
ATOM   428  C CB  . GLU A 1 57  ? 17.455  -1.141  0.533   1.00 8.77  ? 57  GLU A CB  1 
ATOM   429  C CG  . GLU A 1 57  ? 17.454  -2.132  -0.644  1.00 17.97 ? 57  GLU A CG  1 
ATOM   430  C CD  . GLU A 1 57  ? 18.016  -3.492  -0.356  1.00 61.05 ? 57  GLU A CD  1 
ATOM   431  O OE1 . GLU A 1 57  ? 18.663  -3.582  0.715   1.00 32.61 ? 57  GLU A OE1 1 
ATOM   432  O OE2 . GLU A 1 57  ? 17.906  -4.474  -1.084  1.00 44.44 ? 57  GLU A OE2 1 
ATOM   433  N N   . LYS A 1 58  ? 16.335  0.673   2.877   1.00 9.88  ? 58  LYS A N   1 
ATOM   434  C CA  . LYS A 1 58  ? 16.565  1.332   4.174   1.00 1.50  ? 58  LYS A CA  1 
ATOM   435  C C   . LYS A 1 58  ? 15.784  0.739   5.334   1.00 18.82 ? 58  LYS A C   1 
ATOM   436  O O   . LYS A 1 58  ? 16.255  0.496   6.451   1.00 14.94 ? 58  LYS A O   1 
ATOM   437  C CB  . LYS A 1 58  ? 16.167  2.786   4.013   1.00 34.55 ? 58  LYS A CB  1 
ATOM   438  C CG  . LYS A 1 58  ? 16.935  3.908   4.668   1.00 26.70 ? 58  LYS A CG  1 
ATOM   439  C CD  . LYS A 1 58  ? 16.727  5.242   3.965   1.00 51.70 ? 58  LYS A CD  1 
ATOM   440  C CE  . LYS A 1 58  ? 15.326  5.804   4.036   1.00 45.81 ? 58  LYS A CE  1 
ATOM   441  N NZ  . LYS A 1 58  ? 15.279  7.205   4.541   1.00 18.84 ? 58  LYS A NZ  1 
ATOM   442  N N   . LEU A 1 59  ? 14.496  0.566   5.146   1.00 8.46  ? 59  LEU A N   1 
ATOM   443  C CA  . LEU A 1 59  ? 13.464  0.172   6.082   1.00 1.50  ? 59  LEU A CA  1 
ATOM   444  C C   . LEU A 1 59  ? 13.174  -1.320  6.152   1.00 16.32 ? 59  LEU A C   1 
ATOM   445  O O   . LEU A 1 59  ? 12.351  -1.740  6.989   1.00 14.59 ? 59  LEU A O   1 
ATOM   446  C CB  . LEU A 1 59  ? 12.197  0.968   5.711   1.00 11.94 ? 59  LEU A CB  1 
ATOM   447  C CG  . LEU A 1 59  ? 11.978  2.441   5.875   1.00 1.50  ? 59  LEU A CG  1 
ATOM   448  C CD1 . LEU A 1 59  ? 10.850  2.774   6.824   1.00 33.65 ? 59  LEU A CD1 1 
ATOM   449  C CD2 . LEU A 1 59  ? 13.200  3.059   6.532   1.00 18.91 ? 59  LEU A CD2 1 
ATOM   450  N N   . CYS A 1 60  ? 13.848  -2.115  5.372   1.00 6.19  ? 60  CYS A N   1 
ATOM   451  C CA  . CYS A 1 60  ? 13.724  -3.555  5.327   1.00 2.25  ? 60  CYS A CA  1 
ATOM   452  C C   . CYS A 1 60  ? 12.299  -3.898  4.896   1.00 16.20 ? 60  CYS A C   1 
ATOM   453  O O   . CYS A 1 60  ? 11.706  -4.818  5.441   1.00 8.24  ? 60  CYS A O   1 
ATOM   454  C CB  . CYS A 1 60  ? 13.966  -4.329  6.629   1.00 14.15 ? 60  CYS A CB  1 
ATOM   455  S SG  . CYS A 1 60  ? 14.561  -5.984  6.122   1.00 9.46  ? 60  CYS A SG  1 
ATOM   456  N N   . VAL A 1 61  ? 11.784  -3.137  3.963   1.00 8.77  ? 61  VAL A N   1 
ATOM   457  C CA  . VAL A 1 61  ? 10.434  -3.384  3.448   1.00 2.58  ? 61  VAL A CA  1 
ATOM   458  C C   . VAL A 1 61  ? 10.609  -3.648  1.977   1.00 1.50  ? 61  VAL A C   1 
ATOM   459  O O   . VAL A 1 61  ? 11.561  -3.213  1.305   1.00 13.48 ? 61  VAL A O   1 
ATOM   460  C CB  . VAL A 1 61  ? 9.626   -2.178  3.942   1.00 4.28  ? 61  VAL A CB  1 
ATOM   461  C CG1 . VAL A 1 61  ? 8.434   -1.867  3.093   1.00 1.50  ? 61  VAL A CG1 1 
ATOM   462  C CG2 . VAL A 1 61  ? 9.215   -2.413  5.387   1.00 22.02 ? 61  VAL A CG2 1 
ATOM   463  N N   . GLU A 1 62  ? 9.718   -4.389  1.395   1.00 11.56 ? 62  GLU A N   1 
ATOM   464  C CA  . GLU A 1 62  ? 9.751   -4.722  -0.016  1.00 2.94  ? 62  GLU A CA  1 
ATOM   465  C C   . GLU A 1 62  ? 9.230   -3.635  -0.926  1.00 11.11 ? 62  GLU A C   1 
ATOM   466  O O   . GLU A 1 62  ? 7.992   -3.487  -0.997  1.00 19.22 ? 62  GLU A O   1 
ATOM   467  C CB  . GLU A 1 62  ? 8.855   -5.921  -0.309  1.00 3.05  ? 62  GLU A CB  1 
ATOM   468  C CG  . GLU A 1 62  ? 9.014   -7.234  0.487   1.00 1.50  ? 62  GLU A CG  1 
ATOM   469  C CD  . GLU A 1 62  ? 8.283   -8.301  -0.290  1.00 15.93 ? 62  GLU A CD  1 
ATOM   470  O OE1 . GLU A 1 62  ? 7.086   -8.264  0.029   1.00 19.65 ? 62  GLU A OE1 1 
ATOM   471  O OE2 . GLU A 1 62  ? 8.812   -9.013  -1.117  1.00 16.57 ? 62  GLU A OE2 1 
ATOM   472  N N   . PRO A 1 63  ? 10.076  -2.977  -1.697  1.00 25.70 ? 63  PRO A N   1 
ATOM   473  C CA  . PRO A 1 63  ? 9.703   -2.011  -2.723  1.00 1.50  ? 63  PRO A CA  1 
ATOM   474  C C   . PRO A 1 63  ? 8.406   -2.216  -3.471  1.00 4.41  ? 63  PRO A C   1 
ATOM   475  O O   . PRO A 1 63  ? 7.703   -1.219  -3.784  1.00 15.47 ? 63  PRO A O   1 
ATOM   476  C CB  . PRO A 1 63  ? 10.888  -2.115  -3.721  1.00 1.50  ? 63  PRO A CB  1 
ATOM   477  C CG  . PRO A 1 63  ? 12.071  -2.302  -2.788  1.00 1.50  ? 63  PRO A CG  1 
ATOM   478  C CD  . PRO A 1 63  ? 11.553  -3.204  -1.683  1.00 7.01  ? 63  PRO A CD  1 
ATOM   479  N N   . ALA A 1 64  ? 8.010   -3.457  -3.765  1.00 9.43  ? 64  ALA A N   1 
ATOM   480  C CA  . ALA A 1 64  ? 6.747   -3.837  -4.362  1.00 1.50  ? 64  ALA A CA  1 
ATOM   481  C C   . ALA A 1 64  ? 5.601   -3.395  -3.448  1.00 4.74  ? 64  ALA A C   1 
ATOM   482  O O   . ALA A 1 64  ? 4.640   -2.861  -3.991  1.00 13.17 ? 64  ALA A O   1 
ATOM   483  C CB  . ALA A 1 64  ? 6.576   -5.313  -4.566  1.00 1.50  ? 64  ALA A CB  1 
ATOM   484  N N   . VAL A 1 65  ? 5.701   -3.607  -2.141  1.00 7.03  ? 65  VAL A N   1 
ATOM   485  C CA  . VAL A 1 65  ? 4.685   -3.225  -1.171  1.00 1.50  ? 65  VAL A CA  1 
ATOM   486  C C   . VAL A 1 65  ? 4.488   -1.700  -1.236  1.00 1.50  ? 65  VAL A C   1 
ATOM   487  O O   . VAL A 1 65  ? 3.332   -1.259  -1.220  1.00 22.21 ? 65  VAL A O   1 
ATOM   488  C CB  . VAL A 1 65  ? 5.053   -3.744  0.230   1.00 12.33 ? 65  VAL A CB  1 
ATOM   489  C CG1 . VAL A 1 65  ? 4.197   -3.168  1.362   1.00 7.77  ? 65  VAL A CG1 1 
ATOM   490  C CG2 . VAL A 1 65  ? 4.993   -5.239  0.427   1.00 6.52  ? 65  VAL A CG2 1 
ATOM   491  N N   . ILE A 1 66  ? 5.492   -0.871  -1.321  1.00 19.42 ? 66  ILE A N   1 
ATOM   492  C CA  . ILE A 1 66  ? 5.478   0.605   -1.403  1.00 1.50  ? 66  ILE A CA  1 
ATOM   493  C C   . ILE A 1 66  ? 4.836   1.064   -2.703  1.00 1.50  ? 66  ILE A C   1 
ATOM   494  O O   . ILE A 1 66  ? 3.992   1.966   -2.718  1.00 10.43 ? 66  ILE A O   1 
ATOM   495  C CB  . ILE A 1 66  ? 6.921   1.214   -1.165  1.00 2.09  ? 66  ILE A CB  1 
ATOM   496  C CG1 . ILE A 1 66  ? 7.586   0.838   0.169   1.00 1.50  ? 66  ILE A CG1 1 
ATOM   497  C CG2 . ILE A 1 66  ? 6.940   2.764   -1.210  1.00 6.64  ? 66  ILE A CG2 1 
ATOM   498  C CD1 . ILE A 1 66  ? 9.061   1.084   0.248   1.00 1.50  ? 66  ILE A CD1 1 
ATOM   499  N N   . ALA A 1 67  ? 5.123   0.455   -3.836  1.00 12.70 ? 67  ALA A N   1 
ATOM   500  C CA  . ALA A 1 67  ? 4.592   0.699   -5.158  1.00 1.50  ? 67  ALA A CA  1 
ATOM   501  C C   . ALA A 1 67  ? 3.121   0.327   -5.181  1.00 1.50  ? 67  ALA A C   1 
ATOM   502  O O   . ALA A 1 67  ? 2.305   0.992   -5.861  1.00 14.82 ? 67  ALA A O   1 
ATOM   503  C CB  . ALA A 1 67  ? 5.354   -0.074  -6.218  1.00 10.04 ? 67  ALA A CB  1 
ATOM   504  N N   . GLY A 1 68  ? 2.751   -0.705  -4.464  1.00 12.15 ? 68  GLY A N   1 
ATOM   505  C CA  . GLY A 1 68  ? 1.352   -1.158  -4.343  1.00 1.50  ? 68  GLY A CA  1 
ATOM   506  C C   . GLY A 1 68  ? 0.566   -0.061  -3.659  1.00 1.50  ? 68  GLY A C   1 
ATOM   507  O O   . GLY A 1 68  ? -0.496  0.372   -4.165  1.00 16.43 ? 68  GLY A O   1 
ATOM   508  N N   . ILE A 1 69  ? 0.998   0.474   -2.527  1.00 9.56  ? 69  ILE A N   1 
ATOM   509  C CA  . ILE A 1 69  ? 0.314   1.572   -1.802  1.00 1.50  ? 69  ILE A CA  1 
ATOM   510  C C   . ILE A 1 69  ? 0.266   2.845   -2.632  1.00 3.50  ? 69  ILE A C   1 
ATOM   511  O O   . ILE A 1 69  ? -0.707  3.574   -2.667  1.00 17.47 ? 69  ILE A O   1 
ATOM   512  C CB  . ILE A 1 69  ? 0.971   1.898   -0.417  1.00 10.90 ? 69  ILE A CB  1 
ATOM   513  C CG1 . ILE A 1 69  ? 0.822   0.735   0.584   1.00 8.34  ? 69  ILE A CG1 1 
ATOM   514  C CG2 . ILE A 1 69  ? 0.381   3.206   0.135   1.00 9.96  ? 69  ILE A CG2 1 
ATOM   515  C CD1 . ILE A 1 69  ? 1.876   0.688   1.711   1.00 1.50  ? 69  ILE A CD1 1 
ATOM   516  N N   . ILE A 1 70  ? 1.389   3.130   -3.306  1.00 25.64 ? 70  ILE A N   1 
ATOM   517  C CA  . ILE A 1 70  ? 1.492   4.327   -4.145  1.00 1.50  ? 70  ILE A CA  1 
ATOM   518  C C   . ILE A 1 70  ? 0.513   4.165   -5.293  1.00 1.50  ? 70  ILE A C   1 
ATOM   519  O O   . ILE A 1 70  ? -0.172  5.166   -5.591  1.00 12.96 ? 70  ILE A O   1 
ATOM   520  C CB  . ILE A 1 70  ? 2.930   4.621   -4.608  1.00 1.50  ? 70  ILE A CB  1 
ATOM   521  C CG1 . ILE A 1 70  ? 3.813   4.961   -3.432  1.00 1.50  ? 70  ILE A CG1 1 
ATOM   522  C CG2 . ILE A 1 70  ? 2.929   5.776   -5.660  1.00 33.94 ? 70  ILE A CG2 1 
ATOM   523  C CD1 . ILE A 1 70  ? 5.309   5.292   -3.793  1.00 1.50  ? 70  ILE A CD1 1 
ATOM   524  N N   . SER A 1 71  ? 0.417   3.024   -5.924  1.00 1.50  ? 71  SER A N   1 
ATOM   525  C CA  . SER A 1 71  ? -0.556  2.920   -7.039  1.00 1.50  ? 71  SER A CA  1 
ATOM   526  C C   . SER A 1 71  ? -1.976  3.111   -6.502  1.00 6.16  ? 71  SER A C   1 
ATOM   527  O O   . SER A 1 71  ? -2.836  3.723   -7.163  1.00 13.14 ? 71  SER A O   1 
ATOM   528  C CB  . SER A 1 71  ? -0.420  1.623   -7.798  1.00 1.50  ? 71  SER A CB  1 
ATOM   529  O OG  . SER A 1 71  ? -1.635  1.277   -8.401  1.00 1.50  ? 71  SER A OG  1 
ATOM   530  N N   . ARG A 1 72  ? -2.274  2.607   -5.319  1.00 19.95 ? 72  ARG A N   1 
ATOM   531  C CA  . ARG A 1 72  ? -3.663  2.704   -4.767  1.00 8.77  ? 72  ARG A CA  1 
ATOM   532  C C   . ARG A 1 72  ? -3.949  4.069   -4.170  1.00 9.18  ? 72  ARG A C   1 
ATOM   533  O O   . ARG A 1 72  ? -5.045  4.609   -4.437  1.00 12.68 ? 72  ARG A O   1 
ATOM   534  C CB  . ARG A 1 72  ? -3.815  1.527   -3.823  1.00 1.50  ? 72  ARG A CB  1 
ATOM   535  C CG  . ARG A 1 72  ? -4.923  1.367   -2.849  1.00 1.50  ? 72  ARG A CG  1 
ATOM   536  C CD  . ARG A 1 72  ? -6.159  0.680   -3.304  1.00 17.46 ? 72  ARG A CD  1 
ATOM   537  N NE  . ARG A 1 72  ? -7.350  1.294   -2.739  1.00 15.10 ? 72  ARG A NE  1 
ATOM   538  C CZ  . ARG A 1 72  ? -8.346  0.594   -2.186  1.00 22.94 ? 72  ARG A CZ  1 
ATOM   539  N NH1 . ARG A 1 72  ? -8.543  -0.651  -2.613  1.00 6.46  ? 72  ARG A NH1 1 
ATOM   540  N NH2 . ARG A 1 72  ? -9.024  1.260   -1.239  1.00 4.09  ? 72  ARG A NH2 1 
ATOM   541  N N   . GLU A 1 73  ? -3.051  4.647   -3.396  1.00 11.94 ? 73  GLU A N   1 
ATOM   542  C CA  . GLU A 1 73  ? -3.233  5.958   -2.785  1.00 1.50  ? 73  GLU A CA  1 
ATOM   543  C C   . GLU A 1 73  ? -3.334  7.092   -3.788  1.00 1.50  ? 73  GLU A C   1 
ATOM   544  O O   . GLU A 1 73  ? -4.371  7.750   -3.772  1.00 11.70 ? 73  GLU A O   1 
ATOM   545  C CB  . GLU A 1 73  ? -2.083  6.231   -1.827  1.00 14.11 ? 73  GLU A CB  1 
ATOM   546  C CG  . GLU A 1 73  ? -2.034  5.379   -0.555  1.00 1.50  ? 73  GLU A CG  1 
ATOM   547  C CD  . GLU A 1 73  ? -3.268  5.343   0.218   1.00 1.50  ? 73  GLU A CD  1 
ATOM   548  O OE1 . GLU A 1 73  ? -4.122  6.234   0.191   1.00 10.51 ? 73  GLU A OE1 1 
ATOM   549  O OE2 . GLU A 1 73  ? -3.441  4.372   0.948   1.00 13.71 ? 73  GLU A OE2 1 
ATOM   550  N N   . SER A 1 74  ? -2.415  7.332   -4.683  1.00 17.35 ? 74  SER A N   1 
ATOM   551  C CA  . SER A 1 74  ? -2.466  8.434   -5.651  1.00 1.50  ? 74  SER A CA  1 
ATOM   552  C C   . SER A 1 74  ? -2.313  8.103   -7.108  1.00 4.89  ? 74  SER A C   1 
ATOM   553  O O   . SER A 1 74  ? -2.344  9.038   -7.962  1.00 20.74 ? 74  SER A O   1 
ATOM   554  C CB  . SER A 1 74  ? -1.309  9.359   -5.262  1.00 20.42 ? 74  SER A CB  1 
ATOM   555  O OG  . SER A 1 74  ? -0.166  8.531   -5.007  1.00 9.37  ? 74  SER A OG  1 
ATOM   556  N N   . HIS A 1 75  ? -2.125  6.828   -7.469  1.00 19.43 ? 75  HIS A N   1 
ATOM   557  C CA  . HIS A 1 75  ? -1.911  6.473   -8.893  1.00 1.50  ? 75  HIS A CA  1 
ATOM   558  C C   . HIS A 1 75  ? -0.559  6.944   -9.359  1.00 1.50  ? 75  HIS A C   1 
ATOM   559  O O   . HIS A 1 75  ? -0.367  7.521   -10.418 1.00 22.83 ? 75  HIS A O   1 
ATOM   560  C CB  . HIS A 1 75  ? -2.961  7.116   -9.785  1.00 1.50  ? 75  HIS A CB  1 
ATOM   561  C CG  . HIS A 1 75  ? -4.096  6.143   -9.869  1.00 4.26  ? 75  HIS A CG  1 
ATOM   562  N ND1 . HIS A 1 75  ? -3.947  4.826   -10.223 1.00 13.54 ? 75  HIS A ND1 1 
ATOM   563  C CD2 . HIS A 1 75  ? -5.402  6.328   -9.676  1.00 4.36  ? 75  HIS A CD2 1 
ATOM   564  C CE1 . HIS A 1 75  ? -5.143  4.271   -10.217 1.00 16.67 ? 75  HIS A CE1 1 
ATOM   565  N NE2 . HIS A 1 75  ? -6.060  5.168   -9.883  1.00 3.40  ? 75  HIS A NE2 1 
ATOM   566  N N   . ALA A 1 76  ? 0.392   6.806   -8.500  1.00 12.36 ? 76  ALA A N   1 
ATOM   567  C CA  . ALA A 1 76  ? 1.790   7.210   -8.619  1.00 1.50  ? 76  ALA A CA  1 
ATOM   568  C C   . ALA A 1 76  ? 1.790   8.687   -8.949  1.00 10.21 ? 76  ALA A C   1 
ATOM   569  O O   . ALA A 1 76  ? 2.517   9.128   -9.845  1.00 22.60 ? 76  ALA A O   1 
ATOM   570  C CB  . ALA A 1 76  ? 2.407   6.231   -9.602  1.00 4.80  ? 76  ALA A CB  1 
ATOM   571  N N   . GLY A 1 77  ? 1.046   9.529   -8.239  1.00 16.75 ? 77  GLY A N   1 
ATOM   572  C CA  . GLY A 1 77  ? 0.955   10.977  -8.408  1.00 6.24  ? 77  GLY A CA  1 
ATOM   573  C C   . GLY A 1 77  ? -0.178  11.557  -9.219  1.00 7.94  ? 77  GLY A C   1 
ATOM   574  O O   . GLY A 1 77  ? -0.836  12.575  -8.955  1.00 4.48  ? 77  GLY A O   1 
ATOM   575  N N   . LYS A 1 78  ? -0.556  10.919  -10.304 1.00 11.94 ? 78  LYS A N   1 
ATOM   576  C CA  . LYS A 1 78  ? -1.508  11.236  -11.342 1.00 1.50  ? 78  LYS A CA  1 
ATOM   577  C C   . LYS A 1 78  ? -2.785  11.922  -10.919 1.00 2.51  ? 78  LYS A C   1 
ATOM   578  O O   . LYS A 1 78  ? -3.270  12.839  -11.591 1.00 19.02 ? 78  LYS A O   1 
ATOM   579  C CB  . LYS A 1 78  ? -1.917  9.933   -12.076 1.00 19.21 ? 78  LYS A CB  1 
ATOM   580  C CG  . LYS A 1 78  ? -0.914  9.720   -13.226 1.00 11.53 ? 78  LYS A CG  1 
ATOM   581  C CD  . LYS A 1 78  ? -0.614  8.249   -13.478 1.00 12.96 ? 78  LYS A CD  1 
ATOM   582  C CE  . LYS A 1 78  ? -1.841  7.496   -13.960 1.00 32.14 ? 78  LYS A CE  1 
ATOM   583  N NZ  . LYS A 1 78  ? -1.437  6.155   -14.457 1.00 24.94 ? 78  LYS A NZ  1 
ATOM   584  N N   . VAL A 1 79  ? -3.362  11.457  -9.879  1.00 9.53  ? 79  VAL A N   1 
ATOM   585  C CA  . VAL A 1 79  ? -4.646  11.957  -9.332  1.00 6.96  ? 79  VAL A CA  1 
ATOM   586  C C   . VAL A 1 79  ? -4.497  13.010  -8.260  1.00 1.50  ? 79  VAL A C   1 
ATOM   587  O O   . VAL A 1 79  ? -5.505  13.300  -7.592  1.00 13.89 ? 79  VAL A O   1 
ATOM   588  C CB  . VAL A 1 79  ? -5.241  10.533  -9.027  1.00 1.61  ? 79  VAL A CB  1 
ATOM   589  C CG1 . VAL A 1 79  ? -5.751  10.347  -7.632  1.00 12.84 ? 79  VAL A CG1 1 
ATOM   590  C CG2 . VAL A 1 79  ? -6.281  10.241  -10.088 1.00 4.92  ? 79  VAL A CG2 1 
ATOM   591  N N   . LEU A 1 80  ? -3.363  13.632  -8.000  1.00 1.50  ? 80  LEU A N   1 
ATOM   592  C CA  . LEU A 1 80  ? -3.029  14.635  -7.022  1.00 1.50  ? 80  LEU A CA  1 
ATOM   593  C C   . LEU A 1 80  ? -2.872  16.065  -7.464  1.00 6.27  ? 80  LEU A C   1 
ATOM   594  O O   . LEU A 1 80  ? -2.429  16.316  -8.582  1.00 13.10 ? 80  LEU A O   1 
ATOM   595  C CB  . LEU A 1 80  ? -1.647  14.258  -6.431  1.00 1.50  ? 80  LEU A CB  1 
ATOM   596  C CG  . LEU A 1 80  ? -1.704  12.907  -5.730  1.00 2.32  ? 80  LEU A CG  1 
ATOM   597  C CD1 . LEU A 1 80  ? -0.531  12.738  -4.792  1.00 1.50  ? 80  LEU A CD1 1 
ATOM   598  C CD2 . LEU A 1 80  ? -3.004  12.828  -4.953  1.00 1.50  ? 80  LEU A CD2 1 
ATOM   599  N N   . LYS A 1 81  ? -3.205  16.993  -6.585  1.00 15.26 ? 81  LYS A N   1 
ATOM   600  C CA  . LYS A 1 81  ? -3.058  18.445  -6.908  1.00 6.70  ? 81  LYS A CA  1 
ATOM   601  C C   . LYS A 1 81  ? -2.056  19.040  -5.955  1.00 1.50  ? 81  LYS A C   1 
ATOM   602  O O   . LYS A 1 81  ? -2.380  19.450  -4.846  1.00 12.18 ? 81  LYS A O   1 
ATOM   603  C CB  . LYS A 1 81  ? -4.366  19.194  -6.839  1.00 3.52  ? 81  LYS A CB  1 
ATOM   604  C CG  . LYS A 1 81  ? -5.342  18.590  -7.872  1.00 1.50  ? 81  LYS A CG  1 
ATOM   605  C CD  . LYS A 1 81  ? -5.101  19.350  -9.179  1.00 1.50  ? 81  LYS A CD  1 
ATOM   606  C CE  . LYS A 1 81  ? -6.107  19.236  -10.267 1.00 1.50  ? 81  LYS A CE  1 
ATOM   607  N NZ  . LYS A 1 81  ? -7.305  20.076  -10.039 1.00 11.21 ? 81  LYS A NZ  1 
ATOM   608  N N   . ASN A 1 82  ? -0.837  19.019  -6.422  1.00 14.22 ? 82  ASN A N   1 
ATOM   609  C CA  . ASN A 1 82  ? 0.340   19.528  -5.705  1.00 1.50  ? 82  ASN A CA  1 
ATOM   610  C C   . ASN A 1 82  ? 0.536   18.631  -4.487  1.00 20.19 ? 82  ASN A C   1 
ATOM   611  O O   . ASN A 1 82  ? 0.713   19.086  -3.344  1.00 25.57 ? 82  ASN A O   1 
ATOM   612  C CB  . ASN A 1 82  ? 0.150   21.000  -5.410  1.00 37.51 ? 82  ASN A CB  1 
ATOM   613  C CG  . ASN A 1 82  ? 0.670   21.893  -6.528  1.00 20.89 ? 82  ASN A CG  1 
ATOM   614  O OD1 . ASN A 1 82  ? 1.248   21.415  -7.515  1.00 52.23 ? 82  ASN A OD1 1 
ATOM   615  N ND2 . ASN A 1 82  ? 0.441   23.187  -6.332  1.00 27.22 ? 82  ASN A ND2 1 
ATOM   616  N N   . GLY A 1 83  ? 0.460   17.339  -4.791  1.00 13.87 ? 83  GLY A N   1 
ATOM   617  C CA  . GLY A 1 83  ? 0.577   16.287  -3.801  1.00 1.50  ? 83  GLY A CA  1 
ATOM   618  C C   . GLY A 1 83  ? -0.603  16.200  -2.866  1.00 16.94 ? 83  GLY A C   1 
ATOM   619  O O   . GLY A 1 83  ? -0.416  15.401  -1.955  1.00 12.76 ? 83  GLY A O   1 
ATOM   620  N N   . TRP A 1 84  ? -1.677  16.940  -3.024  1.00 10.08 ? 84  TRP A N   1 
ATOM   621  C CA  . TRP A 1 84  ? -2.881  16.948  -2.223  1.00 1.65  ? 84  TRP A CA  1 
ATOM   622  C C   . TRP A 1 84  ? -3.922  15.981  -2.779  1.00 8.91  ? 84  TRP A C   1 
ATOM   623  O O   . TRP A 1 84  ? -4.022  15.866  -4.001  1.00 17.89 ? 84  TRP A O   1 
ATOM   624  C CB  . TRP A 1 84  ? -3.459  18.390  -2.099  1.00 17.28 ? 84  TRP A CB  1 
ATOM   625  C CG  . TRP A 1 84  ? -2.570  19.049  -1.092  1.00 4.40  ? 84  TRP A CG  1 
ATOM   626  C CD1 . TRP A 1 84  ? -1.658  20.045  -1.339  1.00 15.57 ? 84  TRP A CD1 1 
ATOM   627  C CD2 . TRP A 1 84  ? -2.449  18.691  0.286   1.00 1.50  ? 84  TRP A CD2 1 
ATOM   628  N NE1 . TRP A 1 84  ? -0.974  20.320  -0.181  1.00 15.13 ? 84  TRP A NE1 1 
ATOM   629  C CE2 . TRP A 1 84  ? -1.413  19.490  0.824   1.00 24.79 ? 84  TRP A CE2 1 
ATOM   630  C CE3 . TRP A 1 84  ? -3.031  17.718  1.078   1.00 4.29  ? 84  TRP A CE3 1 
ATOM   631  C CZ2 . TRP A 1 84  ? -0.981  19.387  2.138   1.00 3.44  ? 84  TRP A CZ2 1 
ATOM   632  C CZ3 . TRP A 1 84  ? -2.651  17.584  2.397   1.00 4.49  ? 84  TRP A CZ3 1 
ATOM   633  C CH2 . TRP A 1 84  ? -1.652  18.428  2.892   1.00 9.50  ? 84  TRP A CH2 1 
ATOM   634  N N   . GLY A 1 85  ? -4.653  15.320  -1.914  1.00 9.84  ? 85  GLY A N   1 
ATOM   635  C CA  . GLY A 1 85  ? -5.710  14.339  -2.281  1.00 14.34 ? 85  GLY A CA  1 
ATOM   636  C C   . GLY A 1 85  ? -6.934  15.209  -2.587  1.00 6.82  ? 85  GLY A C   1 
ATOM   637  O O   . GLY A 1 85  ? -6.912  16.351  -2.081  1.00 16.46 ? 85  GLY A O   1 
ATOM   638  N N   . ASP A 1 86  ? -7.915  14.714  -3.323  1.00 14.97 ? 86  ASP A N   1 
ATOM   639  C CA  . ASP A 1 86  ? -9.018  15.695  -3.658  1.00 2.17  ? 86  ASP A CA  1 
ATOM   640  C C   . ASP A 1 86  ? -9.767  16.174  -2.424  1.00 5.88  ? 86  ASP A C   1 
ATOM   641  O O   . ASP A 1 86  ? -10.212 17.379  -2.557  1.00 27.75 ? 86  ASP A O   1 
ATOM   642  C CB  . ASP A 1 86  ? -9.878  15.167  -4.775  1.00 1.50  ? 86  ASP A CB  1 
ATOM   643  C CG  . ASP A 1 86  ? -10.306 13.748  -4.910  1.00 29.79 ? 86  ASP A CG  1 
ATOM   644  O OD1 . ASP A 1 86  ? -10.622 13.241  -3.805  1.00 46.28 ? 86  ASP A OD1 1 
ATOM   645  O OD2 . ASP A 1 86  ? -10.330 13.227  -6.052  1.00 15.91 ? 86  ASP A OD2 1 
ATOM   646  N N   . ARG A 1 87  ? -9.899  15.493  -1.313  1.00 15.61 ? 87  ARG A N   1 
ATOM   647  C CA  . ARG A 1 87  ? -10.585 16.230  -0.216  1.00 7.03  ? 87  ARG A CA  1 
ATOM   648  C C   . ARG A 1 87  ? -9.561  17.050  0.566   1.00 4.31  ? 87  ARG A C   1 
ATOM   649  O O   . ARG A 1 87  ? -9.939  17.631  1.589   1.00 19.05 ? 87  ARG A O   1 
ATOM   650  C CB  . ARG A 1 87  ? -11.364 15.309  0.690   1.00 12.85 ? 87  ARG A CB  1 
ATOM   651  C CG  . ARG A 1 87  ? -12.812 15.105  0.270   1.00 21.23 ? 87  ARG A CG  1 
ATOM   652  C CD  . ARG A 1 87  ? -13.386 13.874  0.874   1.00 22.28 ? 87  ARG A CD  1 
ATOM   653  N NE  . ARG A 1 87  ? -12.650 13.377  2.038   1.00 62.39 ? 87  ARG A NE  1 
ATOM   654  C CZ  . ARG A 1 87  ? -11.976 12.208  2.019   1.00 66.61 ? 87  ARG A CZ  1 
ATOM   655  N NH1 . ARG A 1 87  ? -11.612 11.647  0.858   1.00 42.24 ? 87  ARG A NH1 1 
ATOM   656  N NH2 . ARG A 1 87  ? -11.718 11.645  3.207   1.00 34.03 ? 87  ARG A NH2 1 
ATOM   657  N N   . GLY A 1 88  ? -8.305  17.131  0.232   1.00 8.53  ? 88  GLY A N   1 
ATOM   658  C CA  . GLY A 1 88  ? -7.237  17.849  0.846   1.00 1.50  ? 88  GLY A CA  1 
ATOM   659  C C   . GLY A 1 88  ? -6.647  17.346  2.138   1.00 7.91  ? 88  GLY A C   1 
ATOM   660  O O   . GLY A 1 88  ? -5.851  18.145  2.669   1.00 17.12 ? 88  GLY A O   1 
ATOM   661  N N   . ASN A 1 89  ? -6.911  16.173  2.666   1.00 34.39 ? 89  ASN A N   1 
ATOM   662  C CA  . ASN A 1 89  ? -6.362  15.622  3.906   1.00 2.90  ? 89  ASN A CA  1 
ATOM   663  C C   . ASN A 1 89  ? -5.106  14.795  3.650   1.00 1.50  ? 89  ASN A C   1 
ATOM   664  O O   . ASN A 1 89  ? -4.153  14.888  4.427   1.00 13.08 ? 89  ASN A O   1 
ATOM   665  C CB  . ASN A 1 89  ? -7.367  14.747  4.615   1.00 4.64  ? 89  ASN A CB  1 
ATOM   666  C CG  . ASN A 1 89  ? -8.675  15.463  4.889   1.00 30.84 ? 89  ASN A CG  1 
ATOM   667  O OD1 . ASN A 1 89  ? -8.674  16.590  5.388   1.00 9.17  ? 89  ASN A OD1 1 
ATOM   668  N ND2 . ASN A 1 89  ? -9.757  14.768  4.543   1.00 25.44 ? 89  ASN A ND2 1 
ATOM   669  N N   . GLY A 1 90  ? -5.080  14.025  2.590   1.00 7.27  ? 90  GLY A N   1 
ATOM   670  C CA  . GLY A 1 90  ? -3.939  13.193  2.199   1.00 1.50  ? 90  GLY A CA  1 
ATOM   671  C C   . GLY A 1 90  ? -2.878  13.884  1.408   1.00 1.50  ? 90  GLY A C   1 
ATOM   672  O O   . GLY A 1 90  ? -3.173  14.594  0.472   1.00 3.58  ? 90  GLY A O   1 
ATOM   673  N N   . PHE A 1 91  ? -1.633  13.692  1.687   1.00 1.50  ? 91  PHE A N   1 
ATOM   674  C CA  . PHE A 1 91  ? -0.483  14.291  1.045   1.00 1.50  ? 91  PHE A CA  1 
ATOM   675  C C   . PHE A 1 91  ? 0.618   13.398  0.517   1.00 15.85 ? 91  PHE A C   1 
ATOM   676  O O   . PHE A 1 91  ? 0.959   12.537  1.322   1.00 9.60  ? 91  PHE A O   1 
ATOM   677  C CB  . PHE A 1 91  ? 0.234   15.136  2.104   1.00 15.39 ? 91  PHE A CB  1 
ATOM   678  C CG  . PHE A 1 91  ? 1.454   15.814  1.566   1.00 6.14  ? 91  PHE A CG  1 
ATOM   679  C CD1 . PHE A 1 91  ? 1.262   16.891  0.713   1.00 1.50  ? 91  PHE A CD1 1 
ATOM   680  C CD2 . PHE A 1 91  ? 2.723   15.398  1.951   1.00 1.50  ? 91  PHE A CD2 1 
ATOM   681  C CE1 . PHE A 1 91  ? 2.401   17.518  0.205   1.00 1.50  ? 91  PHE A CE1 1 
ATOM   682  C CE2 . PHE A 1 91  ? 3.856   16.006  1.478   1.00 4.49  ? 91  PHE A CE2 1 
ATOM   683  C CZ  . PHE A 1 91  ? 3.679   17.080  0.583   1.00 13.50 ? 91  PHE A CZ  1 
ATOM   684  N N   . GLY A 1 92  ? 1.175   13.680  -0.648  1.00 12.71 ? 92  GLY A N   1 
ATOM   685  C CA  . GLY A 1 92  ? 2.271   12.853  -1.193  1.00 9.19  ? 92  GLY A CA  1 
ATOM   686  C C   . GLY A 1 92  ? 1.741   11.603  -1.890  1.00 14.60 ? 92  GLY A C   1 
ATOM   687  O O   . GLY A 1 92  ? 0.534   11.293  -1.910  1.00 4.87  ? 92  GLY A O   1 
ATOM   688  N N   . LEU A 1 93  ? 2.665   10.879  -2.472  1.00 6.67  ? 93  LEU A N   1 
ATOM   689  C CA  . LEU A 1 93  ? 2.482   9.630   -3.209  1.00 10.59 ? 93  LEU A CA  1 
ATOM   690  C C   . LEU A 1 93  ? 1.796   8.568   -2.347  1.00 35.41 ? 93  LEU A C   1 
ATOM   691  O O   . LEU A 1 93  ? 0.938   7.858   -2.889  1.00 18.56 ? 93  LEU A O   1 
ATOM   692  C CB  . LEU A 1 93  ? 3.841   9.126   -3.775  1.00 1.50  ? 93  LEU A CB  1 
ATOM   693  C CG  . LEU A 1 93  ? 4.580   9.996   -4.770  1.00 4.92  ? 93  LEU A CG  1 
ATOM   694  C CD1 . LEU A 1 93  ? 6.056   9.670   -4.775  1.00 1.50  ? 93  LEU A CD1 1 
ATOM   695  C CD2 . LEU A 1 93  ? 3.978   9.757   -6.137  1.00 3.41  ? 93  LEU A CD2 1 
ATOM   696  N N   . MET A 1 94  ? 2.136   8.411   -1.078  1.00 21.87 ? 94  MET A N   1 
ATOM   697  C CA  . MET A 1 94  ? 1.534   7.423   -0.182  1.00 1.50  ? 94  MET A CA  1 
ATOM   698  C C   . MET A 1 94  ? 0.347   8.019   0.585   1.00 21.60 ? 94  MET A C   1 
ATOM   699  O O   . MET A 1 94  ? -0.252  7.306   1.394   1.00 8.52  ? 94  MET A O   1 
ATOM   700  C CB  . MET A 1 94  ? 2.554   6.875   0.786   1.00 6.16  ? 94  MET A CB  1 
ATOM   701  C CG  . MET A 1 94  ? 3.736   6.303   0.033   1.00 7.79  ? 94  MET A CG  1 
ATOM   702  S SD  . MET A 1 94  ? 4.872   5.421   1.137   1.00 10.99 ? 94  MET A SD  1 
ATOM   703  C CE  . MET A 1 94  ? 4.010   3.844   1.385   1.00 8.44  ? 94  MET A CE  1 
ATOM   704  N N   . GLN A 1 95  ? -0.006  9.271   0.338   1.00 1.62  ? 95  GLN A N   1 
ATOM   705  C CA  . GLN A 1 95  ? -1.097  9.938   0.949   1.00 1.50  ? 95  GLN A CA  1 
ATOM   706  C C   . GLN A 1 95  ? -1.137  9.781   2.481   1.00 23.29 ? 95  GLN A C   1 
ATOM   707  O O   . GLN A 1 95  ? -2.023  9.130   3.059   1.00 9.62  ? 95  GLN A O   1 
ATOM   708  C CB  . GLN A 1 95  ? -2.317  9.337   0.246   1.00 1.95  ? 95  GLN A CB  1 
ATOM   709  C CG  . GLN A 1 95  ? -2.732  9.898   -1.062  1.00 11.17 ? 95  GLN A CG  1 
ATOM   710  C CD  . GLN A 1 95  ? -3.215  11.330  -1.107  1.00 6.40  ? 95  GLN A CD  1 
ATOM   711  O OE1 . GLN A 1 95  ? -4.397  11.670  -0.959  1.00 18.51 ? 95  GLN A OE1 1 
ATOM   712  N NE2 . GLN A 1 95  ? -2.245  12.212  -1.355  1.00 6.54  ? 95  GLN A NE2 1 
ATOM   713  N N   . VAL A 1 96  ? -0.204  10.363  3.210   1.00 5.66  ? 96  VAL A N   1 
ATOM   714  C CA  . VAL A 1 96  ? -0.022  10.457  4.655   1.00 9.05  ? 96  VAL A CA  1 
ATOM   715  C C   . VAL A 1 96  ? -1.192  11.308  5.129   1.00 6.28  ? 96  VAL A C   1 
ATOM   716  O O   . VAL A 1 96  ? -1.248  12.418  4.558   1.00 9.25  ? 96  VAL A O   1 
ATOM   717  C CB  . VAL A 1 96  ? 1.280   11.103  5.128   1.00 1.50  ? 96  VAL A CB  1 
ATOM   718  C CG1 . VAL A 1 96  ? 1.346   11.370  6.634   1.00 18.30 ? 96  VAL A CG1 1 
ATOM   719  C CG2 . VAL A 1 96  ? 2.529   10.326  4.721   1.00 4.31  ? 96  VAL A CG2 1 
ATOM   720  N N   . ASP A 1 97  ? -2.052  10.868  6.003   1.00 2.76  ? 97  ASP A N   1 
ATOM   721  C CA  . ASP A 1 97  ? -3.205  11.753  6.365   1.00 2.59  ? 97  ASP A CA  1 
ATOM   722  C C   . ASP A 1 97  ? -2.767  12.779  7.392   1.00 9.94  ? 97  ASP A C   1 
ATOM   723  O O   . ASP A 1 97  ? -2.479  12.434  8.545   1.00 23.48 ? 97  ASP A O   1 
ATOM   724  C CB  . ASP A 1 97  ? -4.381  10.919  6.821   1.00 3.66  ? 97  ASP A CB  1 
ATOM   725  C CG  . ASP A 1 97  ? -5.583  11.759  7.137   1.00 9.99  ? 97  ASP A CG  1 
ATOM   726  O OD1 . ASP A 1 97  ? -5.418  12.900  7.585   1.00 13.41 ? 97  ASP A OD1 1 
ATOM   727  O OD2 . ASP A 1 97  ? -6.675  11.292  6.939   1.00 14.94 ? 97  ASP A OD2 1 
ATOM   728  N N   . LYS A 1 98  ? -2.844  14.030  6.993   1.00 12.27 ? 98  LYS A N   1 
ATOM   729  C CA  . LYS A 1 98  ? -2.450  15.202  7.786   1.00 1.50  ? 98  LYS A CA  1 
ATOM   730  C C   . LYS A 1 98  ? -3.221  15.362  9.090   1.00 15.98 ? 98  LYS A C   1 
ATOM   731  O O   . LYS A 1 98  ? -2.762  16.140  9.963   1.00 12.10 ? 98  LYS A O   1 
ATOM   732  C CB  . LYS A 1 98  ? -2.591  16.506  6.972   1.00 3.32  ? 98  LYS A CB  1 
ATOM   733  C CG  . LYS A 1 98  ? -3.966  17.077  6.977   1.00 1.50  ? 98  LYS A CG  1 
ATOM   734  C CD  . LYS A 1 98  ? -4.190  18.292  6.102   1.00 1.50  ? 98  LYS A CD  1 
ATOM   735  C CE  . LYS A 1 98  ? -5.701  18.511  6.377   1.00 1.50  ? 98  LYS A CE  1 
ATOM   736  N NZ  . LYS A 1 98  ? -6.003  19.828  5.738   1.00 17.22 ? 98  LYS A NZ  1 
ATOM   737  N N   . ARG A 1 99  ? -4.340  14.680  9.239   1.00 6.13  ? 99  ARG A N   1 
ATOM   738  C CA  . ARG A 1 99  ? -5.158  14.791  10.466  1.00 1.50  ? 99  ARG A CA  1 
ATOM   739  C C   . ARG A 1 99  ? -4.542  13.948  11.564  1.00 9.69  ? 99  ARG A C   1 
ATOM   740  O O   . ARG A 1 99  ? -4.599  14.255  12.757  1.00 30.60 ? 99  ARG A O   1 
ATOM   741  C CB  . ARG A 1 99  ? -6.572  14.419  10.096  1.00 1.50  ? 99  ARG A CB  1 
ATOM   742  C CG  . ARG A 1 99  ? -7.330  15.595  9.491   1.00 30.05 ? 99  ARG A CG  1 
ATOM   743  C CD  . ARG A 1 99  ? -8.513  15.178  8.684   1.00 18.50 ? 99  ARG A CD  1 
ATOM   744  N NE  . ARG A 1 99  ? -8.195  13.953  7.945   1.00 14.23 ? 99  ARG A NE  1 
ATOM   745  C CZ  . ARG A 1 99  ? -9.157  13.172  7.462   1.00 26.36 ? 99  ARG A CZ  1 
ATOM   746  N NH1 . ARG A 1 99  ? -10.426 13.563  7.592   1.00 10.25 ? 99  ARG A NH1 1 
ATOM   747  N NH2 . ARG A 1 99  ? -8.894  12.003  6.877   1.00 8.11  ? 99  ARG A NH2 1 
ATOM   748  N N   . SER A 1 100 ? -3.922  12.891  11.125  1.00 16.36 ? 100 SER A N   1 
ATOM   749  C CA  . SER A 1 100 ? -3.238  11.870  11.851  1.00 1.50  ? 100 SER A CA  1 
ATOM   750  C C   . SER A 1 100 ? -1.739  12.047  11.922  1.00 15.92 ? 100 SER A C   1 
ATOM   751  O O   . SER A 1 100 ? -1.112  11.548  12.867  1.00 19.10 ? 100 SER A O   1 
ATOM   752  C CB  . SER A 1 100 ? -3.376  10.504  11.176  1.00 14.82 ? 100 SER A CB  1 
ATOM   753  O OG  . SER A 1 100 ? -4.671  10.022  11.260  1.00 13.01 ? 100 SER A OG  1 
ATOM   754  N N   . HIS A 1 101 ? -1.093  12.535  10.885  1.00 4.30  ? 101 HIS A N   1 
ATOM   755  C CA  . HIS A 1 101 ? 0.349   12.703  10.846  1.00 1.50  ? 101 HIS A CA  1 
ATOM   756  C C   . HIS A 1 101 ? 0.781   14.038  10.270  1.00 24.43 ? 101 HIS A C   1 
ATOM   757  O O   . HIS A 1 101 ? 0.339   14.442  9.189   1.00 16.23 ? 101 HIS A O   1 
ATOM   758  C CB  . HIS A 1 101 ? 1.024   11.557  10.026  1.00 5.26  ? 101 HIS A CB  1 
ATOM   759  C CG  . HIS A 1 101 ? 0.536   10.212  10.485  1.00 4.21  ? 101 HIS A CG  1 
ATOM   760  N ND1 . HIS A 1 101 ? 1.001   9.580   11.590  1.00 10.21 ? 101 HIS A ND1 1 
ATOM   761  C CD2 . HIS A 1 101 ? -0.458  9.436   10.000  1.00 3.97  ? 101 HIS A CD2 1 
ATOM   762  C CE1 . HIS A 1 101 ? 0.378   8.432   11.772  1.00 1.50  ? 101 HIS A CE1 1 
ATOM   763  N NE2 . HIS A 1 101 ? -0.498  8.347   10.828  1.00 11.34 ? 101 HIS A NE2 1 
ATOM   764  N N   . LYS A 1 102 ? 1.676   14.767  10.946  1.00 5.70  ? 102 LYS A N   1 
ATOM   765  C CA  . LYS A 1 102 ? 2.115   15.991  10.296  1.00 2.80  ? 102 LYS A CA  1 
ATOM   766  C C   . LYS A 1 102 ? 3.031   15.472  9.153   1.00 5.96  ? 102 LYS A C   1 
ATOM   767  O O   . LYS A 1 102 ? 3.995   14.757  9.425   1.00 6.91  ? 102 LYS A O   1 
ATOM   768  C CB  . LYS A 1 102 ? 2.898   16.986  11.097  1.00 5.24  ? 102 LYS A CB  1 
ATOM   769  C CG  . LYS A 1 102 ? 3.771   17.937  10.270  1.00 16.58 ? 102 LYS A CG  1 
ATOM   770  C CD  . LYS A 1 102 ? 3.357   19.388  10.216  1.00 19.11 ? 102 LYS A CD  1 
ATOM   771  C CE  . LYS A 1 102 ? 3.953   20.172  9.063   1.00 24.41 ? 102 LYS A CE  1 
ATOM   772  N NZ  . LYS A 1 102 ? 5.206   19.529  8.583   1.00 16.05 ? 102 LYS A NZ  1 
ATOM   773  N N   . PRO A 1 103 ? 2.673   15.841  7.942   1.00 15.07 ? 103 PRO A N   1 
ATOM   774  C CA  . PRO A 1 103 ? 3.408   15.472  6.743   1.00 3.45  ? 103 PRO A CA  1 
ATOM   775  C C   . PRO A 1 103 ? 4.753   16.164  6.699   1.00 9.51  ? 103 PRO A C   1 
ATOM   776  O O   . PRO A 1 103 ? 4.876   17.323  7.108   1.00 12.39 ? 103 PRO A O   1 
ATOM   777  C CB  . PRO A 1 103 ? 2.575   15.849  5.547   1.00 11.67 ? 103 PRO A CB  1 
ATOM   778  C CG  . PRO A 1 103 ? 1.203   16.039  6.165   1.00 1.50  ? 103 PRO A CG  1 
ATOM   779  C CD  . PRO A 1 103 ? 1.488   16.633  7.570   1.00 16.09 ? 103 PRO A CD  1 
ATOM   780  N N   . GLN A 1 104 ? 5.701   15.381  6.206   1.00 13.78 ? 104 GLN A N   1 
ATOM   781  C CA  . GLN A 1 104 ? 7.100   15.690  6.011   1.00 13.71 ? 104 GLN A CA  1 
ATOM   782  C C   . GLN A 1 104 ? 7.543   15.427  4.549   1.00 19.01 ? 104 GLN A C   1 
ATOM   783  O O   . GLN A 1 104 ? 7.181   14.460  3.866   1.00 10.23 ? 104 GLN A O   1 
ATOM   784  C CB  . GLN A 1 104 ? 8.128   14.891  6.834   1.00 7.66  ? 104 GLN A CB  1 
ATOM   785  C CG  . GLN A 1 104 ? 7.722   14.664  8.268   1.00 41.29 ? 104 GLN A CG  1 
ATOM   786  C CD  . GLN A 1 104 ? 8.702   13.824  9.049   1.00 19.47 ? 104 GLN A CD  1 
ATOM   787  O OE1 . GLN A 1 104 ? 9.820   13.544  8.604   1.00 29.30 ? 104 GLN A OE1 1 
ATOM   788  N NE2 . GLN A 1 104 ? 8.196   13.468  10.228  1.00 37.22 ? 104 GLN A NE2 1 
ATOM   789  N N   . GLY A 1 105 ? 8.410   16.344  4.202   1.00 10.51 ? 105 GLY A N   1 
ATOM   790  C CA  . GLY A 1 105 ? 9.083   16.545  2.933   1.00 14.23 ? 105 GLY A CA  1 
ATOM   791  C C   . GLY A 1 105 ? 8.133   17.071  1.855   1.00 12.50 ? 105 GLY A C   1 
ATOM   792  O O   . GLY A 1 105 ? 7.027   17.601  2.045   1.00 39.76 ? 105 GLY A O   1 
ATOM   793  N N   . THR A 1 106 ? 8.579   16.880  0.645   1.00 9.29  ? 106 THR A N   1 
ATOM   794  C CA  . THR A 1 106 ? 7.949   17.254  -0.630  1.00 1.50  ? 106 THR A CA  1 
ATOM   795  C C   . THR A 1 106 ? 7.028   16.159  -1.062  1.00 19.90 ? 106 THR A C   1 
ATOM   796  O O   . THR A 1 106 ? 7.371   15.025  -0.701  1.00 17.56 ? 106 THR A O   1 
ATOM   797  C CB  . THR A 1 106 ? 9.231   17.613  -1.452  1.00 1.50  ? 106 THR A CB  1 
ATOM   798  O OG1 . THR A 1 106 ? 8.693   18.684  -2.289  1.00 41.80 ? 106 THR A OG1 1 
ATOM   799  C CG2 . THR A 1 106 ? 9.866   16.440  -2.171  1.00 11.25 ? 106 THR A CG2 1 
ATOM   800  N N   . TRP A 1 107 ? 5.954   16.313  -1.787  1.00 15.36 ? 107 TRP A N   1 
ATOM   801  C CA  . TRP A 1 107 ? 4.996   15.220  -2.070  1.00 17.53 ? 107 TRP A CA  1 
ATOM   802  C C   . TRP A 1 107 ? 5.458   13.984  -2.832  1.00 21.20 ? 107 TRP A C   1 
ATOM   803  O O   . TRP A 1 107 ? 4.742   12.930  -2.759  1.00 4.47  ? 107 TRP A O   1 
ATOM   804  C CB  . TRP A 1 107 ? 3.822   15.975  -2.742  1.00 7.98  ? 107 TRP A CB  1 
ATOM   805  C CG  . TRP A 1 107 ? 4.080   16.349  -4.143  1.00 11.36 ? 107 TRP A CG  1 
ATOM   806  C CD1 . TRP A 1 107 ? 4.528   17.530  -4.631  1.00 16.90 ? 107 TRP A CD1 1 
ATOM   807  C CD2 . TRP A 1 107 ? 3.916   15.470  -5.272  1.00 27.45 ? 107 TRP A CD2 1 
ATOM   808  N NE1 . TRP A 1 107 ? 4.654   17.433  -6.004  1.00 14.93 ? 107 TRP A NE1 1 
ATOM   809  C CE2 . TRP A 1 107 ? 4.287   16.190  -6.423  1.00 23.66 ? 107 TRP A CE2 1 
ATOM   810  C CE3 . TRP A 1 107 ? 3.506   14.151  -5.431  1.00 15.52 ? 107 TRP A CE3 1 
ATOM   811  C CZ2 . TRP A 1 107 ? 4.251   15.602  -7.668  1.00 8.95  ? 107 TRP A CZ2 1 
ATOM   812  C CZ3 . TRP A 1 107 ? 3.463   13.561  -6.678  1.00 13.20 ? 107 TRP A CZ3 1 
ATOM   813  C CH2 . TRP A 1 107 ? 3.837   14.285  -7.790  1.00 1.50  ? 107 TRP A CH2 1 
ATOM   814  N N   . ASN A 1 108 ? 6.594   14.060  -3.488  1.00 10.21 ? 108 ASN A N   1 
ATOM   815  C CA  . ASN A 1 108 ? 7.139   12.939  -4.266  1.00 1.50  ? 108 ASN A CA  1 
ATOM   816  C C   . ASN A 1 108 ? 8.618   12.649  -4.029  1.00 13.09 ? 108 ASN A C   1 
ATOM   817  O O   . ASN A 1 108 ? 9.235   12.052  -4.941  1.00 30.25 ? 108 ASN A O   1 
ATOM   818  C CB  . ASN A 1 108 ? 6.936   13.191  -5.752  1.00 3.17  ? 108 ASN A CB  1 
ATOM   819  C CG  . ASN A 1 108 ? 7.574   14.433  -6.315  1.00 38.24 ? 108 ASN A CG  1 
ATOM   820  O OD1 . ASN A 1 108 ? 7.449   14.654  -7.532  1.00 19.51 ? 108 ASN A OD1 1 
ATOM   821  N ND2 . ASN A 1 108 ? 8.228   15.203  -5.461  1.00 11.80 ? 108 ASN A ND2 1 
ATOM   822  N N   . GLY A 1 109 ? 9.165   12.976  -2.876  1.00 8.81  ? 109 GLY A N   1 
ATOM   823  C CA  . GLY A 1 109 ? 10.574  12.707  -2.587  1.00 11.60 ? 109 GLY A CA  1 
ATOM   824  C C   . GLY A 1 109 ? 10.769  11.603  -1.572  1.00 17.23 ? 109 GLY A C   1 
ATOM   825  O O   . GLY A 1 109 ? 9.803   10.987  -1.118  1.00 13.69 ? 109 GLY A O   1 
ATOM   826  N N   . GLU A 1 110 ? 12.021  11.398  -1.206  1.00 6.94  ? 110 GLU A N   1 
ATOM   827  C CA  . GLU A 1 110 ? 12.383  10.342  -0.261  1.00 1.50  ? 110 GLU A CA  1 
ATOM   828  C C   . GLU A 1 110 ? 11.974  10.529  1.176   1.00 1.50  ? 110 GLU A C   1 
ATOM   829  O O   . GLU A 1 110 ? 11.817  9.498   1.858   1.00 21.94 ? 110 GLU A O   1 
ATOM   830  C CB  . GLU A 1 110 ? 13.908  10.201  -0.207  1.00 1.50  ? 110 GLU A CB  1 
ATOM   831  C CG  . GLU A 1 110 ? 14.506  8.921   0.248   1.00 8.30  ? 110 GLU A CG  1 
ATOM   832  C CD  . GLU A 1 110 ? 15.966  8.765   0.412   1.00 17.87 ? 110 GLU A CD  1 
ATOM   833  O OE1 . GLU A 1 110 ? 16.514  9.387   -0.516  1.00 38.67 ? 110 GLU A OE1 1 
ATOM   834  O OE2 . GLU A 1 110 ? 16.567  8.139   1.268   1.00 17.45 ? 110 GLU A OE2 1 
ATOM   835  N N   . VAL A 1 111 ? 11.879  11.741  1.645   1.00 4.75  ? 111 VAL A N   1 
ATOM   836  C CA  . VAL A 1 111 ? 11.526  12.133  3.000   1.00 2.39  ? 111 VAL A CA  1 
ATOM   837  C C   . VAL A 1 111 ? 10.051  11.739  3.195   1.00 10.03 ? 111 VAL A C   1 
ATOM   838  O O   . VAL A 1 111 ? 9.692   11.341  4.294   1.00 20.07 ? 111 VAL A O   1 
ATOM   839  C CB  . VAL A 1 111 ? 11.681  13.614  3.386   1.00 18.85 ? 111 VAL A CB  1 
ATOM   840  C CG1 . VAL A 1 111 ? 11.009  13.963  4.728   1.00 1.60  ? 111 VAL A CG1 1 
ATOM   841  C CG2 . VAL A 1 111 ? 13.126  14.017  3.413   1.00 1.50  ? 111 VAL A CG2 1 
ATOM   842  N N   . HIS A 1 112 ? 9.312   11.927  2.130   1.00 14.87 ? 112 HIS A N   1 
ATOM   843  C CA  . HIS A 1 112 ? 7.888   11.602  2.108   1.00 1.50  ? 112 HIS A CA  1 
ATOM   844  C C   . HIS A 1 112 ? 7.736   10.077  2.028   1.00 10.90 ? 112 HIS A C   1 
ATOM   845  O O   . HIS A 1 112 ? 6.998   9.555   2.897   1.00 16.48 ? 112 HIS A O   1 
ATOM   846  C CB  . HIS A 1 112 ? 7.099   12.299  0.990   1.00 1.50  ? 112 HIS A CB  1 
ATOM   847  C CG  . HIS A 1 112 ? 5.768   11.594  0.872   1.00 19.52 ? 112 HIS A CG  1 
ATOM   848  N ND1 . HIS A 1 112 ? 4.736   11.787  1.747   1.00 9.16  ? 112 HIS A ND1 1 
ATOM   849  C CD2 . HIS A 1 112 ? 5.395   10.641  -0.013  1.00 8.68  ? 112 HIS A CD2 1 
ATOM   850  C CE1 . HIS A 1 112 ? 3.773   10.969  1.388   1.00 17.51 ? 112 HIS A CE1 1 
ATOM   851  N NE2 . HIS A 1 112 ? 4.131   10.264  0.344   1.00 6.89  ? 112 HIS A NE2 1 
ATOM   852  N N   . ILE A 1 113 ? 8.383   9.357   1.143   1.00 13.92 ? 113 ILE A N   1 
ATOM   853  C CA  . ILE A 1 113 ? 8.284   7.883   1.075   1.00 1.50  ? 113 ILE A CA  1 
ATOM   854  C C   . ILE A 1 113 ? 8.777   7.222   2.342   1.00 1.50  ? 113 ILE A C   1 
ATOM   855  O O   . ILE A 1 113 ? 8.324   6.103   2.715   1.00 10.43 ? 113 ILE A O   1 
ATOM   856  C CB  . ILE A 1 113 ? 9.017   7.414   -0.233  1.00 2.21  ? 113 ILE A CB  1 
ATOM   857  C CG1 . ILE A 1 113 ? 8.308   8.036   -1.480  1.00 5.52  ? 113 ILE A CG1 1 
ATOM   858  C CG2 . ILE A 1 113 ? 9.119   5.898   -0.446  1.00 1.50  ? 113 ILE A CG2 1 
ATOM   859  C CD1 . ILE A 1 113 ? 9.002   7.645   -2.848  1.00 2.63  ? 113 ILE A CD1 1 
ATOM   860  N N   . THR A 1 114 ? 9.746   7.816   3.053   1.00 23.59 ? 114 THR A N   1 
ATOM   861  C CA  . THR A 1 114 ? 10.332  7.235   4.266   1.00 1.50  ? 114 THR A CA  1 
ATOM   862  C C   . THR A 1 114 ? 9.251   7.313   5.342   1.00 4.47  ? 114 THR A C   1 
ATOM   863  O O   . THR A 1 114 ? 8.869   6.292   5.915   1.00 20.93 ? 114 THR A O   1 
ATOM   864  C CB  . THR A 1 114 ? 11.662  7.865   4.769   1.00 6.32  ? 114 THR A CB  1 
ATOM   865  O OG1 . THR A 1 114 ? 12.755  7.378   3.943   1.00 15.76 ? 114 THR A OG1 1 
ATOM   866  C CG2 . THR A 1 114 ? 11.988  7.509   6.218   1.00 17.62 ? 114 THR A CG2 1 
ATOM   867  N N   . GLN A 1 115 ? 8.779   8.517   5.543   1.00 7.76  ? 115 GLN A N   1 
ATOM   868  C CA  . GLN A 1 115 ? 7.672   8.758   6.473   1.00 2.41  ? 115 GLN A CA  1 
ATOM   869  C C   . GLN A 1 115 ? 6.539   7.798   6.116   1.00 6.39  ? 115 GLN A C   1 
ATOM   870  O O   . GLN A 1 115 ? 6.129   7.065   7.036   1.00 15.22 ? 115 GLN A O   1 
ATOM   871  C CB  . GLN A 1 115 ? 7.262   10.226  6.476   1.00 1.50  ? 115 GLN A CB  1 
ATOM   872  C CG  . GLN A 1 115 ? 5.789   10.405  6.615   1.00 8.41  ? 115 GLN A CG  1 
ATOM   873  C CD  . GLN A 1 115 ? 5.262   11.681  7.177   1.00 12.60 ? 115 GLN A CD  1 
ATOM   874  O OE1 . GLN A 1 115 ? 4.954   12.680  6.545   1.00 17.88 ? 115 GLN A OE1 1 
ATOM   875  N NE2 . GLN A 1 115 ? 5.139   11.645  8.492   1.00 4.05  ? 115 GLN A NE2 1 
ATOM   876  N N   . GLY A 1 116 ? 5.948   7.654   4.973   1.00 14.48 ? 116 GLY A N   1 
ATOM   877  C CA  . GLY A 1 116 ? 4.855   6.732   4.689   1.00 1.50  ? 116 GLY A CA  1 
ATOM   878  C C   . GLY A 1 116 ? 5.169   5.275   5.045   1.00 14.97 ? 116 GLY A C   1 
ATOM   879  O O   . GLY A 1 116 ? 4.285   4.531   5.561   1.00 14.06 ? 116 GLY A O   1 
ATOM   880  N N   . THR A 1 117 ? 6.393   4.854   4.744   1.00 3.91  ? 117 THR A N   1 
ATOM   881  C CA  . THR A 1 117 ? 6.878   3.498   5.017   1.00 1.50  ? 117 THR A CA  1 
ATOM   882  C C   . THR A 1 117 ? 7.147   3.292   6.499   1.00 1.50  ? 117 THR A C   1 
ATOM   883  O O   . THR A 1 117 ? 6.930   2.194   7.032   1.00 13.88 ? 117 THR A O   1 
ATOM   884  C CB  . THR A 1 117 ? 8.152   3.151   4.193   1.00 1.50  ? 117 THR A CB  1 
ATOM   885  O OG1 . THR A 1 117 ? 7.886   3.777   2.915   1.00 1.50  ? 117 THR A OG1 1 
ATOM   886  C CG2 . THR A 1 117 ? 8.465   1.682   3.988   1.00 5.78  ? 117 THR A CG2 1 
ATOM   887  N N   . THR A 1 118 ? 7.624   4.308   7.205   1.00 18.31 ? 118 THR A N   1 
ATOM   888  C CA  . THR A 1 118 ? 7.835   4.248   8.656   1.00 2.19  ? 118 THR A CA  1 
ATOM   889  C C   . THR A 1 118 ? 6.460   4.009   9.286   1.00 14.52 ? 118 THR A C   1 
ATOM   890  O O   . THR A 1 118 ? 6.397   3.054   10.077  1.00 11.12 ? 118 THR A O   1 
ATOM   891  C CB  . THR A 1 118 ? 8.548   5.478   9.246   1.00 1.50  ? 118 THR A CB  1 
ATOM   892  O OG1 . THR A 1 118 ? 9.912   5.320   8.792   1.00 11.29 ? 118 THR A OG1 1 
ATOM   893  C CG2 . THR A 1 118 ? 8.449   5.509   10.741  1.00 31.41 ? 118 THR A CG2 1 
ATOM   894  N N   . ILE A 1 119 ? 5.441   4.750   8.894   1.00 5.07  ? 119 ILE A N   1 
ATOM   895  C CA  . ILE A 1 119 ? 4.055   4.560   9.351   1.00 1.50  ? 119 ILE A CA  1 
ATOM   896  C C   . ILE A 1 119 ? 3.606   3.126   9.003   1.00 3.31  ? 119 ILE A C   1 
ATOM   897  O O   . ILE A 1 119 ? 3.160   2.340   9.877   1.00 13.97 ? 119 ILE A O   1 
ATOM   898  C CB  . ILE A 1 119 ? 3.082   5.623   8.813   1.00 1.50  ? 119 ILE A CB  1 
ATOM   899  C CG1 . ILE A 1 119 ? 3.405   7.050   9.338   1.00 19.16 ? 119 ILE A CG1 1 
ATOM   900  C CG2 . ILE A 1 119 ? 1.625   5.269   9.173   1.00 20.09 ? 119 ILE A CG2 1 
ATOM   901  C CD1 . ILE A 1 119 ? 2.583   8.133   8.573   1.00 7.36  ? 119 ILE A CD1 1 
ATOM   902  N N   . LEU A 1 120 ? 3.761   2.707   7.764   1.00 18.75 ? 120 LEU A N   1 
ATOM   903  C CA  . LEU A 1 120 ? 3.466   1.327   7.386   1.00 3.72  ? 120 LEU A CA  1 
ATOM   904  C C   . LEU A 1 120 ? 4.144   0.376   8.367   1.00 22.87 ? 120 LEU A C   1 
ATOM   905  O O   . LEU A 1 120 ? 3.442   -0.536  8.831   1.00 16.95 ? 120 LEU A O   1 
ATOM   906  C CB  . LEU A 1 120 ? 3.905   1.049   5.919   1.00 5.96  ? 120 LEU A CB  1 
ATOM   907  C CG  . LEU A 1 120 ? 3.968   -0.457  5.593   1.00 6.92  ? 120 LEU A CG  1 
ATOM   908  C CD1 . LEU A 1 120 ? 2.601   -1.058  5.830   1.00 1.50  ? 120 LEU A CD1 1 
ATOM   909  C CD2 . LEU A 1 120 ? 4.407   -0.744  4.158   1.00 5.76  ? 120 LEU A CD2 1 
ATOM   910  N N   . THR A 1 121 ? 5.444   0.522   8.647   1.00 11.69 ? 121 THR A N   1 
ATOM   911  C CA  . THR A 1 121 ? 6.242   -0.346  9.517   1.00 1.50  ? 121 THR A CA  1 
ATOM   912  C C   . THR A 1 121 ? 5.843   -0.383  10.980  1.00 27.15 ? 121 THR A C   1 
ATOM   913  O O   . THR A 1 121 ? 6.032   -1.411  11.656  1.00 19.64 ? 121 THR A O   1 
ATOM   914  C CB  . THR A 1 121 ? 7.738   0.077   9.323   1.00 6.81  ? 121 THR A CB  1 
ATOM   915  O OG1 . THR A 1 121 ? 8.181   -1.044  8.465   1.00 7.30  ? 121 THR A OG1 1 
ATOM   916  C CG2 . THR A 1 121 ? 8.533   0.278   10.595  1.00 12.58 ? 121 THR A CG2 1 
ATOM   917  N N   . ASP A 1 122 ? 5.270   0.678   11.498  1.00 10.31 ? 122 ASP A N   1 
ATOM   918  C CA  . ASP A 1 122 ? 4.772   0.761   12.883  1.00 8.31  ? 122 ASP A CA  1 
ATOM   919  C C   . ASP A 1 122 ? 3.493   -0.064  13.026  1.00 12.67 ? 122 ASP A C   1 
ATOM   920  O O   . ASP A 1 122 ? 3.365   -0.761  14.029  1.00 11.64 ? 122 ASP A O   1 
ATOM   921  C CB  . ASP A 1 122 ? 4.671   2.245   13.252  1.00 17.10 ? 122 ASP A CB  1 
ATOM   922  C CG  . ASP A 1 122 ? 6.057   2.729   13.673  1.00 16.38 ? 122 ASP A CG  1 
ATOM   923  O OD1 . ASP A 1 122 ? 7.002   1.923   13.673  1.00 21.48 ? 122 ASP A OD1 1 
ATOM   924  O OD2 . ASP A 1 122 ? 6.257   3.931   13.968  1.00 35.68 ? 122 ASP A OD2 1 
ATOM   925  N N   . PHE A 1 123 ? 2.596   -0.047  12.080  1.00 6.77  ? 123 PHE A N   1 
ATOM   926  C CA  . PHE A 1 123 ? 1.337   -0.796  12.051  1.00 11.02 ? 123 PHE A CA  1 
ATOM   927  C C   . PHE A 1 123 ? 1.640   -2.281  11.835  1.00 8.87  ? 123 PHE A C   1 
ATOM   928  O O   . PHE A 1 123 ? 0.849   -3.012  12.456  1.00 17.98 ? 123 PHE A O   1 
ATOM   929  C CB  . PHE A 1 123 ? 0.325   -0.348  11.008  1.00 3.58  ? 123 PHE A CB  1 
ATOM   930  C CG  . PHE A 1 123 ? -0.404  0.934   11.255  1.00 13.12 ? 123 PHE A CG  1 
ATOM   931  C CD1 . PHE A 1 123 ? -1.223  1.026   12.385  1.00 22.82 ? 123 PHE A CD1 1 
ATOM   932  C CD2 . PHE A 1 123 ? -0.307  2.026   10.373  1.00 1.50  ? 123 PHE A CD2 1 
ATOM   933  C CE1 . PHE A 1 123 ? -1.979  2.178   12.639  1.00 8.96  ? 123 PHE A CE1 1 
ATOM   934  C CE2 . PHE A 1 123 ? -1.015  3.175   10.633  1.00 10.56 ? 123 PHE A CE2 1 
ATOM   935  C CZ  . PHE A 1 123 ? -1.859  3.261   11.757  1.00 6.47  ? 123 PHE A CZ  1 
ATOM   936  N N   . ILE A 1 124 ? 2.644   -2.690  11.103  1.00 11.29 ? 124 ILE A N   1 
ATOM   937  C CA  . ILE A 1 124 ? 3.080   -4.046  10.883  1.00 1.50  ? 124 ILE A CA  1 
ATOM   938  C C   . ILE A 1 124 ? 3.600   -4.651  12.181  1.00 1.50  ? 124 ILE A C   1 
ATOM   939  O O   . ILE A 1 124 ? 3.441   -5.823  12.556  1.00 23.52 ? 124 ILE A O   1 
ATOM   940  C CB  . ILE A 1 124 ? 4.264   -4.266  9.907   1.00 8.29  ? 124 ILE A CB  1 
ATOM   941  C CG1 . ILE A 1 124 ? 3.970   -3.699  8.509   1.00 21.59 ? 124 ILE A CG1 1 
ATOM   942  C CG2 . ILE A 1 124 ? 4.613   -5.794  9.908   1.00 29.32 ? 124 ILE A CG2 1 
ATOM   943  C CD1 . ILE A 1 124 ? 5.047   -3.937  7.434   1.00 1.50  ? 124 ILE A CD1 1 
ATOM   944  N N   . LYS A 1 125 ? 4.297   -3.804  12.887  1.00 5.33  ? 125 LYS A N   1 
ATOM   945  C CA  . LYS A 1 125 ? 4.909   -4.132  14.184  1.00 7.92  ? 125 LYS A CA  1 
ATOM   946  C C   . LYS A 1 125 ? 3.845   -4.240  15.276  1.00 13.48 ? 125 LYS A C   1 
ATOM   947  O O   . LYS A 1 125 ? 3.846   -4.997  16.257  1.00 24.86 ? 125 LYS A O   1 
ATOM   948  C CB  . LYS A 1 125 ? 5.965   -3.094  14.494  1.00 8.52  ? 125 LYS A CB  1 
ATOM   949  C CG  . LYS A 1 125 ? 7.394   -3.436  14.023  1.00 2.60  ? 125 LYS A CG  1 
ATOM   950  C CD  . LYS A 1 125 ? 8.214   -2.171  14.290  1.00 34.46 ? 125 LYS A CD  1 
ATOM   951  C CE  . LYS A 1 125 ? 9.669   -2.230  13.907  1.00 27.37 ? 125 LYS A CE  1 
ATOM   952  N NZ  . LYS A 1 125 ? 10.414  -1.136  14.595  1.00 62.00 ? 125 LYS A NZ  1 
ATOM   953  N N   . ARG A 1 126 ? 2.843   -3.424  15.109  1.00 24.89 ? 126 ARG A N   1 
ATOM   954  C CA  . ARG A 1 126 ? 1.682   -3.285  15.978  1.00 4.75  ? 126 ARG A CA  1 
ATOM   955  C C   . ARG A 1 126 ? 0.841   -4.538  15.776  1.00 18.62 ? 126 ARG A C   1 
ATOM   956  O O   . ARG A 1 126 ? 0.340   -5.023  16.814  1.00 23.82 ? 126 ARG A O   1 
ATOM   957  C CB  . ARG A 1 126 ? 0.953   -1.982  15.713  1.00 6.68  ? 126 ARG A CB  1 
ATOM   958  C CG  . ARG A 1 126 ? 0.268   -1.343  16.909  1.00 13.96 ? 126 ARG A CG  1 
ATOM   959  C CD  . ARG A 1 126 ? -0.663  -0.238  16.515  1.00 53.14 ? 126 ARG A CD  1 
ATOM   960  N NE  . ARG A 1 126 ? -0.071  1.028   16.094  1.00 30.74 ? 126 ARG A NE  1 
ATOM   961  C CZ  . ARG A 1 126 ? -0.534  2.261   16.314  1.00 56.59 ? 126 ARG A CZ  1 
ATOM   962  N NH1 . ARG A 1 126 ? -1.845  2.503   16.327  1.00 59.30 ? 126 ARG A NH1 1 
ATOM   963  N NH2 . ARG A 1 126 ? 0.248   3.324   16.543  1.00 41.70 ? 126 ARG A NH2 1 
ATOM   964  N N   . ILE A 1 127 ? 0.758   -4.991  14.533  1.00 19.42 ? 127 ILE A N   1 
ATOM   965  C CA  . ILE A 1 127 ? -0.012  -6.213  14.267  1.00 1.50  ? 127 ILE A CA  1 
ATOM   966  C C   . ILE A 1 127 ? 0.879   -7.373  14.712  1.00 22.36 ? 127 ILE A C   1 
ATOM   967  O O   . ILE A 1 127 ? 0.277   -8.371  15.155  1.00 8.89  ? 127 ILE A O   1 
ATOM   968  C CB  . ILE A 1 127 ? -0.516  -6.425  12.822  1.00 1.50  ? 127 ILE A CB  1 
ATOM   969  C CG1 . ILE A 1 127 ? -1.534  -5.319  12.493  1.00 1.50  ? 127 ILE A CG1 1 
ATOM   970  C CG2 . ILE A 1 127 ? -1.142  -7.816  12.595  1.00 20.72 ? 127 ILE A CG2 1 
ATOM   971  C CD1 . ILE A 1 127 ? -2.852  -5.324  13.225  1.00 4.36  ? 127 ILE A CD1 1 
ATOM   972  N N   . GLN A 1 128 ? 2.200   -7.277  14.640  1.00 12.09 ? 128 GLN A N   1 
ATOM   973  C CA  . GLN A 1 128 ? 2.934   -8.499  15.107  1.00 5.13  ? 128 GLN A CA  1 
ATOM   974  C C   . GLN A 1 128 ? 2.662   -8.797  16.573  1.00 5.05  ? 128 GLN A C   1 
ATOM   975  O O   . GLN A 1 128 ? 2.589   -9.968  16.958  1.00 22.99 ? 128 GLN A O   1 
ATOM   976  C CB  . GLN A 1 128 ? 4.401   -8.331  14.772  1.00 1.50  ? 128 GLN A CB  1 
ATOM   977  C CG  . GLN A 1 128 ? 4.653   -8.452  13.278  1.00 13.91 ? 128 GLN A CG  1 
ATOM   978  C CD  . GLN A 1 128 ? 6.095   -8.042  12.974  1.00 27.16 ? 128 GLN A CD  1 
ATOM   979  O OE1 . GLN A 1 128 ? 6.777   -7.626  13.923  1.00 5.42  ? 128 GLN A OE1 1 
ATOM   980  N NE2 . GLN A 1 128 ? 6.456   -8.181  11.692  1.00 11.74 ? 128 GLN A NE2 1 
ATOM   981  N N   . LYS A 1 129 ? 2.507   -7.826  17.439  1.00 18.99 ? 129 LYS A N   1 
ATOM   982  C CA  . LYS A 1 129 ? 2.231   -7.898  18.858  1.00 5.55  ? 129 LYS A CA  1 
ATOM   983  C C   . LYS A 1 129 ? 0.817   -8.350  19.171  1.00 3.88  ? 129 LYS A C   1 
ATOM   984  O O   . LYS A 1 129 ? 0.483   -9.139  20.060  1.00 12.35 ? 129 LYS A O   1 
ATOM   985  C CB  . LYS A 1 129 ? 2.448   -6.509  19.512  1.00 1.86  ? 129 LYS A CB  1 
ATOM   986  C CG  . LYS A 1 129 ? 3.959   -6.248  19.545  1.00 10.95 ? 129 LYS A CG  1 
ATOM   987  C CD  . LYS A 1 129 ? 4.533   -4.877  19.569  1.00 50.25 ? 129 LYS A CD  1 
ATOM   988  C CE  . LYS A 1 129 ? 5.702   -4.576  18.658  1.00 26.32 ? 129 LYS A CE  1 
ATOM   989  N NZ  . LYS A 1 129 ? 6.534   -5.751  18.269  1.00 43.14 ? 129 LYS A NZ  1 
ATOM   990  N N   . LYS A 1 130 ? -0.096  -7.849  18.383  1.00 10.15 ? 130 LYS A N   1 
ATOM   991  C CA  . LYS A 1 130 ? -1.546  -8.099  18.524  1.00 9.18  ? 130 LYS A CA  1 
ATOM   992  C C   . LYS A 1 130 ? -1.979  -9.515  18.235  1.00 19.15 ? 130 LYS A C   1 
ATOM   993  O O   . LYS A 1 130 ? -2.896  -10.032 18.882  1.00 18.48 ? 130 LYS A O   1 
ATOM   994  C CB  . LYS A 1 130 ? -2.235  -7.124  17.585  1.00 1.50  ? 130 LYS A CB  1 
ATOM   995  C CG  . LYS A 1 130 ? -3.681  -7.336  17.278  1.00 5.00  ? 130 LYS A CG  1 
ATOM   996  C CD  . LYS A 1 130 ? -4.378  -6.007  16.911  1.00 4.32  ? 130 LYS A CD  1 
ATOM   997  C CE  . LYS A 1 130 ? -5.850  -6.213  17.046  1.00 9.02  ? 130 LYS A CE  1 
ATOM   998  N NZ  . LYS A 1 130 ? -6.759  -5.088  17.019  1.00 5.05  ? 130 LYS A NZ  1 
ATOM   999  N N   . PHE A 1 131 ? -1.320  -10.101 17.262  1.00 13.61 ? 131 PHE A N   1 
ATOM   1000 C CA  . PHE A 1 131 ? -1.518  -11.418 16.728  1.00 2.99  ? 131 PHE A CA  1 
ATOM   1001 C C   . PHE A 1 131 ? -0.219  -12.186 16.524  1.00 2.78  ? 131 PHE A C   1 
ATOM   1002 O O   . PHE A 1 131 ? 0.214   -12.359 15.354  1.00 15.99 ? 131 PHE A O   1 
ATOM   1003 C CB  . PHE A 1 131 ? -2.197  -11.318 15.368  1.00 1.50  ? 131 PHE A CB  1 
ATOM   1004 C CG  . PHE A 1 131 ? -3.540  -10.729 15.364  1.00 3.72  ? 131 PHE A CG  1 
ATOM   1005 C CD1 . PHE A 1 131 ? -4.627  -11.390 15.912  1.00 14.11 ? 131 PHE A CD1 1 
ATOM   1006 C CD2 . PHE A 1 131 ? -3.717  -9.475  14.779  1.00 3.76  ? 131 PHE A CD2 1 
ATOM   1007 C CE1 . PHE A 1 131 ? -5.920  -10.808 15.860  1.00 8.44  ? 131 PHE A CE1 1 
ATOM   1008 C CE2 . PHE A 1 131 ? -4.955  -8.859  14.748  1.00 3.50  ? 131 PHE A CE2 1 
ATOM   1009 C CZ  . PHE A 1 131 ? -6.062  -9.522  15.304  1.00 6.25  ? 131 PHE A CZ  1 
ATOM   1010 N N   . PRO A 1 132 ? 0.356   -12.722 17.584  1.00 19.61 ? 132 PRO A N   1 
ATOM   1011 C CA  . PRO A 1 132 ? 1.637   -13.449 17.510  1.00 14.29 ? 132 PRO A CA  1 
ATOM   1012 C C   . PRO A 1 132 ? 1.559   -14.823 16.890  1.00 22.22 ? 132 PRO A C   1 
ATOM   1013 O O   . PRO A 1 132 ? 2.605   -15.243 16.376  1.00 24.23 ? 132 PRO A O   1 
ATOM   1014 C CB  . PRO A 1 132 ? 2.136   -13.529 18.922  1.00 8.63  ? 132 PRO A CB  1 
ATOM   1015 C CG  . PRO A 1 132 ? 0.882   -13.464 19.747  1.00 33.27 ? 132 PRO A CG  1 
ATOM   1016 C CD  . PRO A 1 132 ? -0.107  -12.590 18.960  1.00 17.33 ? 132 PRO A CD  1 
ATOM   1017 N N   . SER A 1 133 ? 0.397   -15.426 16.891  1.00 6.69  ? 133 SER A N   1 
ATOM   1018 C CA  . SER A 1 133 ? 0.165   -16.718 16.279  1.00 3.87  ? 133 SER A CA  1 
ATOM   1019 C C   . SER A 1 133 ? 0.144   -16.634 14.749  1.00 8.20  ? 133 SER A C   1 
ATOM   1020 O O   . SER A 1 133 ? 0.233   -17.759 14.198  1.00 8.89  ? 133 SER A O   1 
ATOM   1021 C CB  . SER A 1 133 ? -1.169  -17.342 16.618  1.00 7.79  ? 133 SER A CB  1 
ATOM   1022 O OG  . SER A 1 133 ? -1.717  -16.602 17.675  1.00 31.22 ? 133 SER A OG  1 
ATOM   1023 N N   . TRP A 1 134 ? -0.054  -15.442 14.223  1.00 10.47 ? 134 TRP A N   1 
ATOM   1024 C CA  . TRP A 1 134 ? -0.101  -15.246 12.758  1.00 2.17  ? 134 TRP A CA  1 
ATOM   1025 C C   . TRP A 1 134 ? 1.348   -15.545 12.322  1.00 8.38  ? 134 TRP A C   1 
ATOM   1026 O O   . TRP A 1 134 ? 2.279   -15.709 13.137  1.00 33.34 ? 134 TRP A O   1 
ATOM   1027 C CB  . TRP A 1 134 ? -0.618  -13.900 12.262  1.00 7.55  ? 134 TRP A CB  1 
ATOM   1028 C CG  . TRP A 1 134 ? -2.019  -13.442 12.395  1.00 7.81  ? 134 TRP A CG  1 
ATOM   1029 C CD1 . TRP A 1 134 ? -2.956  -14.075 13.162  1.00 7.90  ? 134 TRP A CD1 1 
ATOM   1030 C CD2 . TRP A 1 134 ? -2.695  -12.277 11.864  1.00 1.50  ? 134 TRP A CD2 1 
ATOM   1031 N NE1 . TRP A 1 134 ? -4.160  -13.415 13.088  1.00 21.00 ? 134 TRP A NE1 1 
ATOM   1032 C CE2 . TRP A 1 134 ? -4.017  -12.286 12.338  1.00 17.37 ? 134 TRP A CE2 1 
ATOM   1033 C CE3 . TRP A 1 134 ? -2.323  -11.196 11.090  1.00 20.35 ? 134 TRP A CE3 1 
ATOM   1034 C CZ2 . TRP A 1 134 ? -4.953  -11.292 12.050  1.00 2.61  ? 134 TRP A CZ2 1 
ATOM   1035 C CZ3 . TRP A 1 134 ? -3.248  -10.208 10.759  1.00 2.66  ? 134 TRP A CZ3 1 
ATOM   1036 C CH2 . TRP A 1 134 ? -4.556  -10.248 11.226  1.00 12.43 ? 134 TRP A CH2 1 
ATOM   1037 N N   . THR A 1 135 ? 1.549   -15.601 11.037  1.00 6.86  ? 135 THR A N   1 
ATOM   1038 C CA  . THR A 1 135 ? 2.821   -15.810 10.379  1.00 2.84  ? 135 THR A CA  1 
ATOM   1039 C C   . THR A 1 135 ? 3.340   -14.439 10.007  1.00 1.50  ? 135 THR A C   1 
ATOM   1040 O O   . THR A 1 135 ? 2.602   -13.450 10.078  1.00 16.11 ? 135 THR A O   1 
ATOM   1041 C CB  . THR A 1 135 ? 2.613   -16.676 9.131   1.00 1.50  ? 135 THR A CB  1 
ATOM   1042 O OG1 . THR A 1 135 ? 1.895   -15.679 8.318   1.00 28.56 ? 135 THR A OG1 1 
ATOM   1043 C CG2 . THR A 1 135 ? 1.768   -17.894 9.333   1.00 22.81 ? 135 THR A CG2 1 
ATOM   1044 N N   . LYS A 1 136 ? 4.566   -14.298 9.610   1.00 10.59 ? 136 LYS A N   1 
ATOM   1045 C CA  . LYS A 1 136 ? 5.076   -12.936 9.326   1.00 1.50  ? 136 LYS A CA  1 
ATOM   1046 C C   . LYS A 1 136 ? 4.204   -12.445 8.198   1.00 1.50  ? 136 LYS A C   1 
ATOM   1047 O O   . LYS A 1 136 ? 3.598   -11.384 8.199   1.00 7.10  ? 136 LYS A O   1 
ATOM   1048 C CB  . LYS A 1 136 ? 6.582   -13.137 9.172   1.00 2.20  ? 136 LYS A CB  1 
ATOM   1049 C CG  . LYS A 1 136 ? 7.431   -12.959 10.409  1.00 17.75 ? 136 LYS A CG  1 
ATOM   1050 C CD  . LYS A 1 136 ? 8.922   -13.179 10.247  1.00 14.62 ? 136 LYS A CD  1 
ATOM   1051 C CE  . LYS A 1 136 ? 9.621   -12.150 9.415   1.00 15.69 ? 136 LYS A CE  1 
ATOM   1052 N NZ  . LYS A 1 136 ? 10.507  -12.772 8.379   1.00 55.28 ? 136 LYS A NZ  1 
ATOM   1053 N N   . ASP A 1 137 ? 4.057   -13.228 7.150   1.00 12.50 ? 137 ASP A N   1 
ATOM   1054 C CA  . ASP A 1 137 ? 3.295   -12.923 5.933   1.00 1.59  ? 137 ASP A CA  1 
ATOM   1055 C C   . ASP A 1 137 ? 1.895   -12.427 6.317   1.00 10.29 ? 137 ASP A C   1 
ATOM   1056 O O   . ASP A 1 137 ? 1.398   -11.517 5.621   1.00 12.20 ? 137 ASP A O   1 
ATOM   1057 C CB  . ASP A 1 137 ? 3.212   -14.081 4.922   1.00 1.50  ? 137 ASP A CB  1 
ATOM   1058 C CG  . ASP A 1 137 ? 4.545   -14.677 4.570   1.00 2.86  ? 137 ASP A CG  1 
ATOM   1059 O OD1 . ASP A 1 137 ? 5.396   -13.969 4.013   1.00 13.13 ? 137 ASP A OD1 1 
ATOM   1060 O OD2 . ASP A 1 137 ? 4.883   -15.841 4.845   1.00 19.43 ? 137 ASP A OD2 1 
ATOM   1061 N N   . GLN A 1 138 ? 1.268   -13.002 7.298   1.00 3.77  ? 138 GLN A N   1 
ATOM   1062 C CA  . GLN A 1 138 ? -0.087  -12.624 7.695   1.00 1.50  ? 138 GLN A CA  1 
ATOM   1063 C C   . GLN A 1 138 ? -0.042  -11.278 8.403   1.00 9.09  ? 138 GLN A C   1 
ATOM   1064 O O   . GLN A 1 138 ? -0.970  -10.450 8.213   1.00 16.53 ? 138 GLN A O   1 
ATOM   1065 C CB  . GLN A 1 138 ? -0.648  -13.748 8.520   1.00 2.06  ? 138 GLN A CB  1 
ATOM   1066 C CG  . GLN A 1 138 ? -0.950  -15.007 7.667   1.00 1.50  ? 138 GLN A CG  1 
ATOM   1067 C CD  . GLN A 1 138 ? -1.474  -15.998 8.693   1.00 10.71 ? 138 GLN A CD  1 
ATOM   1068 O OE1 . GLN A 1 138 ? -0.831  -16.122 9.737   1.00 24.72 ? 138 GLN A OE1 1 
ATOM   1069 N NE2 . GLN A 1 138 ? -2.593  -16.644 8.542   1.00 9.04  ? 138 GLN A NE2 1 
ATOM   1070 N N   . GLN A 1 139 ? 0.998   -11.039 9.170   1.00 13.25 ? 139 GLN A N   1 
ATOM   1071 C CA  . GLN A 1 139 ? 1.213   -9.784  9.914   1.00 1.50  ? 139 GLN A CA  1 
ATOM   1072 C C   . GLN A 1 139 ? 1.552   -8.757  8.857   1.00 1.50  ? 139 GLN A C   1 
ATOM   1073 O O   . GLN A 1 139 ? 1.000   -7.671  9.074   1.00 9.90  ? 139 GLN A O   1 
ATOM   1074 C CB  . GLN A 1 139 ? 2.251   -9.916  11.040  1.00 5.71  ? 139 GLN A CB  1 
ATOM   1075 C CG  . GLN A 1 139 ? 1.874   -11.051 11.961  1.00 1.50  ? 139 GLN A CG  1 
ATOM   1076 C CD  . GLN A 1 139 ? 2.872   -11.593 12.911  1.00 15.25 ? 139 GLN A CD  1 
ATOM   1077 O OE1 . GLN A 1 139 ? 4.096   -11.471 12.785  1.00 18.35 ? 139 GLN A OE1 1 
ATOM   1078 N NE2 . GLN A 1 139 ? 2.361   -12.281 13.952  1.00 8.40  ? 139 GLN A NE2 1 
ATOM   1079 N N   . LEU A 1 140 ? 2.288   -9.052  7.789   1.00 18.57 ? 140 LEU A N   1 
ATOM   1080 C CA  . LEU A 1 140 ? 2.542   -8.056  6.736   1.00 1.50  ? 140 LEU A CA  1 
ATOM   1081 C C   . LEU A 1 140 ? 1.240   -7.543  6.113   1.00 1.50  ? 140 LEU A C   1 
ATOM   1082 O O   . LEU A 1 140 ? 1.055   -6.321  5.912   1.00 15.78 ? 140 LEU A O   1 
ATOM   1083 C CB  . LEU A 1 140 ? 3.494   -8.612  5.674   1.00 2.04  ? 140 LEU A CB  1 
ATOM   1084 C CG  . LEU A 1 140 ? 3.707   -7.669  4.477   1.00 3.25  ? 140 LEU A CG  1 
ATOM   1085 C CD1 . LEU A 1 140 ? 4.357   -6.352  4.878   1.00 15.08 ? 140 LEU A CD1 1 
ATOM   1086 C CD2 . LEU A 1 140 ? 4.596   -8.362  3.460   1.00 6.50  ? 140 LEU A CD2 1 
ATOM   1087 N N   . LYS A 1 141 ? 0.292   -8.383  5.790   1.00 8.82  ? 141 LYS A N   1 
ATOM   1088 C CA  . LYS A 1 141 ? -1.022  -8.070  5.203   1.00 7.46  ? 141 LYS A CA  1 
ATOM   1089 C C   . LYS A 1 141 ? -1.830  -7.225  6.177   1.00 20.80 ? 141 LYS A C   1 
ATOM   1090 O O   . LYS A 1 141 ? -2.401  -6.190  5.809   1.00 20.73 ? 141 LYS A O   1 
ATOM   1091 C CB  . LYS A 1 141 ? -1.822  -9.305  4.815   1.00 1.50  ? 141 LYS A CB  1 
ATOM   1092 C CG  . LYS A 1 141 ? -2.890  -9.026  3.747   1.00 1.50  ? 141 LYS A CG  1 
ATOM   1093 C CD  . LYS A 1 141 ? -3.901  -10.167 3.776   1.00 6.77  ? 141 LYS A CD  1 
ATOM   1094 C CE  . LYS A 1 141 ? -4.838  -10.081 2.600   1.00 8.79  ? 141 LYS A CE  1 
ATOM   1095 N NZ  . LYS A 1 141 ? -5.500  -11.389 2.364   1.00 7.83  ? 141 LYS A NZ  1 
ATOM   1096 N N   . GLY A 1 142 ? -1.844  -7.669  7.420   1.00 20.85 ? 142 GLY A N   1 
ATOM   1097 C CA  . GLY A 1 142 ? -2.533  -6.964  8.507   1.00 1.50  ? 142 GLY A CA  1 
ATOM   1098 C C   . GLY A 1 142 ? -2.039  -5.529  8.524   1.00 3.21  ? 142 GLY A C   1 
ATOM   1099 O O   . GLY A 1 142 ? -2.722  -4.488  8.486   1.00 11.62 ? 142 GLY A O   1 
ATOM   1100 N N   . GLY A 1 143 ? -0.726  -5.384  8.580   1.00 16.87 ? 143 GLY A N   1 
ATOM   1101 C CA  . GLY A 1 143 ? -0.050  -4.067  8.608   1.00 9.54  ? 143 GLY A CA  1 
ATOM   1102 C C   . GLY A 1 143 ? -0.594  -3.167  7.501   1.00 16.37 ? 143 GLY A C   1 
ATOM   1103 O O   . GLY A 1 143 ? -0.968  -2.019  7.789   1.00 20.11 ? 143 GLY A O   1 
ATOM   1104 N N   . ILE A 1 144 ? -0.584  -3.711  6.294   1.00 13.95 ? 144 ILE A N   1 
ATOM   1105 C CA  . ILE A 1 144 ? -1.020  -3.017  5.098   1.00 17.00 ? 144 ILE A CA  1 
ATOM   1106 C C   . ILE A 1 144 ? -2.477  -2.599  5.230   1.00 11.35 ? 144 ILE A C   1 
ATOM   1107 O O   . ILE A 1 144 ? -2.797  -1.502  4.762   1.00 10.80 ? 144 ILE A O   1 
ATOM   1108 C CB  . ILE A 1 144 ? -0.859  -3.841  3.785   1.00 1.50  ? 144 ILE A CB  1 
ATOM   1109 C CG1 . ILE A 1 144 ? 0.635   -3.800  3.391   1.00 7.48  ? 144 ILE A CG1 1 
ATOM   1110 C CG2 . ILE A 1 144 ? -1.733  -3.332  2.656   1.00 8.44  ? 144 ILE A CG2 1 
ATOM   1111 C CD1 . ILE A 1 144 ? 0.987   -5.040  2.517   1.00 1.50  ? 144 ILE A CD1 1 
ATOM   1112 N N   . SER A 1 145 ? -3.294  -3.465  5.785   1.00 5.96  ? 145 SER A N   1 
ATOM   1113 C CA  . SER A 1 145 ? -4.714  -3.047  5.884   1.00 1.50  ? 145 SER A CA  1 
ATOM   1114 C C   . SER A 1 145 ? -4.926  -2.069  7.040   1.00 18.68 ? 145 SER A C   1 
ATOM   1115 O O   . SER A 1 145 ? -5.813  -1.208  7.197   1.00 16.88 ? 145 SER A O   1 
ATOM   1116 C CB  . SER A 1 145 ? -5.538  -4.303  5.968   1.00 1.50  ? 145 SER A CB  1 
ATOM   1117 O OG  . SER A 1 145 ? -6.795  -4.012  6.564   1.00 6.00  ? 145 SER A OG  1 
ATOM   1118 N N   . ALA A 1 146 ? -4.060  -2.090  8.011   1.00 9.15  ? 146 ALA A N   1 
ATOM   1119 C CA  . ALA A 1 146 ? -4.099  -1.205  9.172   1.00 1.50  ? 146 ALA A CA  1 
ATOM   1120 C C   . ALA A 1 146 ? -3.667  0.150   8.658   1.00 14.30 ? 146 ALA A C   1 
ATOM   1121 O O   . ALA A 1 146 ? -4.262  1.158   9.082   1.00 12.88 ? 146 ALA A O   1 
ATOM   1122 C CB  . ALA A 1 146 ? -3.264  -1.906  10.252  1.00 13.85 ? 146 ALA A CB  1 
ATOM   1123 N N   . TYR A 1 147 ? -2.703  0.218   7.740   1.00 16.53 ? 147 TYR A N   1 
ATOM   1124 C CA  . TYR A 1 147 ? -2.155  1.418   7.089   1.00 6.84  ? 147 TYR A CA  1 
ATOM   1125 C C   . TYR A 1 147 ? -3.261  2.363   6.637   1.00 18.58 ? 147 TYR A C   1 
ATOM   1126 O O   . TYR A 1 147 ? -3.129  3.609   6.675   1.00 14.23 ? 147 TYR A O   1 
ATOM   1127 C CB  . TYR A 1 147 ? -1.225  1.115   5.874   1.00 1.50  ? 147 TYR A CB  1 
ATOM   1128 C CG  . TYR A 1 147 ? -0.570  2.286   5.212   1.00 1.54  ? 147 TYR A CG  1 
ATOM   1129 C CD1 . TYR A 1 147 ? 0.609   2.886   5.652   1.00 9.60  ? 147 TYR A CD1 1 
ATOM   1130 C CD2 . TYR A 1 147 ? -1.161  2.881   4.101   1.00 14.47 ? 147 TYR A CD2 1 
ATOM   1131 C CE1 . TYR A 1 147 ? 1.182   3.982   5.012   1.00 1.50  ? 147 TYR A CE1 1 
ATOM   1132 C CE2 . TYR A 1 147 ? -0.655  3.991   3.444   1.00 1.50  ? 147 TYR A CE2 1 
ATOM   1133 C CZ  . TYR A 1 147 ? 0.518   4.540   3.912   1.00 4.08  ? 147 TYR A CZ  1 
ATOM   1134 O OH  . TYR A 1 147 ? 0.986   5.677   3.284   1.00 16.09 ? 147 TYR A OH  1 
ATOM   1135 N N   . ASN A 1 148 ? -4.386  1.835   6.203   1.00 25.60 ? 148 ASN A N   1 
ATOM   1136 C CA  . ASN A 1 148 ? -5.567  2.526   5.769   1.00 9.40  ? 148 ASN A CA  1 
ATOM   1137 C C   . ASN A 1 148 ? -6.610  2.784   6.848   1.00 14.53 ? 148 ASN A C   1 
ATOM   1138 O O   . ASN A 1 148 ? -7.203  3.863   6.778   1.00 16.34 ? 148 ASN A O   1 
ATOM   1139 C CB  . ASN A 1 148 ? -6.352  1.703   4.728   1.00 1.50  ? 148 ASN A CB  1 
ATOM   1140 C CG  . ASN A 1 148 ? -7.467  2.515   4.116   1.00 5.86  ? 148 ASN A CG  1 
ATOM   1141 O OD1 . ASN A 1 148 ? -8.586  2.047   4.140   1.00 10.65 ? 148 ASN A OD1 1 
ATOM   1142 N ND2 . ASN A 1 148 ? -7.281  3.698   3.547   1.00 11.09 ? 148 ASN A ND2 1 
ATOM   1143 N N   . ALA A 1 149 ? -6.886  1.808   7.686   1.00 11.36 ? 149 ALA A N   1 
ATOM   1144 C CA  . ALA A 1 149 ? -7.994  2.083   8.638   1.00 3.56  ? 149 ALA A CA  1 
ATOM   1145 C C   . ALA A 1 149 ? -7.629  2.019   10.102  1.00 9.64  ? 149 ALA A C   1 
ATOM   1146 O O   . ALA A 1 149 ? -8.564  2.244   10.889  1.00 7.90  ? 149 ALA A O   1 
ATOM   1147 C CB  . ALA A 1 149 ? -9.098  1.087   8.297   1.00 16.90 ? 149 ALA A CB  1 
ATOM   1148 N N   . GLY A 1 150 ? -6.394  1.816   10.477  1.00 5.06  ? 150 GLY A N   1 
ATOM   1149 C CA  . GLY A 1 150 ? -6.035  1.784   11.909  1.00 16.07 ? 150 GLY A CA  1 
ATOM   1150 C C   . GLY A 1 150 ? -5.942  0.319   12.311  1.00 13.17 ? 150 GLY A C   1 
ATOM   1151 O O   . GLY A 1 150 ? -6.669  -0.509  11.747  1.00 21.48 ? 150 GLY A O   1 
ATOM   1152 N N   . ALA A 1 151 ? -5.110  -0.009  13.273  1.00 10.32 ? 151 ALA A N   1 
ATOM   1153 C CA  . ALA A 1 151 ? -4.911  -1.423  13.649  1.00 8.58  ? 151 ALA A CA  1 
ATOM   1154 C C   . ALA A 1 151 ? -6.159  -1.904  14.334  1.00 8.79  ? 151 ALA A C   1 
ATOM   1155 O O   . ALA A 1 151 ? -6.493  -3.096  14.236  1.00 15.06 ? 151 ALA A O   1 
ATOM   1156 C CB  . ALA A 1 151 ? -3.648  -1.583  14.476  1.00 9.65  ? 151 ALA A CB  1 
ATOM   1157 N N   . GLY A 1 152 ? -6.902  -0.982  14.934  1.00 16.56 ? 152 GLY A N   1 
ATOM   1158 C CA  . GLY A 1 152 ? -8.131  -1.351  15.637  1.00 27.97 ? 152 GLY A CA  1 
ATOM   1159 C C   . GLY A 1 152 ? -9.159  -2.102  14.800  1.00 33.92 ? 152 GLY A C   1 
ATOM   1160 O O   . GLY A 1 152 ? -10.094 -2.779  15.307  1.00 16.77 ? 152 GLY A O   1 
ATOM   1161 N N   . ASN A 1 153 ? -9.013  -1.934  13.503  1.00 3.41  ? 153 ASN A N   1 
ATOM   1162 C CA  . ASN A 1 153 ? -9.854  -2.523  12.470  1.00 1.50  ? 153 ASN A CA  1 
ATOM   1163 C C   . ASN A 1 153 ? -9.323  -3.927  12.248  1.00 11.09 ? 153 ASN A C   1 
ATOM   1164 O O   . ASN A 1 153 ? -10.137 -4.740  11.759  1.00 12.00 ? 153 ASN A O   1 
ATOM   1165 C CB  . ASN A 1 153 ? -9.825  -1.576  11.310  1.00 2.96  ? 153 ASN A CB  1 
ATOM   1166 C CG  . ASN A 1 153 ? -11.093 -1.623  10.480  1.00 19.26 ? 153 ASN A CG  1 
ATOM   1167 O OD1 . ASN A 1 153 ? -12.186 -1.218  10.898  1.00 9.68  ? 153 ASN A OD1 1 
ATOM   1168 N ND2 . ASN A 1 153 ? -10.966 -2.142  9.273   1.00 12.40 ? 153 ASN A ND2 1 
ATOM   1169 N N   . VAL A 1 154 ? -8.061  -4.193  12.600  1.00 7.88  ? 154 VAL A N   1 
ATOM   1170 C CA  . VAL A 1 154 ? -7.632  -5.611  12.383  1.00 13.90 ? 154 VAL A CA  1 
ATOM   1171 C C   . VAL A 1 154 ? -7.984  -6.351  13.678  1.00 13.72 ? 154 VAL A C   1 
ATOM   1172 O O   . VAL A 1 154 ? -7.494  -6.229  14.810  1.00 12.67 ? 154 VAL A O   1 
ATOM   1173 C CB  . VAL A 1 154 ? -6.197  -5.653  11.885  1.00 1.63  ? 154 VAL A CB  1 
ATOM   1174 C CG1 . VAL A 1 154 ? -5.695  -7.056  11.529  1.00 8.58  ? 154 VAL A CG1 1 
ATOM   1175 C CG2 . VAL A 1 154 ? -6.017  -4.772  10.692  1.00 2.11  ? 154 VAL A CG2 1 
ATOM   1176 N N   . ARG A 1 155 ? -8.973  -7.207  13.515  1.00 4.48  ? 155 ARG A N   1 
ATOM   1177 C CA  . ARG A 1 155 ? -9.582  -8.038  14.519  1.00 1.50  ? 155 ARG A CA  1 
ATOM   1178 C C   . ARG A 1 155 ? -9.464  -9.527  14.293  1.00 8.24  ? 155 ARG A C   1 
ATOM   1179 O O   . ARG A 1 155 ? -9.545  -10.339 15.224  1.00 6.18  ? 155 ARG A O   1 
ATOM   1180 C CB  . ARG A 1 155 ? -11.060 -7.703  14.461  1.00 1.50  ? 155 ARG A CB  1 
ATOM   1181 C CG  . ARG A 1 155 ? -11.301 -6.323  15.067  1.00 2.69  ? 155 ARG A CG  1 
ATOM   1182 C CD  . ARG A 1 155 ? -12.793 -6.334  15.336  1.00 29.74 ? 155 ARG A CD  1 
ATOM   1183 N NE  . ARG A 1 155 ? -12.898 -5.732  16.680  1.00 19.41 ? 155 ARG A NE  1 
ATOM   1184 C CZ  . ARG A 1 155 ? -13.033 -4.385  16.653  1.00 49.77 ? 155 ARG A CZ  1 
ATOM   1185 N NH1 . ARG A 1 155 ? -13.088 -3.727  15.492  1.00 7.06  ? 155 ARG A NH1 1 
ATOM   1186 N NH2 . ARG A 1 155 ? -13.118 -3.826  17.854  1.00 15.77 ? 155 ARG A NH2 1 
ATOM   1187 N N   . SER A 1 156 ? -9.318  -9.751  12.999  1.00 22.50 ? 156 SER A N   1 
ATOM   1188 C CA  . SER A 1 156 ? -9.257  -11.017 12.311  1.00 2.34  ? 156 SER A CA  1 
ATOM   1189 C C   . SER A 1 156 ? -8.396  -10.982 11.048  1.00 9.84  ? 156 SER A C   1 
ATOM   1190 O O   . SER A 1 156 ? -8.095  -9.943  10.468  1.00 4.61  ? 156 SER A O   1 
ATOM   1191 C CB  . SER A 1 156 ? -10.633 -11.469 11.795  1.00 10.01 ? 156 SER A CB  1 
ATOM   1192 O OG  . SER A 1 156 ? -11.224 -10.346 11.088  1.00 20.74 ? 156 SER A OG  1 
ATOM   1193 N N   . TYR A 1 157 ? -8.053  -12.208 10.679  1.00 14.24 ? 157 TYR A N   1 
ATOM   1194 C CA  . TYR A 1 157 ? -7.307  -12.451 9.484   1.00 1.50  ? 157 TYR A CA  1 
ATOM   1195 C C   . TYR A 1 157 ? -8.287  -12.254 8.334   1.00 1.50  ? 157 TYR A C   1 
ATOM   1196 O O   . TYR A 1 157 ? -8.035  -11.406 7.517   1.00 9.88  ? 157 TYR A O   1 
ATOM   1197 C CB  . TYR A 1 157 ? -6.689  -13.852 9.310   1.00 7.74  ? 157 TYR A CB  1 
ATOM   1198 C CG  . TYR A 1 157 ? -5.777  -13.823 8.113   1.00 1.50  ? 157 TYR A CG  1 
ATOM   1199 C CD1 . TYR A 1 157 ? -4.602  -13.073 8.168   1.00 17.95 ? 157 TYR A CD1 1 
ATOM   1200 C CD2 . TYR A 1 157 ? -6.119  -14.433 6.914   1.00 10.52 ? 157 TYR A CD2 1 
ATOM   1201 C CE1 . TYR A 1 157 ? -3.759  -12.971 7.063   1.00 9.83  ? 157 TYR A CE1 1 
ATOM   1202 C CE2 . TYR A 1 157 ? -5.284  -14.374 5.801   1.00 12.03 ? 157 TYR A CE2 1 
ATOM   1203 C CZ  . TYR A 1 157 ? -4.110  -13.632 5.881   1.00 20.96 ? 157 TYR A CZ  1 
ATOM   1204 O OH  . TYR A 1 157 ? -3.280  -13.545 4.791   1.00 26.34 ? 157 TYR A OH  1 
ATOM   1205 N N   . ALA A 1 158 ? -9.298  -13.064 8.322   1.00 14.07 ? 158 ALA A N   1 
ATOM   1206 C CA  . ALA A 1 158 ? -10.336 -13.116 7.318   1.00 6.30  ? 158 ALA A CA  1 
ATOM   1207 C C   . ALA A 1 158 ? -11.228 -11.921 7.125   1.00 3.43  ? 158 ALA A C   1 
ATOM   1208 O O   . ALA A 1 158 ? -11.735 -11.930 5.983   1.00 20.98 ? 158 ALA A O   1 
ATOM   1209 C CB  . ALA A 1 158 ? -11.378 -14.216 7.646   1.00 4.63  ? 158 ALA A CB  1 
ATOM   1210 N N   . ARG A 1 159 ? -11.527 -11.059 8.043   1.00 17.65 ? 159 ARG A N   1 
ATOM   1211 C CA  . ARG A 1 159 ? -12.454 -9.957  7.706   1.00 1.50  ? 159 ARG A CA  1 
ATOM   1212 C C   . ARG A 1 159 ? -11.688 -8.699  8.086   1.00 4.92  ? 159 ARG A C   1 
ATOM   1213 O O   . ARG A 1 159 ? -12.324 -7.737  8.482   1.00 14.09 ? 159 ARG A O   1 
ATOM   1214 C CB  . ARG A 1 159 ? -13.824 -10.050 8.362   1.00 5.95  ? 159 ARG A CB  1 
ATOM   1215 C CG  . ARG A 1 159 ? -14.684 -11.283 8.272   1.00 8.66  ? 159 ARG A CG  1 
ATOM   1216 C CD  . ARG A 1 159 ? -15.721 -11.535 9.288   1.00 29.86 ? 159 ARG A CD  1 
ATOM   1217 N NE  . ARG A 1 159 ? -15.229 -11.934 10.621  1.00 6.29  ? 159 ARG A NE  1 
ATOM   1218 C CZ  . ARG A 1 159 ? -14.401 -12.971 10.716  1.00 3.76  ? 159 ARG A CZ  1 
ATOM   1219 N NH1 . ARG A 1 159 ? -14.598 -13.962 9.841   1.00 7.12  ? 159 ARG A NH1 1 
ATOM   1220 N NH2 . ARG A 1 159 ? -13.414 -13.008 11.590  1.00 20.75 ? 159 ARG A NH2 1 
ATOM   1221 N N   . MET A 1 160 ? -10.370 -8.695  7.945   1.00 15.83 ? 160 MET A N   1 
ATOM   1222 C CA  . MET A 1 160 ? -9.537  -7.513  8.259   1.00 5.83  ? 160 MET A CA  1 
ATOM   1223 C C   . MET A 1 160 ? -9.841  -6.264  7.432   1.00 8.39  ? 160 MET A C   1 
ATOM   1224 O O   . MET A 1 160 ? -9.790  -5.141  7.939   1.00 11.22 ? 160 MET A O   1 
ATOM   1225 C CB  . MET A 1 160 ? -8.065  -7.912  8.118   1.00 1.50  ? 160 MET A CB  1 
ATOM   1226 C CG  . MET A 1 160 ? -7.534  -8.053  6.725   1.00 12.05 ? 160 MET A CG  1 
ATOM   1227 S SD  . MET A 1 160 ? -5.713  -8.057  6.822   1.00 6.54  ? 160 MET A SD  1 
ATOM   1228 C CE  . MET A 1 160 ? -5.303  -9.559  7.648   1.00 7.57  ? 160 MET A CE  1 
ATOM   1229 N N   . ASP A 1 161 ? -10.134 -6.402  6.165   1.00 8.57  ? 161 ASP A N   1 
ATOM   1230 C CA  . ASP A 1 161 ? -10.413 -5.393  5.164   1.00 2.28  ? 161 ASP A CA  1 
ATOM   1231 C C   . ASP A 1 161 ? -11.834 -4.852  5.247   1.00 3.38  ? 161 ASP A C   1 
ATOM   1232 O O   . ASP A 1 161 ? -12.006 -3.739  4.701   1.00 30.94 ? 161 ASP A O   1 
ATOM   1233 C CB  . ASP A 1 161 ? -10.181 -5.917  3.744   1.00 15.05 ? 161 ASP A CB  1 
ATOM   1234 C CG  . ASP A 1 161 ? -8.745  -5.724  3.291   1.00 10.28 ? 161 ASP A CG  1 
ATOM   1235 O OD1 . ASP A 1 161 ? -7.864  -5.160  3.981   1.00 4.04  ? 161 ASP A OD1 1 
ATOM   1236 O OD2 . ASP A 1 161 ? -8.561  -6.217  2.147   1.00 7.99  ? 161 ASP A OD2 1 
ATOM   1237 N N   . ILE A 1 162 ? -12.719 -5.542  5.910   1.00 9.13  ? 162 ILE A N   1 
ATOM   1238 C CA  . ILE A 1 162 ? -14.074 -4.926  6.016   1.00 20.76 ? 162 ILE A CA  1 
ATOM   1239 C C   . ILE A 1 162 ? -13.815 -3.693  6.879   1.00 8.08  ? 162 ILE A C   1 
ATOM   1240 O O   . ILE A 1 162 ? -13.144 -3.739  7.909   1.00 8.21  ? 162 ILE A O   1 
ATOM   1241 C CB  . ILE A 1 162 ? -15.125 -5.971  6.449   1.00 15.53 ? 162 ILE A CB  1 
ATOM   1242 C CG1 . ILE A 1 162 ? -15.176 -7.060  5.346   1.00 8.11  ? 162 ILE A CG1 1 
ATOM   1243 C CG2 . ILE A 1 162 ? -16.527 -5.380  6.696   1.00 14.03 ? 162 ILE A CG2 1 
ATOM   1244 C CD1 . ILE A 1 162 ? -15.834 -8.344  5.927   1.00 16.26 ? 162 ILE A CD1 1 
ATOM   1245 N N   . GLY A 1 163 ? -14.259 -2.556  6.400   1.00 10.66 ? 163 GLY A N   1 
ATOM   1246 C CA  . GLY A 1 163 ? -14.055 -1.301  7.103   1.00 3.65  ? 163 GLY A CA  1 
ATOM   1247 C C   . GLY A 1 163 ? -12.958 -0.433  6.535   1.00 16.22 ? 163 GLY A C   1 
ATOM   1248 O O   . GLY A 1 163 ? -12.903 0.712   7.036   1.00 4.91  ? 163 GLY A O   1 
ATOM   1249 N N   . THR A 1 164 ? -12.166 -0.994  5.629   1.00 9.27  ? 164 THR A N   1 
ATOM   1250 C CA  . THR A 1 164 ? -11.128 -0.219  4.949   1.00 7.90  ? 164 THR A CA  1 
ATOM   1251 C C   . THR A 1 164 ? -11.829 0.504   3.794   1.00 5.92  ? 164 THR A C   1 
ATOM   1252 O O   . THR A 1 164 ? -13.056 0.318   3.661   1.00 17.38 ? 164 THR A O   1 
ATOM   1253 C CB  . THR A 1 164 ? -9.902  -0.989  4.358   1.00 4.73  ? 164 THR A CB  1 
ATOM   1254 O OG1 . THR A 1 164 ? -10.518 -2.114  3.684   1.00 8.98  ? 164 THR A OG1 1 
ATOM   1255 C CG2 . THR A 1 164 ? -8.917  -1.354  5.434   1.00 1.50  ? 164 THR A CG2 1 
ATOM   1256 N N   . THR A 1 165 ? -11.128 1.265   2.983   1.00 7.86  ? 165 THR A N   1 
ATOM   1257 C CA  . THR A 1 165 ? -11.818 1.915   1.858   1.00 2.17  ? 165 THR A CA  1 
ATOM   1258 C C   . THR A 1 165 ? -12.106 0.897   0.774   1.00 14.58 ? 165 THR A C   1 
ATOM   1259 O O   . THR A 1 165 ? -11.206 0.246   0.212   1.00 2.84  ? 165 THR A O   1 
ATOM   1260 C CB  . THR A 1 165 ? -11.017 3.093   1.237   1.00 4.39  ? 165 THR A CB  1 
ATOM   1261 O OG1 . THR A 1 165 ? -10.660 3.927   2.368   1.00 26.52 ? 165 THR A OG1 1 
ATOM   1262 C CG2 . THR A 1 165 ? -11.802 3.870   0.183   1.00 8.38  ? 165 THR A CG2 1 
ATOM   1263 N N   . HIS A 1 166 ? -13.380 0.778   0.477   1.00 10.61 ? 166 HIS A N   1 
ATOM   1264 C CA  . HIS A 1 166 ? -13.882 -0.150  -0.538  1.00 2.23  ? 166 HIS A CA  1 
ATOM   1265 C C   . HIS A 1 166 ? -13.863 -1.583  -0.022  1.00 4.54  ? 166 HIS A C   1 
ATOM   1266 O O   . HIS A 1 166 ? -14.125 -2.468  -0.850  1.00 21.00 ? 166 HIS A O   1 
ATOM   1267 C CB  . HIS A 1 166 ? -13.114 -0.205  -1.880  1.00 3.65  ? 166 HIS A CB  1 
ATOM   1268 C CG  . HIS A 1 166 ? -13.189 1.143   -2.540  1.00 4.94  ? 166 HIS A CG  1 
ATOM   1269 N ND1 . HIS A 1 166 ? -14.202 2.032   -2.321  1.00 14.34 ? 166 HIS A ND1 1 
ATOM   1270 C CD2 . HIS A 1 166 ? -12.344 1.764   -3.396  1.00 1.50  ? 166 HIS A CD2 1 
ATOM   1271 C CE1 . HIS A 1 166 ? -14.023 3.128   -3.060  1.00 1.50  ? 166 HIS A CE1 1 
ATOM   1272 N NE2 . HIS A 1 166 ? -12.899 2.978   -3.705  1.00 11.68 ? 166 HIS A NE2 1 
ATOM   1273 N N   . ASP A 1 167 ? -13.554 -1.815  1.216   1.00 18.18 ? 167 ASP A N   1 
ATOM   1274 C CA  . ASP A 1 167 ? -13.492 -3.128  1.858   1.00 14.63 ? 167 ASP A CA  1 
ATOM   1275 C C   . ASP A 1 167 ? -12.455 -4.008  1.145   1.00 3.09  ? 167 ASP A C   1 
ATOM   1276 O O   . ASP A 1 167 ? -12.698 -5.243  1.065   1.00 20.92 ? 167 ASP A O   1 
ATOM   1277 C CB  . ASP A 1 167 ? -14.862 -3.824  1.909   1.00 10.22 ? 167 ASP A CB  1 
ATOM   1278 C CG  . ASP A 1 167 ? -15.944 -3.289  2.805   1.00 7.36  ? 167 ASP A CG  1 
ATOM   1279 O OD1 . ASP A 1 167 ? -15.764 -2.739  3.915   1.00 19.57 ? 167 ASP A OD1 1 
ATOM   1280 O OD2 . ASP A 1 167 ? -17.144 -3.364  2.442   1.00 23.34 ? 167 ASP A OD2 1 
ATOM   1281 N N   . ASP A 1 168 ? -11.384 -3.392  0.654   1.00 14.21 ? 168 ASP A N   1 
ATOM   1282 C CA  . ASP A 1 168 ? -10.392 -4.200  -0.054  1.00 1.50  ? 168 ASP A CA  1 
ATOM   1283 C C   . ASP A 1 168 ? -9.000  -3.618  0.026   1.00 1.57  ? 168 ASP A C   1 
ATOM   1284 O O   . ASP A 1 168 ? -8.191  -4.224  -0.709  1.00 12.32 ? 168 ASP A O   1 
ATOM   1285 C CB  . ASP A 1 168 ? -10.695 -4.352  -1.534  1.00 10.64 ? 168 ASP A CB  1 
ATOM   1286 C CG  . ASP A 1 168 ? -10.680 -3.004  -2.225  1.00 2.73  ? 168 ASP A CG  1 
ATOM   1287 O OD1 . ASP A 1 168 ? -10.410 -1.962  -1.663  1.00 6.09  ? 168 ASP A OD1 1 
ATOM   1288 O OD2 . ASP A 1 168 ? -11.066 -3.116  -3.407  1.00 7.64  ? 168 ASP A OD2 1 
ATOM   1289 N N   . TYR A 1 169 ? -8.798  -2.611  0.842   1.00 9.29  ? 169 TYR A N   1 
ATOM   1290 C CA  . TYR A 1 169 ? -7.420  -2.091  0.897   1.00 1.50  ? 169 TYR A CA  1 
ATOM   1291 C C   . TYR A 1 169 ? -6.266  -3.081  0.869   1.00 10.40 ? 169 TYR A C   1 
ATOM   1292 O O   . TYR A 1 169 ? -5.476  -2.903  -0.126  1.00 14.01 ? 169 TYR A O   1 
ATOM   1293 C CB  . TYR A 1 169 ? -7.246  -1.194  2.162   1.00 14.86 ? 169 TYR A CB  1 
ATOM   1294 C CG  . TYR A 1 169 ? -6.050  -0.277  1.865   1.00 1.50  ? 169 TYR A CG  1 
ATOM   1295 C CD1 . TYR A 1 169 ? -6.151  0.971   1.236   1.00 19.27 ? 169 TYR A CD1 1 
ATOM   1296 C CD2 . TYR A 1 169 ? -4.787  -0.748  2.256   1.00 10.70 ? 169 TYR A CD2 1 
ATOM   1297 C CE1 . TYR A 1 169 ? -4.986  1.727   0.974   1.00 1.50  ? 169 TYR A CE1 1 
ATOM   1298 C CE2 . TYR A 1 169 ? -3.629  0.028   2.062   1.00 6.10  ? 169 TYR A CE2 1 
ATOM   1299 C CZ  . TYR A 1 169 ? -3.760  1.222   1.372   1.00 1.50  ? 169 TYR A CZ  1 
ATOM   1300 O OH  . TYR A 1 169 ? -2.649  1.929   1.220   1.00 6.27  ? 169 TYR A OH  1 
ATOM   1301 N N   . ALA A 1 170 ? -6.082  -3.987  1.835   1.00 15.55 ? 170 ALA A N   1 
ATOM   1302 C CA  . ALA A 1 170 ? -4.847  -4.824  1.765   1.00 2.15  ? 170 ALA A CA  1 
ATOM   1303 C C   . ALA A 1 170 ? -4.866  -5.908  0.689   1.00 3.40  ? 170 ALA A C   1 
ATOM   1304 O O   . ALA A 1 170 ? -3.805  -6.333  0.206   1.00 13.71 ? 170 ALA A O   1 
ATOM   1305 C CB  . ALA A 1 170 ? -4.564  -5.413  3.127   1.00 7.16  ? 170 ALA A CB  1 
ATOM   1306 N N   . ASN A 1 171 ? -5.975  -6.423  0.299   1.00 1.50  ? 171 ASN A N   1 
ATOM   1307 C CA  . ASN A 1 171 ? -6.224  -7.387  -0.758  1.00 5.56  ? 171 ASN A CA  1 
ATOM   1308 C C   . ASN A 1 171 ? -5.735  -6.703  -2.037  1.00 22.30 ? 171 ASN A C   1 
ATOM   1309 O O   . ASN A 1 171 ? -4.858  -7.285  -2.662  1.00 11.22 ? 171 ASN A O   1 
ATOM   1310 C CB  . ASN A 1 171 ? -7.704  -7.820  -0.787  1.00 11.24 ? 171 ASN A CB  1 
ATOM   1311 C CG  . ASN A 1 171 ? -7.979  -8.940  0.200   1.00 3.66  ? 171 ASN A CG  1 
ATOM   1312 O OD1 . ASN A 1 171 ? -7.313  -9.976  0.223   1.00 3.02  ? 171 ASN A OD1 1 
ATOM   1313 N ND2 . ASN A 1 171 ? -8.911  -8.730  1.111   1.00 10.25 ? 171 ASN A ND2 1 
ATOM   1314 N N   . ASP A 1 172 ? -6.236  -5.522  -2.371  1.00 7.70  ? 172 ASP A N   1 
ATOM   1315 C CA  . ASP A 1 172 ? -5.841  -4.751  -3.549  1.00 1.50  ? 172 ASP A CA  1 
ATOM   1316 C C   . ASP A 1 172 ? -4.352  -4.519  -3.624  1.00 6.81  ? 172 ASP A C   1 
ATOM   1317 O O   . ASP A 1 172 ? -3.637  -5.054  -4.488  1.00 12.91 ? 172 ASP A O   1 
ATOM   1318 C CB  . ASP A 1 172 ? -6.628  -3.445  -3.505  1.00 6.50  ? 172 ASP A CB  1 
ATOM   1319 C CG  . ASP A 1 172 ? -6.634  -2.854  -4.906  1.00 20.26 ? 172 ASP A CG  1 
ATOM   1320 O OD1 . ASP A 1 172 ? -6.180  -3.656  -5.772  1.00 10.17 ? 172 ASP A OD1 1 
ATOM   1321 O OD2 . ASP A 1 172 ? -7.056  -1.713  -5.036  1.00 1.50  ? 172 ASP A OD2 1 
ATOM   1322 N N   . VAL A 1 173 ? -3.924  -3.713  -2.667  1.00 8.91  ? 173 VAL A N   1 
ATOM   1323 C CA  . VAL A 1 173 ? -2.499  -3.351  -2.484  1.00 1.50  ? 173 VAL A CA  1 
ATOM   1324 C C   . VAL A 1 173 ? -1.606  -4.556  -2.479  1.00 1.50  ? 173 VAL A C   1 
ATOM   1325 O O   . VAL A 1 173 ? -0.522  -4.389  -3.076  1.00 13.15 ? 173 VAL A O   1 
ATOM   1326 C CB  . VAL A 1 173 ? -2.390  -2.445  -1.222  1.00 2.16  ? 173 VAL A CB  1 
ATOM   1327 C CG1 . VAL A 1 173 ? -0.963  -2.116  -0.994  1.00 1.50  ? 173 VAL A CG1 1 
ATOM   1328 C CG2 . VAL A 1 173 ? -3.338  -1.252  -1.358  1.00 1.50  ? 173 VAL A CG2 1 
ATOM   1329 N N   . VAL A 1 174 ? -1.903  -5.710  -1.951  1.00 12.89 ? 174 VAL A N   1 
ATOM   1330 C CA  . VAL A 1 174 ? -1.113  -6.947  -1.948  1.00 1.50  ? 174 VAL A CA  1 
ATOM   1331 C C   . VAL A 1 174 ? -1.058  -7.519  -3.370  1.00 8.12  ? 174 VAL A C   1 
ATOM   1332 O O   . VAL A 1 174 ? -0.040  -8.139  -3.689  1.00 19.67 ? 174 VAL A O   1 
ATOM   1333 C CB  . VAL A 1 174 ? -1.631  -8.057  -1.011  1.00 9.17  ? 174 VAL A CB  1 
ATOM   1334 C CG1 . VAL A 1 174 ? -1.169  -9.481  -1.333  1.00 1.50  ? 174 VAL A CG1 1 
ATOM   1335 C CG2 . VAL A 1 174 ? -1.276  -7.848  0.446   1.00 1.50  ? 174 VAL A CG2 1 
ATOM   1336 N N   . ALA A 1 175 ? -2.100  -7.377  -4.159  1.00 24.61 ? 175 ALA A N   1 
ATOM   1337 C CA  . ALA A 1 175 ? -2.170  -7.894  -5.534  1.00 6.22  ? 175 ALA A CA  1 
ATOM   1338 C C   . ALA A 1 175 ? -1.441  -6.936  -6.478  1.00 5.00  ? 175 ALA A C   1 
ATOM   1339 O O   . ALA A 1 175 ? -0.822  -7.444  -7.432  1.00 19.02 ? 175 ALA A O   1 
ATOM   1340 C CB  . ALA A 1 175 ? -3.594  -8.138  -5.981  1.00 1.50  ? 175 ALA A CB  1 
ATOM   1341 N N   . ARG A 1 176 ? -1.437  -5.647  -6.190  1.00 10.51 ? 176 ARG A N   1 
ATOM   1342 C CA  . ARG A 1 176 ? -0.693  -4.707  -7.071  1.00 1.50  ? 176 ARG A CA  1 
ATOM   1343 C C   . ARG A 1 176 ? 0.777   -4.919  -6.782  1.00 7.37  ? 176 ARG A C   1 
ATOM   1344 O O   . ARG A 1 176 ? 1.616   -4.892  -7.694  1.00 18.42 ? 176 ARG A O   1 
ATOM   1345 C CB  . ARG A 1 176 ? -1.121  -3.247  -6.917  1.00 5.69  ? 176 ARG A CB  1 
ATOM   1346 C CG  . ARG A 1 176 ? -2.639  -3.029  -6.906  1.00 1.50  ? 176 ARG A CG  1 
ATOM   1347 C CD  . ARG A 1 176 ? -2.965  -1.603  -7.210  1.00 1.72  ? 176 ARG A CD  1 
ATOM   1348 N NE  . ARG A 1 176 ? -4.359  -1.267  -6.877  1.00 7.96  ? 176 ARG A NE  1 
ATOM   1349 C CZ  . ARG A 1 176 ? -4.987  -0.139  -7.164  1.00 1.50  ? 176 ARG A CZ  1 
ATOM   1350 N NH1 . ARG A 1 176 ? -4.191  0.649   -7.865  1.00 8.21  ? 176 ARG A NH1 1 
ATOM   1351 N NH2 . ARG A 1 176 ? -6.217  0.240   -6.857  1.00 16.60 ? 176 ARG A NH2 1 
ATOM   1352 N N   . ALA A 1 177 ? 1.139   -5.143  -5.546  1.00 1.50  ? 177 ALA A N   1 
ATOM   1353 C CA  . ALA A 1 177 ? 2.515   -5.408  -5.125  1.00 1.50  ? 177 ALA A CA  1 
ATOM   1354 C C   . ALA A 1 177 ? 3.125   -6.592  -5.837  1.00 3.00  ? 177 ALA A C   1 
ATOM   1355 O O   . ALA A 1 177 ? 4.278   -6.564  -6.285  1.00 24.04 ? 177 ALA A O   1 
ATOM   1356 C CB  . ALA A 1 177 ? 2.496   -5.637  -3.600  1.00 10.08 ? 177 ALA A CB  1 
ATOM   1357 N N   . GLN A 1 178 ? 2.386   -7.692  -5.944  1.00 12.27 ? 178 GLN A N   1 
ATOM   1358 C CA  . GLN A 1 178 ? 2.751   -8.964  -6.583  1.00 1.50  ? 178 GLN A CA  1 
ATOM   1359 C C   . GLN A 1 178 ? 3.007   -8.659  -8.076  1.00 9.20  ? 178 GLN A C   1 
ATOM   1360 O O   . GLN A 1 178 ? 3.969   -9.227  -8.599  1.00 39.79 ? 178 GLN A O   1 
ATOM   1361 C CB  . GLN A 1 178 ? 1.755   -10.070 -6.472  1.00 1.50  ? 178 GLN A CB  1 
ATOM   1362 C CG  . GLN A 1 178 ? 1.692   -10.750 -5.128  1.00 4.37  ? 178 GLN A CG  1 
ATOM   1363 C CD  . GLN A 1 178 ? 0.393   -11.503 -4.955  1.00 10.10 ? 178 GLN A CD  1 
ATOM   1364 O OE1 . GLN A 1 178 ? -0.486  -11.628 -5.816  1.00 18.27 ? 178 GLN A OE1 1 
ATOM   1365 N NE2 . GLN A 1 178 ? 0.307   -12.062 -3.764  1.00 14.89 ? 178 GLN A NE2 1 
ATOM   1366 N N   . TYR A 1 179 ? 2.217   -7.808  -8.679  1.00 13.48 ? 179 TYR A N   1 
ATOM   1367 C CA  . TYR A 1 179 ? 2.457   -7.357  -10.050 1.00 18.95 ? 179 TYR A CA  1 
ATOM   1368 C C   . TYR A 1 179 ? 3.774   -6.594  -10.168 1.00 8.31  ? 179 TYR A C   1 
ATOM   1369 O O   . TYR A 1 179 ? 4.510   -6.753  -11.173 1.00 24.13 ? 179 TYR A O   1 
ATOM   1370 C CB  . TYR A 1 179 ? 1.331   -6.454  -10.568 1.00 9.47  ? 179 TYR A CB  1 
ATOM   1371 C CG  . TYR A 1 179 ? 1.658   -5.879  -11.929 1.00 5.50  ? 179 TYR A CG  1 
ATOM   1372 C CD1 . TYR A 1 179 ? 2.382   -4.697  -12.103 1.00 14.76 ? 179 TYR A CD1 1 
ATOM   1373 C CD2 . TYR A 1 179 ? 1.269   -6.585  -13.051 1.00 1.53  ? 179 TYR A CD2 1 
ATOM   1374 C CE1 . TYR A 1 179 ? 2.700   -4.217  -13.367 1.00 10.31 ? 179 TYR A CE1 1 
ATOM   1375 C CE2 . TYR A 1 179 ? 1.556   -6.103  -14.314 1.00 1.77  ? 179 TYR A CE2 1 
ATOM   1376 C CZ  . TYR A 1 179 ? 2.279   -4.930  -14.487 1.00 7.75  ? 179 TYR A CZ  1 
ATOM   1377 O OH  . TYR A 1 179 ? 2.492   -4.518  -15.771 1.00 8.32  ? 179 TYR A OH  1 
ATOM   1378 N N   . TYR A 1 180 ? 4.103   -5.766  -9.191  1.00 22.09 ? 180 TYR A N   1 
ATOM   1379 C CA  . TYR A 1 180 ? 5.360   -4.984  -9.272  1.00 8.80  ? 180 TYR A CA  1 
ATOM   1380 C C   . TYR A 1 180 ? 6.564   -5.850  -8.953  1.00 7.83  ? 180 TYR A C   1 
ATOM   1381 O O   . TYR A 1 180 ? 7.603   -5.353  -9.442  1.00 20.33 ? 180 TYR A O   1 
ATOM   1382 C CB  . TYR A 1 180 ? 5.347   -3.726  -8.390  1.00 1.50  ? 180 TYR A CB  1 
ATOM   1383 C CG  . TYR A 1 180 ? 4.386   -2.669  -8.872  1.00 4.69  ? 180 TYR A CG  1 
ATOM   1384 C CD1 . TYR A 1 180 ? 4.524   -2.059  -10.129 1.00 20.45 ? 180 TYR A CD1 1 
ATOM   1385 C CD2 . TYR A 1 180 ? 3.332   -2.243  -8.070  1.00 1.52  ? 180 TYR A CD2 1 
ATOM   1386 C CE1 . TYR A 1 180 ? 3.639   -1.069  -10.562 1.00 4.47  ? 180 TYR A CE1 1 
ATOM   1387 C CE2 . TYR A 1 180 ? 2.431   -1.292  -8.524  1.00 11.47 ? 180 TYR A CE2 1 
ATOM   1388 C CZ  . TYR A 1 180 ? 2.572   -0.697  -9.765  1.00 7.26  ? 180 TYR A CZ  1 
ATOM   1389 O OH  . TYR A 1 180 ? 1.661   0.251   -10.110 1.00 2.45  ? 180 TYR A OH  1 
ATOM   1390 N N   . LYS A 1 181 ? 6.494   -6.971  -8.252  1.00 10.50 ? 181 LYS A N   1 
ATOM   1391 C CA  . LYS A 1 181 ? 7.669   -7.824  -8.028  1.00 1.50  ? 181 LYS A CA  1 
ATOM   1392 C C   . LYS A 1 181 ? 8.076   -8.460  -9.382  1.00 6.95  ? 181 LYS A C   1 
ATOM   1393 O O   . LYS A 1 181 ? 9.206   -8.754  -9.784  1.00 22.20 ? 181 LYS A O   1 
ATOM   1394 C CB  . LYS A 1 181 ? 7.632   -9.127  -7.264  1.00 11.76 ? 181 LYS A CB  1 
ATOM   1395 C CG  . LYS A 1 181 ? 6.777   -9.300  -6.045  1.00 23.52 ? 181 LYS A CG  1 
ATOM   1396 C CD  . LYS A 1 181 ? 7.538   -8.835  -4.802  1.00 23.88 ? 181 LYS A CD  1 
ATOM   1397 C CE  . LYS A 1 181 ? 8.936   -9.377  -4.721  1.00 8.12  ? 181 LYS A CE  1 
ATOM   1398 N NZ  . LYS A 1 181 ? 9.220   -9.968  -3.389  1.00 45.29 ? 181 LYS A NZ  1 
ATOM   1399 N N   . GLN A 1 182 ? 7.032   -8.748  -10.127 1.00 17.53 ? 182 GLN A N   1 
ATOM   1400 C CA  . GLN A 1 182 ? 7.066   -9.355  -11.445 1.00 9.89  ? 182 GLN A CA  1 
ATOM   1401 C C   . GLN A 1 182 ? 7.670   -8.378  -12.434 1.00 21.04 ? 182 GLN A C   1 
ATOM   1402 O O   . GLN A 1 182 ? 7.992   -8.797  -13.559 1.00 43.18 ? 182 GLN A O   1 
ATOM   1403 C CB  . GLN A 1 182 ? 5.637   -9.817  -11.823 1.00 17.49 ? 182 GLN A CB  1 
ATOM   1404 C CG  . GLN A 1 182 ? 5.433   -11.349 -11.771 1.00 20.32 ? 182 GLN A CG  1 
ATOM   1405 C CD  . GLN A 1 182 ? 5.913   -12.010 -10.493 1.00 66.61 ? 182 GLN A CD  1 
ATOM   1406 O OE1 . GLN A 1 182 ? 7.109   -12.294 -10.290 1.00 29.45 ? 182 GLN A OE1 1 
ATOM   1407 N NE2 . GLN A 1 182 ? 4.986   -12.280 -9.548  1.00 61.48 ? 182 GLN A NE2 1 
ATOM   1408 N N   . HIS A 1 183 ? 7.756   -7.104  -12.109 1.00 16.11 ? 183 HIS A N   1 
ATOM   1409 C CA  . HIS A 1 183 ? 8.194   -6.038  -13.001 1.00 6.07  ? 183 HIS A CA  1 
ATOM   1410 C C   . HIS A 1 183 ? 9.216   -5.060  -12.453 1.00 18.16 ? 183 HIS A C   1 
ATOM   1411 O O   . HIS A 1 183 ? 9.092   -3.850  -12.759 1.00 32.49 ? 183 HIS A O   1 
ATOM   1412 C CB  . HIS A 1 183 ? 6.937   -5.188  -13.525 1.00 6.54  ? 183 HIS A CB  1 
ATOM   1413 C CG  . HIS A 1 183 ? 5.994   -5.985  -14.382 1.00 20.75 ? 183 HIS A CG  1 
ATOM   1414 N ND1 . HIS A 1 183 ? 5.115   -6.913  -13.868 1.00 30.64 ? 183 HIS A ND1 1 
ATOM   1415 C CD2 . HIS A 1 183 ? 5.846   -6.047  -15.741 1.00 13.38 ? 183 HIS A CD2 1 
ATOM   1416 C CE1 . HIS A 1 183 ? 4.459   -7.521  -14.852 1.00 41.93 ? 183 HIS A CE1 1 
ATOM   1417 N NE2 . HIS A 1 183 ? 4.881   -6.997  -15.984 1.00 52.65 ? 183 HIS A NE2 1 
ATOM   1418 N N   . GLY A 1 184 ? 10.218  -5.499  -11.702 1.00 12.27 ? 184 GLY A N   1 
ATOM   1419 C CA  . GLY A 1 184 ? 11.233  -4.558  -11.260 1.00 1.76  ? 184 GLY A CA  1 
ATOM   1420 C C   . GLY A 1 184 ? 11.308  -3.896  -9.932  1.00 6.66  ? 184 GLY A C   1 
ATOM   1421 O O   . GLY A 1 184 ? 12.210  -3.038  -9.726  1.00 22.16 ? 184 GLY A O   1 
ATOM   1422 N N   . TYR A 1 185 ? 10.436  -4.225  -9.005  1.00 10.30 ? 185 TYR A N   1 
ATOM   1423 C CA  . TYR A 1 185 ? 10.400  -3.604  -7.666  1.00 14.23 ? 185 TYR A CA  1 
ATOM   1424 C C   . TYR A 1 185 ? 10.868  -4.561  -6.592  1.00 29.62 ? 185 TYR A C   1 
ATOM   1425 O O   . TYR A 1 185 ? 11.633  -4.194  -5.674  1.00 37.91 ? 185 TYR A O   1 
ATOM   1426 C CB  . TYR A 1 185 ? 8.952   -3.035  -7.438  1.00 16.87 ? 185 TYR A CB  1 
ATOM   1427 C CG  . TYR A 1 185 ? 8.769   -1.832  -8.339  1.00 1.50  ? 185 TYR A CG  1 
ATOM   1428 C CD1 . TYR A 1 185 ? 8.311   -2.021  -9.646  1.00 20.08 ? 185 TYR A CD1 1 
ATOM   1429 C CD2 . TYR A 1 185 ? 9.105   -0.571  -7.963  1.00 3.97  ? 185 TYR A CD2 1 
ATOM   1430 C CE1 . TYR A 1 185 ? 8.197   -0.955  -10.541 1.00 4.25  ? 185 TYR A CE1 1 
ATOM   1431 C CE2 . TYR A 1 185 ? 8.951   0.521   -8.810  1.00 1.50  ? 185 TYR A CE2 1 
ATOM   1432 C CZ  . TYR A 1 185 ? 8.525   0.304   -10.086 1.00 1.50  ? 185 TYR A CZ  1 
ATOM   1433 O OH  . TYR A 1 185 ? 8.436   1.365   -10.899 1.00 18.49 ? 185 TYR A OH  1 
ATOM   1434 O OXT . TYR A 1 185 ? 10.478  -5.733  -6.636  1.00 18.63 ? 185 TYR A OXT 1 
HETATM 1435 O O1  . BUL B 2 .   ? -6.081  6.493   8.621   1.00 16.48 ? 295 BUL A O1  1 
HETATM 1436 C C2  . BUL B 2 .   ? -4.960  6.289   7.846   1.00 5.74  ? 295 BUL A C2  1 
HETATM 1437 C C3  . BUL B 2 .   ? -3.663  6.398   8.552   1.00 21.77 ? 295 BUL A C3  1 
HETATM 1438 C C4  . BUL B 2 .   ? -3.636  5.714   9.909   1.00 17.54 ? 295 BUL A C4  1 
HETATM 1439 C C5  . BUL B 2 .   ? -4.782  6.241   10.765  1.00 14.71 ? 295 BUL A C5  1 
HETATM 1440 C C6  . BUL B 2 .   ? -6.049  6.273   9.964   1.00 7.26  ? 295 BUL A C6  1 
HETATM 1441 N N7  . BUL B 2 .   ? -4.614  7.902   3.557   1.00 14.53 ? 295 BUL A N7  1 
HETATM 1442 C C8  . BUL B 2 .   ? -6.141  8.141   3.611   1.00 14.50 ? 295 BUL A C8  1 
HETATM 1443 C C9  . BUL B 2 .   ? -6.493  8.077   5.095   1.00 1.79  ? 295 BUL A C9  1 
HETATM 1444 C C10 . BUL B 2 .   ? -5.543  7.030   5.620   1.00 1.50  ? 295 BUL A C10 1 
HETATM 1445 C C11 . BUL B 2 .   ? -4.188  7.116   4.785   1.00 21.53 ? 295 BUL A C11 1 
HETATM 1446 C C12 . BUL B 2 .   ? -7.332  6.699   10.589  1.00 9.83  ? 295 BUL A C12 1 
HETATM 1447 O O13 . BUL B 2 .   ? -8.414  6.052   9.860   1.00 37.56 ? 295 BUL A O13 1 
HETATM 1448 O O14 . BUL B 2 .   ? -4.911  5.200   11.775  1.00 37.66 ? 295 BUL A O14 1 
HETATM 1449 O O15 . BUL B 2 .   ? -2.577  6.536   10.344  1.00 32.06 ? 295 BUL A O15 1 
HETATM 1450 N N16 . BUL B 2 .   ? -2.563  6.216   7.626   1.00 28.46 ? 295 BUL A N16 1 
HETATM 1451 C C17 . BUL B 2 .   ? -1.710  7.177   7.216   1.00 6.85  ? 295 BUL A C17 1 
HETATM 1452 O O18 . BUL B 2 .   ? -2.065  8.335   7.298   1.00 16.01 ? 295 BUL A O18 1 
HETATM 1453 C C19 . BUL B 2 .   ? -0.608  6.803   6.274   1.00 4.04  ? 295 BUL A C19 1 
HETATM 1454 O O20 . BUL B 2 .   ? -5.111  7.269   6.935   1.00 12.99 ? 295 BUL A O20 1 
HETATM 1455 C C21 . BUL B 2 .   ? -3.762  5.684   4.348   1.00 17.67 ? 295 BUL A C21 1 
HETATM 1456 O O22 . BUL B 2 .   ? -4.581  5.406   3.227   1.00 9.55  ? 295 BUL A O22 1 
HETATM 1457 C C23 . BUL B 2 .   ? -6.282  9.421   2.814   1.00 27.70 ? 295 BUL A C23 1 
HETATM 1458 O O24 . BUL B 2 .   ? -5.404  10.301  2.797   1.00 14.57 ? 295 BUL A O24 1 
HETATM 1459 N N25 . BUL B 2 .   ? -7.533  9.641   2.359   1.00 34.96 ? 295 BUL A N25 1 
HETATM 1460 C C26 . BUL B 2 .   ? -7.776  10.764  1.394   1.00 59.31 ? 295 BUL A C26 1 
HETATM 1461 C C27 . BUL B 2 .   ? -8.465  11.924  2.104   1.00 21.72 ? 295 BUL A C27 1 
HETATM 1462 S S28 . BUL B 2 .   ? -8.465  13.297  0.983   1.00 19.68 ? 295 BUL A S28 1 
HETATM 1463 O O29 . BUL B 2 .   ? -9.654  13.094  0.174   1.00 13.20 ? 295 BUL A O29 1 
HETATM 1464 O O30 . BUL B 2 .   ? -8.774  14.454  1.840   1.00 37.20 ? 295 BUL A O30 1 
HETATM 1465 O O31 . BUL B 2 .   ? -7.163  13.501  0.343   1.00 7.05  ? 295 BUL A O31 1 
HETATM 1466 S S32 . BUL B 2 .   ? -4.723  5.898   13.139  1.00 15.60 ? 295 BUL A S32 1 
HETATM 1467 O O33 . BUL B 2 .   ? -5.592  7.078   13.164  1.00 19.92 ? 295 BUL A O33 1 
HETATM 1468 O O34 . BUL B 2 .   ? -5.501  5.096   14.082  1.00 34.02 ? 295 BUL A O34 1 
HETATM 1469 O O35 . BUL B 2 .   ? -3.369  5.817   13.669  1.00 24.66 ? 295 BUL A O35 1 
HETATM 1470 O O   . HOH C 3 .   ? -15.532 2.637   1.430   1.00 32.22 ? 186 HOH A O   1 
HETATM 1471 O O   . HOH C 3 .   ? -2.905  -14.207 -7.451  1.00 38.02 ? 187 HOH A O   1 
HETATM 1472 O O   . HOH C 3 .   ? 2.311   -10.819 -12.279 1.00 15.96 ? 188 HOH A O   1 
HETATM 1473 O O   . HOH C 3 .   ? 0.905   -8.650  -17.483 1.00 19.91 ? 189 HOH A O   1 
HETATM 1474 O O   . HOH C 3 .   ? 8.983   6.461   -16.549 1.00 26.07 ? 190 HOH A O   1 
HETATM 1475 O O   . HOH C 3 .   ? 0.625   17.369  -7.730  1.00 24.23 ? 191 HOH A O   1 
HETATM 1476 O O   . HOH C 3 .   ? 9.727   13.579  0.153   1.00 33.04 ? 192 HOH A O   1 
HETATM 1477 O O   . HOH C 3 .   ? 14.930  10.692  4.716   1.00 18.95 ? 193 HOH A O   1 
HETATM 1478 O O   . HOH C 3 .   ? -3.070  -14.694 17.737  1.00 8.35  ? 194 HOH A O   1 
HETATM 1479 O O   . HOH C 3 .   ? 6.476   -14.586 18.807  1.00 24.90 ? 195 HOH A O   1 
HETATM 1480 O O   . HOH C 3 .   ? 11.502  -9.024  13.884  1.00 31.77 ? 196 HOH A O   1 
HETATM 1481 O O   . HOH C 3 .   ? -15.496 -8.462  14.764  1.00 16.85 ? 197 HOH A O   1 
HETATM 1482 O O   . HOH C 3 .   ? -11.566 -7.775  11.440  1.00 1.50  ? 198 HOH A O   1 
HETATM 1483 O O   . HOH C 3 .   ? -13.961 -10.327 12.451  1.00 5.82  ? 199 HOH A O   1 
HETATM 1484 O O   . HOH C 3 .   ? -12.266 -15.455 11.237  1.00 8.63  ? 200 HOH A O   1 
HETATM 1485 O O   . HOH C 3 .   ? -9.738  -15.049 10.826  1.00 12.66 ? 201 HOH A O   1 
HETATM 1486 O O   . HOH C 3 .   ? 2.199   2.467   -16.901 1.00 25.56 ? 202 HOH A O   1 
HETATM 1487 O O   . HOH C 3 .   ? 10.134  -11.860 1.394   1.00 21.48 ? 203 HOH A O   1 
HETATM 1488 O O   . HOH C 3 .   ? -10.105 -4.153  -18.503 1.00 43.33 ? 204 HOH A O   1 
HETATM 1489 O O   . HOH C 3 .   ? -7.378  -8.677  -16.923 1.00 14.43 ? 205 HOH A O   1 
HETATM 1490 O O   . HOH C 3 .   ? 3.999   11.362  -10.916 1.00 20.41 ? 206 HOH A O   1 
HETATM 1491 O O   . HOH C 3 .   ? 12.643  -7.239  -2.537  1.00 39.09 ? 207 HOH A O   1 
HETATM 1492 O O   . HOH C 3 .   ? 12.247  -11.234 -2.179  1.00 44.96 ? 208 HOH A O   1 
HETATM 1493 O O   . HOH C 3 .   ? -6.769  -0.153  -18.216 1.00 22.74 ? 209 HOH A O   1 
HETATM 1494 O O   . HOH C 3 .   ? 1.698   5.658   -15.809 1.00 14.34 ? 210 HOH A O   1 
HETATM 1495 O O   . HOH C 3 .   ? 6.312   6.790   13.417  1.00 26.81 ? 211 HOH A O   1 
HETATM 1496 O O   . HOH C 3 .   ? 19.161  2.170   1.118   1.00 31.36 ? 212 HOH A O   1 
HETATM 1497 O O   . HOH C 3 .   ? 9.957   9.849   9.176   1.00 33.65 ? 213 HOH A O   1 
HETATM 1498 O O   . HOH C 3 .   ? -5.531  -2.664  18.310  1.00 26.42 ? 214 HOH A O   1 
HETATM 1499 O O   . HOH C 3 .   ? 17.539  2.783   -4.963  1.00 36.07 ? 215 HOH A O   1 
HETATM 1500 O O   . HOH C 3 .   ? -17.078 -6.943  -5.156  1.00 23.54 ? 216 HOH A O   1 
HETATM 1501 O O   . HOH C 3 .   ? -8.502  -2.524  8.665   1.00 8.77  ? 217 HOH A O   1 
HETATM 1502 O O   . HOH C 3 .   ? -16.950 2.006   -5.008  1.00 22.96 ? 218 HOH A O   1 
HETATM 1503 O O   . HOH C 3 .   ? 10.701  11.494  7.159   1.00 22.21 ? 219 HOH A O   1 
HETATM 1504 O O   . HOH C 3 .   ? 9.299   18.861  6.340   1.00 37.75 ? 220 HOH A O   1 
HETATM 1505 O O   . HOH C 3 .   ? 5.617   19.565  -1.571  1.00 6.48  ? 221 HOH A O   1 
HETATM 1506 O O   . HOH C 3 .   ? 5.153   -9.664  9.637   1.00 8.48  ? 222 HOH A O   1 
HETATM 1507 O O   . HOH C 3 .   ? -9.662  -12.945 -7.983  1.00 11.88 ? 223 HOH A O   1 
HETATM 1508 O O   . HOH C 3 .   ? -7.182  10.163  9.857   1.00 31.18 ? 224 HOH A O   1 
HETATM 1509 O O   . HOH C 3 .   ? 2.480   14.246  14.100  1.00 1.50  ? 225 HOH A O   1 
HETATM 1510 O O   . HOH C 3 .   ? 9.342   -6.973  4.431   1.00 20.19 ? 226 HOH A O   1 
HETATM 1511 O O   . HOH C 3 .   ? 11.417  -7.999  -11.947 1.00 35.02 ? 227 HOH A O   1 
HETATM 1512 O O   . HOH C 3 .   ? -12.830 -4.059  -18.866 1.00 12.99 ? 228 HOH A O   1 
HETATM 1513 O O   . HOH C 3 .   ? 7.490   -6.135  2.661   1.00 16.43 ? 229 HOH A O   1 
HETATM 1514 O O   . HOH C 3 .   ? -11.824 -8.000  0.593   1.00 32.66 ? 230 HOH A O   1 
HETATM 1515 O O   . HOH C 3 .   ? -11.611 -8.646  -1.892  1.00 14.72 ? 231 HOH A O   1 
HETATM 1516 O O   . HOH C 3 .   ? -12.845 11.928  5.706   1.00 48.87 ? 232 HOH A O   1 
HETATM 1517 O O   . HOH C 3 .   ? -3.879  3.286   3.078   1.00 46.92 ? 233 HOH A O   1 
HETATM 1518 O O   . HOH C 3 .   ? 13.036  -4.956  11.638  1.00 32.59 ? 234 HOH A O   1 
HETATM 1519 O O   . HOH C 3 .   ? 11.778  -1.355  9.490   1.00 17.26 ? 235 HOH A O   1 
HETATM 1520 O O   . HOH C 3 .   ? 6.431   -12.359 14.157  1.00 27.71 ? 236 HOH A O   1 
HETATM 1521 O O   . HOH C 3 .   ? 8.415   3.088   -17.738 1.00 18.43 ? 237 HOH A O   1 
HETATM 1522 O O   . HOH C 3 .   ? 9.861   -1.048  -13.445 1.00 27.29 ? 238 HOH A O   1 
HETATM 1523 O O   . HOH C 3 .   ? -17.228 0.362   -15.101 1.00 34.94 ? 239 HOH A O   1 
HETATM 1524 O O   . HOH C 3 .   ? -9.224  -4.764  17.254  1.00 26.47 ? 240 HOH A O   1 
HETATM 1525 O O   . HOH C 3 .   ? -7.475  -14.826 13.278  1.00 19.90 ? 241 HOH A O   1 
HETATM 1526 O O   . HOH C 3 .   ? -9.267  -9.939  18.945  1.00 34.40 ? 242 HOH A O   1 
HETATM 1527 O O   . HOH C 3 .   ? 2.793   2.099   16.750  1.00 34.02 ? 243 HOH A O   1 
HETATM 1528 O O   . HOH C 3 .   ? 8.050   3.028   16.119  1.00 44.47 ? 244 HOH A O   1 
HETATM 1529 O O   . HOH C 3 .   ? 11.264  2.214   11.352  1.00 30.73 ? 245 HOH A O   1 
HETATM 1530 O O   . HOH C 3 .   ? -1.296  23.827  -2.914  1.00 36.87 ? 246 HOH A O   1 
HETATM 1531 O O   . HOH C 3 .   ? 0.469   21.323  -11.469 1.00 53.40 ? 247 HOH A O   1 
HETATM 1532 O O   . HOH C 3 .   ? -22.369 2.174   -1.172  1.00 39.97 ? 248 HOH A O   1 
HETATM 1533 O O   . HOH C 3 .   ? -5.914  -15.641 -5.968  1.00 58.64 ? 249 HOH A O   1 
HETATM 1534 O O   . HOH C 3 .   ? 6.812   -11.790 -16.010 1.00 52.73 ? 250 HOH A O   1 
HETATM 1535 O O   . HOH C 3 .   ? 1.585   -9.690  -14.986 1.00 30.92 ? 251 HOH A O   1 
HETATM 1536 O O   . HOH C 3 .   ? 4.871   10.097  10.943  1.00 19.53 ? 252 HOH A O   1 
HETATM 1537 O O   . HOH C 3 .   ? 4.838   13.258  4.132   1.00 19.81 ? 253 HOH A O   1 
HETATM 1538 O O   . HOH C 3 .   ? -14.170 14.811  -3.281  1.00 27.54 ? 254 HOH A O   1 
HETATM 1539 O O   . HOH C 3 .   ? -0.446  19.343  -9.294  1.00 21.18 ? 255 HOH A O   1 
HETATM 1540 O O   . HOH C 3 .   ? -7.526  -11.444 4.681   1.00 18.09 ? 256 HOH A O   1 
HETATM 1541 O O   . HOH C 3 .   ? -3.195  -18.086 2.863   1.00 29.79 ? 257 HOH A O   1 
HETATM 1542 O O   . HOH C 3 .   ? -14.046 -10.320 3.496   1.00 33.59 ? 258 HOH A O   1 
HETATM 1543 O O   . HOH C 3 .   ? 12.450  15.072  -0.033  1.00 17.20 ? 259 HOH A O   1 
HETATM 1544 O O   . HOH C 3 .   ? 14.062  12.854  -3.288  1.00 10.32 ? 260 HOH A O   1 
HETATM 1545 O O   . HOH C 3 .   ? -5.077  15.940  -11.504 1.00 42.44 ? 261 HOH A O   1 
HETATM 1546 O O   . HOH C 3 .   ? -15.070 -10.403 -11.843 1.00 33.42 ? 262 HOH A O   1 
HETATM 1547 O O   . HOH C 3 .   ? -12.466 16.393  5.360   1.00 43.28 ? 263 HOH A O   1 
HETATM 1548 O O   . HOH C 3 .   ? 4.848   -13.509 15.785  1.00 34.32 ? 264 HOH A O   1 
HETATM 1549 O O   . HOH C 3 .   ? -17.897 -4.807  -3.478  1.00 21.40 ? 265 HOH A O   1 
HETATM 1550 O O   . HOH C 3 .   ? -21.783 -0.583  -0.374  1.00 39.68 ? 266 HOH A O   1 
HETATM 1551 O O   . HOH C 3 .   ? -9.056  1.677   13.602  1.00 17.36 ? 267 HOH A O   1 
HETATM 1552 O O   . HOH C 3 .   ? -1.735  5.794   17.526  1.00 18.70 ? 268 HOH A O   1 
HETATM 1553 O O   . HOH C 3 .   ? 4.064   -0.085  16.304  1.00 36.26 ? 269 HOH A O   1 
HETATM 1554 O O   . HOH C 3 .   ? 1.819   3.980   13.367  1.00 32.12 ? 270 HOH A O   1 
HETATM 1555 O O   . HOH C 3 .   ? -12.068 3.030   6.878   1.00 16.36 ? 271 HOH A O   1 
HETATM 1556 O O   . HOH C 3 .   ? 12.880  17.777  4.576   1.00 33.39 ? 272 HOH A O   1 
HETATM 1557 O O   . HOH C 3 .   ? 13.688  11.713  7.364   1.00 16.74 ? 273 HOH A O   1 
HETATM 1558 O O   . HOH C 3 .   ? 13.900  14.614  7.216   1.00 30.44 ? 274 HOH A O   1 
HETATM 1559 O O   . HOH C 3 .   ? 16.513  11.949  -3.130  1.00 34.79 ? 275 HOH A O   1 
HETATM 1560 O O   . HOH C 3 .   ? 19.973  8.956   -6.735  1.00 34.62 ? 276 HOH A O   1 
HETATM 1561 O O   . HOH C 3 .   ? 11.827  6.267   -15.839 1.00 20.98 ? 277 HOH A O   1 
HETATM 1562 O O   . HOH C 3 .   ? -8.789  8.733   13.011  1.00 45.92 ? 278 HOH A O   1 
HETATM 1563 O O   . HOH C 3 .   ? -11.419 4.632   11.653  1.00 46.41 ? 279 HOH A O   1 
HETATM 1564 O O   . HOH C 3 .   ? -2.111  11.044  15.802  1.00 45.71 ? 280 HOH A O   1 
HETATM 1565 O O   . HOH C 3 .   ? -10.608 9.902   10.521  1.00 46.41 ? 281 HOH A O   1 
HETATM 1566 O O   . HOH C 3 .   ? -6.686  8.200   -2.695  1.00 34.82 ? 282 HOH A O   1 
HETATM 1567 O O   . HOH C 3 .   ? -9.117  8.849   -1.267  1.00 44.41 ? 283 HOH A O   1 
HETATM 1568 O O   . HOH C 3 .   ? -8.277  7.428   -6.701  1.00 46.41 ? 284 HOH A O   1 
HETATM 1569 O O   . HOH C 3 .   ? -9.263  9.212   -10.698 1.00 46.41 ? 285 HOH A O   1 
HETATM 1570 O O   . HOH C 3 .   ? -10.629 -8.966  4.408   1.00 11.40 ? 286 HOH A O   1 
HETATM 1571 O O   . HOH C 3 .   ? -11.051 8.488   0.789   1.00 34.42 ? 287 HOH A O   1 
HETATM 1572 O O   . HOH C 3 .   ? -18.403 13.663  -5.550  1.00 45.78 ? 288 HOH A O   1 
HETATM 1573 O O   . HOH C 3 .   ? -17.495 5.356   -7.184  1.00 46.41 ? 289 HOH A O   1 
HETATM 1574 O O   . HOH C 3 .   ? -18.528 4.701   -10.438 1.00 44.93 ? 290 HOH A O   1 
HETATM 1575 O O   . HOH C 3 .   ? -14.116 11.138  -11.596 1.00 46.41 ? 291 HOH A O   1 
HETATM 1576 O O   . HOH C 3 .   ? -7.265  8.083   -12.319 1.00 43.01 ? 292 HOH A O   1 
HETATM 1577 O O   . HOH C 3 .   ? -15.597 6.194   -2.017  1.00 46.12 ? 293 HOH A O   1 
HETATM 1578 O O   . HOH C 3 .   ? -7.737  4.120   20.563  1.00 46.41 ? 294 HOH A O   1 
# 
